data_3PRL
#
_entry.id   3PRL
#
_cell.length_a   87.302
_cell.length_b   131.430
_cell.length_c   83.891
_cell.angle_alpha   90.000
_cell.angle_beta   102.950
_cell.angle_gamma   90.000
#
_symmetry.space_group_name_H-M   'P 1 21 1'
#
loop_
_entity.id
_entity.type
_entity.pdbx_description
1 polymer 'NADP-dependent glyceraldehyde-3-phosphate dehydrogenase'
2 non-polymer 'SULFATE ION'
3 water water
#
_entity_poly.entity_id   1
_entity_poly.type   'polypeptide(L)'
_entity_poly.pdbx_seq_one_letter_code
;MVMALQTEQFNANILRNGEWVESRTGERISISAPASGVALGSIPALSQEEVNDAIQGAKDAQKIWKIRPIHERVDLLYAW
ADLLEERKEIIGELIMHEVAKPKKSAIGEVSRTADIIRHTADEALRLNGETLKGDQFKGGSSKKIALVEREPLGVVLAIS
PFNYPVNLAAAKIAPALVTGNTVVFKPATQGSLSGIKMVEALADAGAPEGIIQVVTGRGSVIGDHLVEHPGIDMITFTGG
TTTGERISEKAKMIPVVLELGGKDPAIVLDDADLKLTASQIVSGAFSYSGQRCTAIKRVFVQDSVADQLVANIKELVEQL
TVGSPEDDADITPVIDEKSAAFIQGLIDDALENGATLLSGNKRQGNLLSPTLLDDVTPAMRVAWEEPFGPVLPIIRVKDA
NEAISLSNQSDYGLQASIFTKDTDRAINIGKHLEVGTVHINAKTERGPDHFPFLGVKKSGLGVQGIKPSLLSMTRERVTV
LNLAENLYFQSHHHHHHWSHPQFEK
;
_entity_poly.pdbx_strand_id   A,B,C,D
#
# COMPACT_ATOMS: atom_id res chain seq x y z
N GLN A 9 46.71 -17.71 -15.60
CA GLN A 9 45.63 -18.43 -14.86
C GLN A 9 45.24 -17.65 -13.60
N PHE A 10 43.95 -17.70 -13.27
CA PHE A 10 43.44 -17.11 -12.03
C PHE A 10 43.10 -18.23 -11.05
N ASN A 11 44.05 -18.56 -10.17
CA ASN A 11 43.86 -19.58 -9.13
C ASN A 11 43.23 -18.96 -7.89
N ALA A 12 41.91 -18.96 -7.88
CA ALA A 12 41.11 -18.26 -6.89
C ALA A 12 41.15 -18.94 -5.54
N ASN A 13 41.01 -18.13 -4.51
CA ASN A 13 40.72 -18.59 -3.17
C ASN A 13 39.28 -18.23 -2.87
N ILE A 14 38.75 -18.72 -1.76
CA ILE A 14 37.40 -18.34 -1.35
C ILE A 14 37.39 -17.46 -0.09
N LEU A 15 36.26 -16.80 0.14
CA LEU A 15 36.12 -15.96 1.31
C LEU A 15 35.49 -16.65 2.52
N ARG A 16 36.10 -16.44 3.69
CA ARG A 16 35.58 -16.95 4.95
C ARG A 16 36.04 -16.05 6.08
N ASN A 17 35.10 -15.49 6.83
CA ASN A 17 35.45 -14.63 7.98
C ASN A 17 36.46 -13.52 7.63
N GLY A 18 36.34 -12.94 6.44
CA GLY A 18 37.16 -11.80 6.07
C GLY A 18 38.47 -12.15 5.36
N GLU A 19 38.91 -13.39 5.45
CA GLU A 19 40.15 -13.74 4.75
C GLU A 19 39.91 -14.66 3.57
N TRP A 20 40.77 -14.51 2.56
CA TRP A 20 40.73 -15.30 1.35
C TRP A 20 41.66 -16.49 1.52
N VAL A 21 41.06 -17.68 1.52
CA VAL A 21 41.80 -18.93 1.75
C VAL A 21 41.54 -19.98 0.69
N GLU A 22 42.43 -20.97 0.68
CA GLU A 22 42.24 -22.19 -0.07
C GLU A 22 41.72 -23.29 0.89
N SER A 23 41.42 -24.47 0.37
CA SER A 23 40.98 -25.59 1.19
C SER A 23 42.12 -26.26 1.95
N ARG A 24 41.84 -26.62 3.21
CA ARG A 24 42.81 -27.38 4.01
C ARG A 24 43.19 -28.68 3.32
N THR A 25 42.26 -29.30 2.61
CA THR A 25 42.58 -30.54 1.88
C THR A 25 43.58 -30.31 0.76
N GLY A 26 43.89 -29.05 0.50
CA GLY A 26 44.77 -28.69 -0.60
C GLY A 26 44.23 -29.02 -1.99
N GLU A 27 42.97 -29.44 -2.13
CA GLU A 27 42.53 -29.77 -3.47
C GLU A 27 41.81 -28.65 -4.21
N ARG A 28 41.72 -28.80 -5.54
CA ARG A 28 41.29 -27.75 -6.44
C ARG A 28 40.60 -28.37 -7.65
N ILE A 29 39.74 -27.58 -8.29
CA ILE A 29 39.00 -27.99 -9.48
C ILE A 29 39.39 -27.06 -10.63
N SER A 30 39.76 -27.64 -11.77
CA SER A 30 40.22 -26.84 -12.91
C SER A 30 39.05 -26.24 -13.67
N ILE A 31 39.25 -25.02 -14.15
CA ILE A 31 38.24 -24.35 -14.96
C ILE A 31 38.86 -23.84 -16.27
N SER A 32 38.32 -24.35 -17.36
CA SER A 32 38.75 -24.02 -18.71
C SER A 32 37.63 -23.30 -19.46
N ALA A 33 37.98 -22.56 -20.50
CA ALA A 33 37.01 -21.84 -21.32
C ALA A 33 36.20 -22.75 -22.26
N PRO A 34 34.86 -22.73 -22.16
CA PRO A 34 34.00 -23.62 -22.98
C PRO A 34 34.17 -23.44 -24.49
N ALA A 35 34.71 -22.30 -24.92
CA ALA A 35 34.84 -21.97 -26.35
C ALA A 35 36.15 -22.40 -27.00
N SER A 36 37.24 -22.39 -26.23
CA SER A 36 38.58 -22.58 -26.79
C SER A 36 39.38 -23.63 -25.99
N GLY A 37 38.84 -24.06 -24.86
CA GLY A 37 39.48 -25.10 -24.04
C GLY A 37 40.72 -24.67 -23.27
N VAL A 38 41.05 -23.37 -23.34
CA VAL A 38 42.21 -22.79 -22.63
C VAL A 38 41.97 -22.75 -21.12
N ALA A 39 42.94 -23.24 -20.35
CA ALA A 39 42.86 -23.20 -18.89
C ALA A 39 42.74 -21.75 -18.40
N LEU A 40 41.65 -21.50 -17.66
CA LEU A 40 41.41 -20.17 -17.12
C LEU A 40 41.86 -20.05 -15.67
N GLY A 41 41.84 -21.16 -14.95
CA GLY A 41 42.18 -21.15 -13.55
C GLY A 41 41.60 -22.32 -12.79
N SER A 42 41.36 -22.10 -11.50
CA SER A 42 40.91 -23.16 -10.62
C SER A 42 40.27 -22.58 -9.37
N ILE A 43 39.59 -23.43 -8.61
CA ILE A 43 38.94 -23.07 -7.35
C ILE A 43 39.22 -24.13 -6.28
N PRO A 44 39.12 -23.77 -4.98
CA PRO A 44 39.32 -24.81 -3.98
C PRO A 44 38.11 -25.78 -3.93
N ALA A 45 38.39 -27.05 -3.69
CA ALA A 45 37.34 -28.02 -3.44
C ALA A 45 37.18 -28.16 -1.93
N LEU A 46 36.21 -27.46 -1.35
CA LEU A 46 36.06 -27.46 0.11
C LEU A 46 35.46 -28.75 0.67
N SER A 47 35.75 -29.00 1.93
CA SER A 47 35.23 -30.17 2.61
C SER A 47 33.89 -29.76 3.22
N GLN A 48 33.14 -30.74 3.72
CA GLN A 48 31.92 -30.50 4.46
C GLN A 48 32.23 -29.72 5.75
N GLU A 49 33.42 -29.95 6.31
CA GLU A 49 33.87 -29.26 7.52
C GLU A 49 34.26 -27.79 7.26
N GLU A 50 34.75 -27.48 6.07
CA GLU A 50 34.98 -26.07 5.70
C GLU A 50 33.66 -25.34 5.44
N VAL A 51 32.69 -26.09 4.94
CA VAL A 51 31.31 -25.64 4.82
C VAL A 51 30.71 -25.29 6.20
N ASN A 52 30.90 -26.19 7.17
CA ASN A 52 30.44 -25.90 8.54
C ASN A 52 31.11 -24.65 9.09
N ASP A 53 32.38 -24.47 8.76
CA ASP A 53 33.10 -23.27 9.19
C ASP A 53 32.48 -22.02 8.57
N ALA A 54 32.08 -22.12 7.30
CA ALA A 54 31.48 -20.99 6.61
C ALA A 54 30.16 -20.57 7.27
N ILE A 55 29.36 -21.58 7.63
CA ILE A 55 28.00 -21.35 8.11
C ILE A 55 28.05 -20.84 9.55
N GLN A 56 28.90 -21.43 10.39
CA GLN A 56 29.07 -20.93 11.76
C GLN A 56 29.56 -19.48 11.78
N GLY A 57 30.50 -19.19 10.88
CA GLY A 57 31.02 -17.84 10.65
C GLY A 57 29.93 -16.84 10.29
N ALA A 58 29.13 -17.19 9.29
CA ALA A 58 28.02 -16.37 8.83
C ALA A 58 27.01 -16.15 9.96
N LYS A 59 26.74 -17.22 10.70
CA LYS A 59 25.77 -17.16 11.79
C LYS A 59 26.14 -16.12 12.86
N ASP A 60 27.40 -16.14 13.26
CA ASP A 60 27.89 -15.27 14.33
C ASP A 60 27.89 -13.82 13.83
N ALA A 61 28.31 -13.64 12.57
CA ALA A 61 28.41 -12.31 11.95
C ALA A 61 27.05 -11.62 11.76
N GLN A 62 25.99 -12.42 11.61
CA GLN A 62 24.62 -11.93 11.42
C GLN A 62 24.06 -11.24 12.65
N LYS A 63 24.36 -11.80 13.82
CA LYS A 63 23.86 -11.25 15.09
C LYS A 63 24.33 -9.82 15.25
N ILE A 64 25.46 -9.54 14.61
CA ILE A 64 26.16 -8.28 14.69
C ILE A 64 25.73 -7.36 13.50
N TRP A 65 25.60 -7.96 12.32
CA TRP A 65 25.16 -7.27 11.12
C TRP A 65 23.69 -6.81 11.17
N LYS A 66 22.80 -7.63 11.71
CA LYS A 66 21.38 -7.25 11.83
C LYS A 66 21.11 -6.00 12.68
N ILE A 67 22.05 -5.66 13.57
CA ILE A 67 21.88 -4.53 14.51
C ILE A 67 22.46 -3.23 13.95
N ARG A 68 23.10 -3.33 12.80
CA ARG A 68 23.52 -2.16 12.04
C ARG A 68 22.29 -1.34 11.65
N PRO A 69 22.38 0.00 11.73
CA PRO A 69 21.25 0.74 11.19
C PRO A 69 21.18 0.53 9.68
N ILE A 70 19.95 0.47 9.17
CA ILE A 70 19.66 0.22 7.76
C ILE A 70 20.52 1.05 6.82
N HIS A 71 20.79 2.29 7.21
CA HIS A 71 21.49 3.21 6.32
C HIS A 71 22.93 2.75 6.11
N GLU A 72 23.53 2.10 7.10
CA GLU A 72 24.89 1.55 6.94
C GLU A 72 24.95 0.35 5.97
N ARG A 73 23.87 -0.42 5.89
CA ARG A 73 23.86 -1.61 5.02
C ARG A 73 23.64 -1.25 3.56
N VAL A 74 22.79 -0.24 3.31
CA VAL A 74 22.65 0.32 1.98
C VAL A 74 23.98 0.91 1.45
N ASP A 75 24.71 1.61 2.32
CA ASP A 75 25.99 2.23 1.93
C ASP A 75 27.01 1.17 1.48
N LEU A 76 27.06 0.04 2.17
CA LEU A 76 27.89 -1.08 1.71
C LEU A 76 27.49 -1.51 0.30
N LEU A 77 26.20 -1.72 0.05
CA LEU A 77 25.73 -2.06 -1.31
C LEU A 77 26.14 -1.02 -2.38
N TYR A 78 25.92 0.26 -2.10
CA TYR A 78 26.40 1.34 -2.97
C TYR A 78 27.89 1.21 -3.30
N ALA A 79 28.71 0.94 -2.28
CA ALA A 79 30.16 0.89 -2.52
C ALA A 79 30.53 -0.29 -3.41
N TRP A 80 29.85 -1.40 -3.19
CA TRP A 80 30.00 -2.61 -4.00
C TRP A 80 29.59 -2.38 -5.49
N ALA A 81 28.46 -1.71 -5.70
CA ALA A 81 27.94 -1.44 -7.05
C ALA A 81 28.89 -0.54 -7.83
N ASP A 82 29.33 0.54 -7.19
CA ASP A 82 30.33 1.46 -7.73
C ASP A 82 31.64 0.73 -8.10
N LEU A 83 32.07 -0.22 -7.25
CA LEU A 83 33.27 -1.01 -7.55
C LEU A 83 33.14 -1.97 -8.73
N LEU A 84 32.02 -2.66 -8.83
CA LEU A 84 31.70 -3.53 -9.97
C LEU A 84 31.58 -2.77 -11.29
N GLU A 85 30.89 -1.63 -11.25
CA GLU A 85 30.82 -0.77 -12.44
C GLU A 85 32.21 -0.33 -12.92
N GLU A 86 33.04 0.16 -12.02
CA GLU A 86 34.44 0.52 -12.35
C GLU A 86 35.24 -0.66 -12.93
N ARG A 87 34.79 -1.88 -12.63
CA ARG A 87 35.49 -3.09 -13.06
C ARG A 87 34.74 -3.85 -14.17
N LYS A 88 33.88 -3.12 -14.91
CA LYS A 88 33.04 -3.68 -15.97
C LYS A 88 33.84 -4.52 -16.93
N GLU A 89 34.82 -3.87 -17.55
CA GLU A 89 35.68 -4.46 -18.56
C GLU A 89 36.34 -5.73 -18.05
N ILE A 90 36.93 -5.68 -16.87
CA ILE A 90 37.70 -6.80 -16.31
C ILE A 90 36.78 -7.98 -15.96
N ILE A 91 35.73 -7.71 -15.19
CA ILE A 91 34.82 -8.76 -14.75
C ILE A 91 34.03 -9.31 -15.95
N GLY A 92 33.69 -8.39 -16.86
CA GLY A 92 33.07 -8.73 -18.14
C GLY A 92 33.84 -9.65 -19.07
N GLU A 93 35.16 -9.45 -19.22
CA GLU A 93 35.98 -10.39 -20.01
C GLU A 93 36.08 -11.79 -19.39
N LEU A 94 36.19 -11.87 -18.06
CA LEU A 94 36.19 -13.17 -17.38
C LEU A 94 34.92 -13.96 -17.67
N ILE A 95 33.76 -13.31 -17.55
CA ILE A 95 32.49 -13.94 -17.87
C ILE A 95 32.44 -14.47 -19.30
N MET A 96 32.85 -13.68 -20.31
CA MET A 96 32.74 -14.20 -21.69
C MET A 96 33.58 -15.44 -21.87
N HIS A 97 34.74 -15.43 -21.25
CA HIS A 97 35.62 -16.56 -21.32
C HIS A 97 35.10 -17.76 -20.55
N GLU A 98 34.65 -17.52 -19.32
CA GLU A 98 34.23 -18.60 -18.44
C GLU A 98 33.01 -19.37 -18.93
N VAL A 99 32.06 -18.67 -19.56
CA VAL A 99 30.80 -19.28 -19.96
C VAL A 99 30.40 -18.99 -21.40
N ALA A 100 31.39 -18.68 -22.23
CA ALA A 100 31.15 -18.42 -23.65
C ALA A 100 29.94 -17.49 -23.87
N LYS A 101 29.96 -16.35 -23.18
CA LYS A 101 28.93 -15.35 -23.37
C LYS A 101 29.54 -14.22 -24.17
N PRO A 102 28.88 -13.81 -25.27
CA PRO A 102 29.32 -12.68 -26.11
C PRO A 102 29.82 -11.47 -25.30
N LYS A 103 30.94 -10.88 -25.70
CA LYS A 103 31.59 -9.75 -25.00
C LYS A 103 30.72 -8.58 -24.56
N LYS A 104 29.80 -8.14 -25.41
CA LYS A 104 28.95 -6.99 -25.10
C LYS A 104 27.87 -7.39 -24.10
N SER A 105 27.39 -8.62 -24.24
CA SER A 105 26.40 -9.16 -23.36
C SER A 105 26.99 -9.55 -22.00
N ALA A 106 28.29 -9.87 -21.98
CA ALA A 106 29.00 -10.23 -20.74
C ALA A 106 29.32 -8.99 -19.89
N ILE A 107 29.74 -7.92 -20.55
CA ILE A 107 30.01 -6.63 -19.90
C ILE A 107 28.70 -6.00 -19.42
N GLY A 108 27.63 -6.20 -20.19
CA GLY A 108 26.31 -5.65 -19.82
C GLY A 108 25.79 -6.31 -18.54
N GLU A 109 26.22 -7.55 -18.30
CA GLU A 109 25.79 -8.30 -17.12
C GLU A 109 26.18 -7.55 -15.85
N VAL A 110 27.43 -7.09 -15.86
CA VAL A 110 28.03 -6.35 -14.77
C VAL A 110 27.36 -5.00 -14.52
N SER A 111 27.12 -4.25 -15.61
CA SER A 111 26.47 -2.94 -15.51
C SER A 111 25.12 -3.12 -14.84
N ARG A 112 24.32 -4.05 -15.39
CA ARG A 112 22.99 -4.38 -14.91
C ARG A 112 23.00 -4.84 -13.45
N THR A 113 24.04 -5.60 -13.08
CA THR A 113 24.19 -6.11 -11.71
C THR A 113 24.31 -4.96 -10.74
N ALA A 114 25.14 -3.98 -11.11
CA ALA A 114 25.31 -2.79 -10.32
C ALA A 114 23.96 -2.06 -10.13
N ASP A 115 23.20 -1.94 -11.21
CA ASP A 115 21.88 -1.28 -11.17
C ASP A 115 20.96 -2.00 -10.20
N ILE A 116 20.89 -3.32 -10.36
CA ILE A 116 20.13 -4.20 -9.47
C ILE A 116 20.50 -3.98 -7.99
N ILE A 117 21.81 -3.89 -7.74
CA ILE A 117 22.34 -3.68 -6.38
C ILE A 117 21.88 -2.36 -5.79
N ARG A 118 22.04 -1.27 -6.54
CA ARG A 118 21.57 0.07 -6.14
C ARG A 118 20.04 0.17 -5.96
N HIS A 119 19.29 -0.40 -6.90
CA HIS A 119 17.83 -0.38 -6.82
C HIS A 119 17.33 -1.19 -5.60
N THR A 120 18.05 -2.25 -5.28
CA THR A 120 17.74 -3.09 -4.13
C THR A 120 18.04 -2.35 -2.82
N ALA A 121 19.15 -1.62 -2.84
CA ALA A 121 19.53 -0.69 -1.80
C ALA A 121 18.49 0.40 -1.59
N ASP A 122 18.15 1.12 -2.66
CA ASP A 122 17.14 2.16 -2.60
C ASP A 122 15.79 1.65 -2.06
N GLU A 123 15.36 0.48 -2.51
CA GLU A 123 14.06 -0.10 -2.08
C GLU A 123 14.03 -0.58 -0.62
N ALA A 124 15.15 -1.12 -0.12
CA ALA A 124 15.20 -1.55 1.28
C ALA A 124 15.05 -0.36 2.21
N LEU A 125 15.56 0.79 1.77
CA LEU A 125 15.53 2.03 2.55
C LEU A 125 14.10 2.52 2.74
N ARG A 126 13.24 2.30 1.75
CA ARG A 126 11.85 2.75 1.87
C ARG A 126 10.84 1.65 2.18
N LEU A 127 11.29 0.56 2.78
CA LEU A 127 10.37 -0.40 3.37
C LEU A 127 9.94 0.20 4.71
N ASN A 128 8.65 0.44 4.87
CA ASN A 128 8.12 1.05 6.07
C ASN A 128 7.28 0.02 6.79
N GLY A 129 7.15 0.16 8.10
CA GLY A 129 6.27 -0.72 8.87
C GLY A 129 4.80 -0.30 8.78
N GLU A 130 3.94 -1.10 9.40
CA GLU A 130 2.54 -0.75 9.54
C GLU A 130 2.09 -0.83 10.98
N THR A 131 1.12 -0.01 11.32
CA THR A 131 0.48 -0.08 12.62
C THR A 131 -0.98 -0.51 12.46
N LEU A 132 -1.47 -1.23 13.46
CA LEU A 132 -2.81 -1.77 13.46
C LEU A 132 -3.42 -1.54 14.83
N LYS A 133 -4.63 -0.98 14.84
CA LYS A 133 -5.39 -0.80 16.08
C LYS A 133 -6.21 -2.05 16.30
N GLY A 134 -6.33 -2.48 17.55
CA GLY A 134 -7.20 -3.61 17.90
C GLY A 134 -8.66 -3.40 17.49
N ASP A 135 -9.14 -2.16 17.55
CA ASP A 135 -10.52 -1.87 17.14
C ASP A 135 -10.79 -1.86 15.62
N GLN A 136 -9.79 -2.18 14.82
CA GLN A 136 -10.03 -2.37 13.37
C GLN A 136 -10.67 -3.76 13.11
N PHE A 137 -11.06 -4.45 14.18
CA PHE A 137 -11.70 -5.76 14.12
C PHE A 137 -12.81 -5.78 15.17
N LYS A 138 -13.95 -6.38 14.83
CA LYS A 138 -15.07 -6.51 15.78
C LYS A 138 -14.55 -7.01 17.13
N GLY A 139 -14.91 -6.32 18.20
CA GLY A 139 -14.23 -6.53 19.48
C GLY A 139 -13.07 -5.55 19.46
N GLY A 140 -11.83 -6.04 19.56
CA GLY A 140 -10.62 -5.20 19.58
C GLY A 140 -10.67 -3.95 20.44
N SER A 141 -11.57 -3.03 20.06
CA SER A 141 -12.18 -2.02 20.95
C SER A 141 -11.36 -0.91 21.57
N SER A 142 -10.03 -0.92 21.43
CA SER A 142 -9.31 -0.12 22.40
C SER A 142 -8.00 0.55 22.03
N LYS A 143 -7.07 0.44 22.98
CA LYS A 143 -5.81 1.14 22.98
C LYS A 143 -4.74 0.06 22.82
N LYS A 144 -5.06 -0.95 22.01
CA LYS A 144 -4.11 -1.97 21.59
C LYS A 144 -3.59 -1.59 20.22
N ILE A 145 -2.26 -1.56 20.08
CA ILE A 145 -1.65 -1.21 18.80
C ILE A 145 -0.51 -2.18 18.47
N ALA A 146 -0.59 -2.78 17.28
CA ALA A 146 0.47 -3.63 16.77
C ALA A 146 1.41 -2.83 15.89
N LEU A 147 2.71 -2.93 16.15
CA LEU A 147 3.75 -2.32 15.33
C LEU A 147 4.38 -3.44 14.54
N VAL A 148 4.11 -3.47 13.24
CA VAL A 148 4.52 -4.57 12.40
C VAL A 148 5.74 -4.14 11.61
N GLU A 149 6.88 -4.68 11.99
CA GLU A 149 8.10 -4.41 11.26
C GLU A 149 8.66 -5.70 10.62
N ARG A 150 9.82 -5.59 9.98
CA ARG A 150 10.39 -6.69 9.20
C ARG A 150 11.75 -7.11 9.76
N GLU A 151 11.96 -8.43 9.88
CA GLU A 151 13.16 -9.00 10.53
C GLU A 151 13.89 -9.99 9.58
N PRO A 152 15.23 -9.90 9.47
CA PRO A 152 16.00 -10.90 8.70
C PRO A 152 15.92 -12.30 9.29
N LEU A 153 15.85 -13.29 8.40
CA LEU A 153 15.68 -14.71 8.75
C LEU A 153 16.93 -15.31 9.38
N GLY A 154 18.11 -14.83 9.00
CA GLY A 154 19.34 -15.43 9.51
C GLY A 154 20.39 -15.53 8.44
N VAL A 155 20.91 -16.75 8.26
CA VAL A 155 21.90 -17.06 7.20
C VAL A 155 21.16 -17.49 5.93
N VAL A 156 21.54 -16.87 4.82
CA VAL A 156 20.98 -17.19 3.51
C VAL A 156 21.97 -18.01 2.69
N LEU A 157 21.51 -19.13 2.15
CA LEU A 157 22.27 -19.88 1.16
C LEU A 157 21.82 -19.46 -0.26
N ALA A 158 22.73 -18.84 -1.01
CA ALA A 158 22.44 -18.39 -2.34
C ALA A 158 23.18 -19.30 -3.32
N ILE A 159 22.42 -19.91 -4.22
CA ILE A 159 22.99 -20.85 -5.22
C ILE A 159 22.68 -20.28 -6.62
N SER A 160 23.75 -19.91 -7.34
CA SER A 160 23.63 -19.25 -8.66
C SER A 160 23.98 -20.14 -9.85
N PRO A 161 23.49 -19.76 -11.07
CA PRO A 161 23.65 -20.63 -12.23
C PRO A 161 24.91 -20.28 -12.99
N PHE A 162 25.19 -21.05 -14.05
CA PHE A 162 26.33 -20.78 -14.91
C PHE A 162 26.08 -19.57 -15.80
N ASN A 163 24.85 -19.45 -16.28
CA ASN A 163 24.50 -18.53 -17.36
C ASN A 163 24.50 -17.04 -17.01
N TYR A 164 24.27 -16.74 -15.74
CA TYR A 164 24.40 -15.37 -15.22
C TYR A 164 25.14 -15.38 -13.89
N PRO A 165 26.47 -15.65 -13.94
CA PRO A 165 27.31 -15.94 -12.77
C PRO A 165 27.46 -14.76 -11.85
N VAL A 166 27.16 -13.56 -12.36
CA VAL A 166 27.28 -12.35 -11.55
C VAL A 166 25.92 -11.71 -11.31
N ASN A 167 25.15 -11.52 -12.37
CA ASN A 167 23.81 -10.96 -12.25
C ASN A 167 23.01 -11.77 -11.24
N LEU A 168 22.92 -13.07 -11.46
CA LEU A 168 22.05 -13.91 -10.65
C LEU A 168 22.66 -14.32 -9.31
N ALA A 169 23.97 -14.12 -9.16
CA ALA A 169 24.65 -14.20 -7.85
C ALA A 169 24.31 -12.98 -6.98
N ALA A 170 24.59 -11.77 -7.49
CA ALA A 170 24.28 -10.53 -6.77
C ALA A 170 22.78 -10.26 -6.53
N ALA A 171 21.89 -10.73 -7.41
CA ALA A 171 20.43 -10.51 -7.23
C ALA A 171 19.87 -11.23 -6.01
N LYS A 172 20.67 -12.17 -5.48
CA LYS A 172 20.33 -12.94 -4.31
C LYS A 172 21.07 -12.40 -3.09
N ILE A 173 22.34 -12.07 -3.27
CA ILE A 173 23.15 -11.60 -2.18
C ILE A 173 22.70 -10.21 -1.74
N ALA A 174 22.41 -9.34 -2.71
CA ALA A 174 22.24 -7.93 -2.37
C ALA A 174 21.03 -7.69 -1.45
N PRO A 175 19.86 -8.32 -1.75
CA PRO A 175 18.68 -8.18 -0.87
C PRO A 175 18.80 -8.90 0.46
N ALA A 176 19.53 -10.02 0.47
CA ALA A 176 19.78 -10.75 1.72
C ALA A 176 20.60 -9.90 2.69
N LEU A 177 21.72 -9.36 2.21
CA LEU A 177 22.61 -8.54 3.03
C LEU A 177 21.98 -7.23 3.53
N VAL A 178 21.23 -6.57 2.66
CA VAL A 178 20.73 -5.24 2.96
C VAL A 178 19.68 -5.29 4.06
N THR A 179 18.96 -6.40 4.13
CA THR A 179 17.89 -6.62 5.11
C THR A 179 18.32 -7.28 6.43
N GLY A 180 19.62 -7.38 6.66
CA GLY A 180 20.12 -7.95 7.91
C GLY A 180 20.47 -9.43 7.94
N ASN A 181 20.34 -10.12 6.81
CA ASN A 181 20.82 -11.48 6.73
C ASN A 181 22.31 -11.54 6.44
N THR A 182 22.91 -12.71 6.68
CA THR A 182 24.22 -13.05 6.11
C THR A 182 24.10 -14.09 5.02
N VAL A 183 25.16 -14.18 4.20
CA VAL A 183 25.13 -15.08 3.06
C VAL A 183 26.27 -16.09 2.93
N VAL A 184 25.86 -17.35 2.75
CA VAL A 184 26.73 -18.42 2.27
C VAL A 184 26.47 -18.58 0.77
N PHE A 185 27.47 -18.24 -0.03
CA PHE A 185 27.24 -18.10 -1.46
C PHE A 185 27.92 -19.22 -2.21
N LYS A 186 27.10 -19.99 -2.91
CA LYS A 186 27.56 -21.18 -3.62
C LYS A 186 27.45 -21.03 -5.15
N PRO A 187 28.54 -20.62 -5.83
CA PRO A 187 28.38 -20.46 -7.26
C PRO A 187 28.51 -21.78 -8.00
N ALA A 188 27.89 -21.86 -9.17
CA ALA A 188 28.21 -22.92 -10.12
C ALA A 188 29.73 -22.98 -10.33
N THR A 189 30.26 -24.19 -10.31
CA THR A 189 31.67 -24.38 -10.57
C THR A 189 32.07 -23.67 -11.86
N GLN A 190 31.34 -23.93 -12.94
CA GLN A 190 31.50 -23.16 -14.18
C GLN A 190 30.78 -21.81 -14.05
N GLY A 191 31.57 -20.76 -13.75
CA GLY A 191 31.03 -19.44 -13.41
C GLY A 191 31.57 -18.97 -12.07
N SER A 192 32.37 -19.83 -11.42
CA SER A 192 32.86 -19.54 -10.08
C SER A 192 33.92 -18.46 -10.04
N LEU A 193 34.78 -18.40 -11.04
CA LEU A 193 35.80 -17.35 -11.10
C LEU A 193 35.15 -15.96 -11.16
N SER A 194 34.19 -15.82 -12.08
CA SER A 194 33.37 -14.60 -12.20
C SER A 194 32.62 -14.30 -10.90
N GLY A 195 32.02 -15.34 -10.31
CA GLY A 195 31.36 -15.19 -9.00
C GLY A 195 32.34 -14.63 -7.97
N ILE A 196 33.51 -15.26 -7.87
CA ILE A 196 34.51 -14.85 -6.88
C ILE A 196 35.04 -13.43 -7.11
N LYS A 197 35.16 -13.02 -8.38
CA LYS A 197 35.54 -11.63 -8.70
C LYS A 197 34.51 -10.58 -8.26
N MET A 198 33.23 -10.88 -8.49
CA MET A 198 32.15 -10.09 -7.91
C MET A 198 32.28 -10.02 -6.38
N VAL A 199 32.61 -11.12 -5.72
CA VAL A 199 32.81 -11.08 -4.24
C VAL A 199 34.06 -10.25 -3.83
N GLU A 200 35.15 -10.34 -4.59
CA GLU A 200 36.32 -9.48 -4.34
C GLU A 200 35.91 -8.02 -4.19
N ALA A 201 35.03 -7.58 -5.10
CA ALA A 201 34.53 -6.21 -5.12
C ALA A 201 33.69 -5.87 -3.89
N LEU A 202 32.92 -6.85 -3.40
CA LEU A 202 32.13 -6.67 -2.21
C LEU A 202 33.03 -6.43 -1.01
N ALA A 203 34.08 -7.23 -0.94
CA ALA A 203 35.01 -7.29 0.18
C ALA A 203 35.93 -6.07 0.18
N ASP A 204 36.37 -5.68 -1.02
CA ASP A 204 37.17 -4.45 -1.18
C ASP A 204 36.37 -3.22 -0.72
N ALA A 205 35.06 -3.30 -0.84
CA ALA A 205 34.18 -2.19 -0.47
C ALA A 205 33.91 -2.11 1.04
N GLY A 206 34.41 -3.09 1.81
CA GLY A 206 34.38 -3.04 3.27
C GLY A 206 33.41 -4.02 3.94
N ALA A 207 33.04 -5.07 3.22
CA ALA A 207 32.07 -6.02 3.75
C ALA A 207 32.64 -6.57 5.06
N PRO A 208 31.85 -6.53 6.14
CA PRO A 208 32.39 -7.05 7.42
C PRO A 208 32.78 -8.53 7.35
N GLU A 209 33.71 -8.97 8.19
CA GLU A 209 34.13 -10.39 8.15
C GLU A 209 32.98 -11.36 8.45
N GLY A 210 32.86 -12.40 7.63
CA GLY A 210 31.81 -13.41 7.79
C GLY A 210 30.43 -13.06 7.24
N ILE A 211 30.24 -11.81 6.82
CA ILE A 211 29.00 -11.30 6.21
C ILE A 211 28.64 -12.05 4.94
N ILE A 212 29.68 -12.30 4.15
CA ILE A 212 29.59 -12.99 2.88
C ILE A 212 30.64 -14.12 2.88
N GLN A 213 30.17 -15.36 2.75
CA GLN A 213 31.06 -16.52 2.74
C GLN A 213 30.95 -17.24 1.40
N VAL A 214 32.09 -17.55 0.78
CA VAL A 214 32.06 -18.24 -0.49
C VAL A 214 32.35 -19.72 -0.32
N VAL A 215 31.50 -20.56 -0.91
CA VAL A 215 31.78 -21.98 -0.91
C VAL A 215 31.85 -22.56 -2.30
N THR A 216 32.88 -23.39 -2.50
CA THR A 216 33.08 -24.06 -3.76
C THR A 216 33.43 -25.52 -3.55
N GLY A 217 33.11 -26.34 -4.54
CA GLY A 217 33.49 -27.73 -4.42
C GLY A 217 32.68 -28.70 -5.24
N ARG A 218 32.87 -29.98 -4.92
CA ARG A 218 32.18 -31.08 -5.59
C ARG A 218 30.75 -31.24 -5.08
N GLY A 219 29.84 -31.49 -6.02
CA GLY A 219 28.45 -31.73 -5.71
C GLY A 219 28.24 -32.91 -4.80
N SER A 220 29.01 -33.97 -5.02
CA SER A 220 28.89 -35.20 -4.22
C SER A 220 29.36 -35.03 -2.78
N VAL A 221 30.14 -33.97 -2.54
CA VAL A 221 30.72 -33.66 -1.24
C VAL A 221 29.90 -32.59 -0.50
N ILE A 222 29.49 -31.52 -1.18
CA ILE A 222 28.96 -30.37 -0.47
C ILE A 222 27.52 -29.96 -0.69
N GLY A 223 26.92 -30.49 -1.74
CA GLY A 223 25.59 -30.08 -2.20
C GLY A 223 24.51 -30.41 -1.20
N ASP A 224 24.27 -31.70 -0.99
CA ASP A 224 23.24 -32.11 -0.03
C ASP A 224 23.56 -31.57 1.35
N HIS A 225 24.84 -31.58 1.71
CA HIS A 225 25.28 -31.05 2.99
C HIS A 225 24.85 -29.59 3.22
N LEU A 226 25.00 -28.74 2.20
CA LEU A 226 24.59 -27.33 2.29
C LEU A 226 23.10 -27.19 2.45
N VAL A 227 22.37 -27.94 1.63
CA VAL A 227 20.94 -27.85 1.57
C VAL A 227 20.30 -28.41 2.84
N GLU A 228 20.91 -29.44 3.43
CA GLU A 228 20.32 -30.07 4.62
C GLU A 228 20.82 -29.51 5.95
N HIS A 229 21.63 -28.45 5.90
CA HIS A 229 22.33 -27.97 7.10
C HIS A 229 21.39 -27.17 8.03
N PRO A 230 21.38 -27.53 9.34
CA PRO A 230 20.52 -26.84 10.30
C PRO A 230 20.84 -25.35 10.45
N GLY A 231 22.04 -24.91 10.08
CA GLY A 231 22.41 -23.51 10.23
C GLY A 231 21.95 -22.61 9.06
N ILE A 232 21.34 -23.23 8.05
CA ILE A 232 20.79 -22.50 6.90
C ILE A 232 19.32 -22.16 7.17
N ASP A 233 18.96 -20.89 7.05
CA ASP A 233 17.62 -20.42 7.46
C ASP A 233 16.73 -20.10 6.25
N MET A 234 17.37 -20.05 5.08
CA MET A 234 16.68 -19.74 3.84
C MET A 234 17.53 -20.17 2.65
N ILE A 235 16.88 -20.76 1.65
CA ILE A 235 17.58 -21.06 0.38
C ILE A 235 16.94 -20.35 -0.80
N THR A 236 17.79 -19.74 -1.65
CA THR A 236 17.43 -19.22 -2.97
C THR A 236 18.30 -19.86 -4.04
N PHE A 237 17.66 -20.42 -5.07
CA PHE A 237 18.36 -21.25 -6.06
C PHE A 237 17.84 -20.94 -7.46
N THR A 238 18.76 -20.93 -8.41
CA THR A 238 18.42 -20.77 -9.81
C THR A 238 19.22 -21.84 -10.53
N GLY A 239 18.55 -22.64 -11.35
CA GLY A 239 19.23 -23.70 -12.10
C GLY A 239 18.21 -24.66 -12.67
N GLY A 240 18.65 -25.89 -12.93
CA GLY A 240 17.79 -26.89 -13.57
C GLY A 240 16.69 -27.37 -12.66
N THR A 241 15.58 -27.78 -13.26
CA THR A 241 14.39 -28.19 -12.50
C THR A 241 14.66 -29.40 -11.62
N THR A 242 15.37 -30.39 -12.16
CA THR A 242 15.73 -31.60 -11.45
C THR A 242 16.52 -31.31 -10.18
N THR A 243 17.60 -30.54 -10.29
CA THR A 243 18.38 -30.10 -9.13
C THR A 243 17.51 -29.32 -8.13
N GLY A 244 16.66 -28.43 -8.66
CA GLY A 244 15.67 -27.67 -7.87
C GLY A 244 14.67 -28.49 -7.05
N GLU A 245 14.17 -29.57 -7.63
CA GLU A 245 13.25 -30.47 -6.94
C GLU A 245 13.96 -31.20 -5.78
N ARG A 246 15.24 -31.53 -6.02
CA ARG A 246 16.05 -32.25 -5.04
C ARG A 246 16.33 -31.34 -3.86
N ILE A 247 16.54 -30.05 -4.16
CA ILE A 247 16.69 -29.03 -3.12
C ILE A 247 15.42 -28.99 -2.29
N SER A 248 14.30 -28.78 -2.98
CA SER A 248 13.02 -28.65 -2.29
C SER A 248 12.72 -29.90 -1.43
N GLU A 249 12.95 -31.07 -2.00
CA GLU A 249 12.65 -32.32 -1.31
C GLU A 249 13.55 -32.50 -0.09
N LYS A 250 14.82 -32.14 -0.22
CA LYS A 250 15.79 -32.32 0.86
C LYS A 250 15.79 -31.25 1.98
N ALA A 251 15.57 -29.99 1.63
CA ALA A 251 15.50 -28.90 2.61
C ALA A 251 14.33 -29.14 3.55
N LYS A 252 14.37 -28.57 4.74
CA LYS A 252 13.20 -28.63 5.65
C LYS A 252 13.12 -27.50 6.65
N MET A 253 11.89 -27.21 7.05
CA MET A 253 11.56 -26.20 8.06
C MET A 253 12.00 -24.79 7.69
N ILE A 254 12.25 -24.56 6.40
CA ILE A 254 12.75 -23.27 5.92
C ILE A 254 12.11 -22.78 4.60
N PRO A 255 12.06 -21.46 4.39
CA PRO A 255 11.64 -20.92 3.10
C PRO A 255 12.64 -21.32 2.01
N VAL A 256 12.11 -21.72 0.86
CA VAL A 256 12.93 -22.10 -0.28
C VAL A 256 12.42 -21.35 -1.49
N VAL A 257 13.32 -20.65 -2.16
CA VAL A 257 12.99 -19.94 -3.38
C VAL A 257 13.71 -20.57 -4.58
N LEU A 258 12.95 -20.89 -5.61
CA LEU A 258 13.48 -21.64 -6.75
C LEU A 258 13.07 -20.97 -8.05
N GLU A 259 14.01 -20.85 -8.96
CA GLU A 259 13.67 -20.49 -10.33
C GLU A 259 14.38 -21.49 -11.23
N LEU A 260 13.58 -22.27 -11.94
CA LEU A 260 14.05 -23.46 -12.61
C LEU A 260 13.85 -23.35 -14.15
N GLY A 261 13.56 -24.47 -14.78
CA GLY A 261 13.47 -24.55 -16.21
C GLY A 261 12.25 -23.82 -16.75
N GLY A 262 12.29 -23.55 -18.05
CA GLY A 262 11.15 -22.98 -18.71
C GLY A 262 10.95 -23.66 -20.05
N LYS A 263 9.73 -23.57 -20.57
CA LYS A 263 9.46 -23.85 -21.99
C LYS A 263 8.45 -22.82 -22.49
N ASP A 264 8.84 -21.53 -22.44
CA ASP A 264 7.91 -20.42 -22.69
C ASP A 264 7.34 -20.46 -24.09
N PRO A 265 6.00 -20.51 -24.21
CA PRO A 265 5.38 -20.54 -25.54
C PRO A 265 5.21 -19.15 -26.11
N ALA A 266 5.31 -19.02 -27.42
CA ALA A 266 4.87 -17.81 -28.11
C ALA A 266 3.67 -18.18 -28.95
N ILE A 267 2.54 -17.57 -28.62
CA ILE A 267 1.29 -17.85 -29.28
C ILE A 267 1.00 -16.75 -30.30
N VAL A 268 0.91 -17.15 -31.57
CA VAL A 268 0.77 -16.20 -32.67
C VAL A 268 -0.57 -16.38 -33.36
N LEU A 269 -1.41 -15.37 -33.22
CA LEU A 269 -2.75 -15.40 -33.76
C LEU A 269 -2.81 -14.81 -35.16
N ASP A 270 -3.98 -15.00 -35.76
CA ASP A 270 -4.33 -14.60 -37.10
C ASP A 270 -3.94 -13.18 -37.46
N ASP A 271 -4.25 -12.27 -36.56
CA ASP A 271 -4.14 -10.87 -36.84
C ASP A 271 -2.76 -10.28 -36.47
N ALA A 272 -1.78 -11.11 -36.15
CA ALA A 272 -0.49 -10.61 -35.67
C ALA A 272 0.34 -9.85 -36.70
N ASP A 273 1.08 -8.84 -36.24
CA ASP A 273 2.13 -8.23 -37.05
C ASP A 273 3.22 -9.26 -37.07
N LEU A 274 3.37 -9.93 -38.22
CA LEU A 274 4.23 -11.10 -38.30
C LEU A 274 5.71 -10.75 -38.37
N LYS A 275 6.00 -9.51 -38.75
CA LYS A 275 7.36 -8.98 -38.75
C LYS A 275 7.83 -8.73 -37.32
N LEU A 276 7.07 -7.95 -36.56
CA LEU A 276 7.37 -7.72 -35.17
C LEU A 276 7.37 -9.03 -34.37
N THR A 277 6.48 -9.95 -34.74
CA THR A 277 6.46 -11.24 -34.11
C THR A 277 7.74 -12.02 -34.38
N ALA A 278 8.16 -12.13 -35.63
CA ALA A 278 9.38 -12.87 -35.98
C ALA A 278 10.61 -12.35 -35.24
N SER A 279 10.72 -11.03 -35.19
CA SER A 279 11.85 -10.34 -34.58
C SER A 279 11.90 -10.57 -33.06
N GLN A 280 10.76 -10.44 -32.38
CA GLN A 280 10.72 -10.69 -30.95
C GLN A 280 11.06 -12.15 -30.63
N ILE A 281 10.57 -13.06 -31.48
CA ILE A 281 10.73 -14.51 -31.28
C ILE A 281 12.19 -14.92 -31.40
N VAL A 282 12.82 -14.46 -32.46
CA VAL A 282 14.19 -14.87 -32.73
C VAL A 282 15.12 -14.27 -31.69
N SER A 283 14.95 -12.99 -31.41
CA SER A 283 15.75 -12.33 -30.38
C SER A 283 15.63 -13.08 -29.04
N GLY A 284 14.41 -13.41 -28.63
CA GLY A 284 14.20 -14.11 -27.36
C GLY A 284 14.67 -15.54 -27.31
N ALA A 285 14.37 -16.32 -28.35
CA ALA A 285 14.75 -17.74 -28.43
C ALA A 285 16.25 -18.02 -28.50
N PHE A 286 16.98 -17.14 -29.19
CA PHE A 286 18.36 -17.42 -29.55
C PHE A 286 19.38 -16.53 -28.82
N SER A 287 18.91 -15.61 -27.98
CA SER A 287 19.81 -14.86 -27.13
C SER A 287 20.61 -15.85 -26.26
N TYR A 288 21.91 -15.59 -26.10
CA TYR A 288 22.84 -16.51 -25.44
C TYR A 288 22.65 -17.97 -25.90
N SER A 289 22.33 -18.13 -27.19
CA SER A 289 22.15 -19.43 -27.82
C SER A 289 21.08 -20.30 -27.16
N GLY A 290 20.07 -19.68 -26.57
CA GLY A 290 18.98 -20.41 -25.95
C GLY A 290 19.29 -20.91 -24.55
N GLN A 291 20.42 -20.52 -23.99
CA GLN A 291 20.81 -21.07 -22.68
C GLN A 291 20.20 -20.23 -21.56
N ARG A 292 18.87 -20.10 -21.61
CA ARG A 292 18.18 -19.21 -20.71
C ARG A 292 16.85 -19.84 -20.32
N CYS A 293 16.53 -19.77 -19.05
CA CYS A 293 15.29 -20.33 -18.50
C CYS A 293 14.08 -19.56 -19.02
N THR A 294 14.23 -18.24 -19.10
CA THR A 294 13.25 -17.33 -19.64
C THR A 294 13.64 -17.02 -21.07
N ALA A 295 12.88 -17.59 -22.01
CA ALA A 295 13.18 -17.52 -23.42
C ALA A 295 12.12 -18.30 -24.16
N ILE A 296 11.71 -17.76 -25.30
CA ILE A 296 10.72 -18.44 -26.11
C ILE A 296 11.38 -19.73 -26.59
N LYS A 297 10.71 -20.85 -26.32
CA LYS A 297 11.22 -22.17 -26.71
C LYS A 297 10.23 -22.99 -27.53
N ARG A 298 9.04 -22.42 -27.72
CA ARG A 298 7.94 -23.05 -28.42
C ARG A 298 7.17 -21.96 -29.14
N VAL A 299 6.83 -22.19 -30.41
CA VAL A 299 5.89 -21.31 -31.11
C VAL A 299 4.63 -22.09 -31.53
N PHE A 300 3.49 -21.62 -31.06
CA PHE A 300 2.21 -22.14 -31.50
C PHE A 300 1.63 -21.09 -32.44
N VAL A 301 1.62 -21.42 -33.72
CA VAL A 301 1.14 -20.48 -34.73
C VAL A 301 -0.08 -21.03 -35.47
N GLN A 302 -1.12 -20.22 -35.49
CA GLN A 302 -2.33 -20.50 -36.25
C GLN A 302 -2.01 -20.83 -37.72
N ASP A 303 -2.69 -21.83 -38.27
CA ASP A 303 -2.36 -22.36 -39.59
C ASP A 303 -2.20 -21.28 -40.68
N SER A 304 -3.10 -20.31 -40.68
CA SER A 304 -3.20 -19.34 -41.78
C SER A 304 -1.97 -18.44 -41.95
N VAL A 305 -1.26 -18.17 -40.86
CA VAL A 305 -0.12 -17.25 -40.91
C VAL A 305 1.22 -17.95 -40.75
N ALA A 306 1.16 -19.26 -40.51
CA ALA A 306 2.33 -20.07 -40.23
C ALA A 306 3.40 -20.00 -41.32
N ASP A 307 2.99 -20.21 -42.57
CA ASP A 307 3.89 -20.11 -43.73
C ASP A 307 4.68 -18.81 -43.70
N GLN A 308 3.95 -17.70 -43.62
CA GLN A 308 4.55 -16.38 -43.58
C GLN A 308 5.50 -16.21 -42.38
N LEU A 309 5.00 -16.55 -41.18
CA LEU A 309 5.78 -16.39 -39.94
C LEU A 309 7.09 -17.16 -39.95
N VAL A 310 7.00 -18.41 -40.43
CA VAL A 310 8.14 -19.31 -40.54
C VAL A 310 9.13 -18.81 -41.58
N ALA A 311 8.62 -18.24 -42.68
CA ALA A 311 9.48 -17.49 -43.60
C ALA A 311 10.17 -16.29 -42.91
N ASN A 312 9.41 -15.46 -42.19
CA ASN A 312 9.99 -14.34 -41.43
C ASN A 312 11.06 -14.79 -40.44
N ILE A 313 10.79 -15.90 -39.75
CA ILE A 313 11.70 -16.44 -38.73
C ILE A 313 12.99 -17.00 -39.34
N LYS A 314 12.86 -17.82 -40.38
CA LYS A 314 13.99 -18.37 -41.17
C LYS A 314 14.95 -17.28 -41.64
N GLU A 315 14.37 -16.21 -42.19
CA GLU A 315 15.13 -15.09 -42.72
C GLU A 315 16.03 -14.49 -41.63
N LEU A 316 15.44 -14.19 -40.48
CA LEU A 316 16.19 -13.61 -39.38
C LEU A 316 17.21 -14.57 -38.76
N VAL A 317 16.91 -15.86 -38.72
CA VAL A 317 17.81 -16.87 -38.14
C VAL A 317 19.08 -17.02 -38.97
N GLU A 318 18.93 -16.96 -40.31
CA GLU A 318 20.06 -17.06 -41.22
C GLU A 318 20.97 -15.83 -41.20
N GLN A 319 20.41 -14.70 -40.77
CA GLN A 319 21.18 -13.49 -40.55
C GLN A 319 22.10 -13.67 -39.34
N LEU A 320 21.76 -14.57 -38.41
CA LEU A 320 22.52 -14.75 -37.17
C LEU A 320 23.99 -15.10 -37.34
N THR A 321 24.84 -14.26 -36.74
CA THR A 321 26.29 -14.50 -36.72
C THR A 321 26.54 -15.66 -35.78
N VAL A 322 27.28 -16.66 -36.25
CA VAL A 322 27.55 -17.83 -35.40
C VAL A 322 29.06 -18.05 -35.25
N GLY A 323 29.54 -18.02 -34.01
CA GLY A 323 30.97 -18.16 -33.75
C GLY A 323 31.41 -17.84 -32.33
N SER A 324 32.51 -17.07 -32.22
CA SER A 324 33.23 -16.84 -30.95
C SER A 324 32.56 -15.83 -30.00
N PRO A 325 32.76 -16.02 -28.68
CA PRO A 325 32.32 -15.05 -27.69
C PRO A 325 33.01 -13.68 -27.83
N GLU A 326 34.34 -13.67 -27.99
CA GLU A 326 35.09 -12.42 -28.17
C GLU A 326 34.68 -11.60 -29.39
N ASP A 327 33.95 -12.21 -30.31
CA ASP A 327 33.55 -11.52 -31.55
C ASP A 327 32.13 -11.02 -31.51
N ASP A 328 31.46 -11.21 -30.37
CA ASP A 328 30.06 -10.85 -30.23
C ASP A 328 29.19 -11.51 -31.29
N ALA A 329 29.38 -12.83 -31.45
CA ALA A 329 28.55 -13.65 -32.31
C ALA A 329 27.19 -13.84 -31.67
N ASP A 330 26.14 -13.91 -32.48
CA ASP A 330 24.79 -14.17 -31.97
C ASP A 330 24.72 -15.52 -31.27
N ILE A 331 25.11 -16.56 -31.99
CA ILE A 331 25.19 -17.91 -31.48
C ILE A 331 26.66 -18.24 -31.19
N THR A 332 26.92 -18.63 -29.94
CA THR A 332 28.26 -19.01 -29.50
C THR A 332 28.20 -20.44 -28.98
N PRO A 333 29.36 -21.04 -28.64
CA PRO A 333 29.34 -22.46 -28.24
C PRO A 333 28.54 -22.69 -26.96
N VAL A 334 27.76 -23.77 -26.91
CA VAL A 334 27.02 -24.14 -25.68
C VAL A 334 27.97 -24.64 -24.57
N ILE A 335 27.50 -24.57 -23.33
CA ILE A 335 28.36 -24.71 -22.13
C ILE A 335 29.36 -25.90 -22.08
N ASP A 336 28.89 -27.10 -22.43
CA ASP A 336 29.75 -28.28 -22.43
C ASP A 336 29.32 -29.36 -23.40
N GLU A 337 29.94 -30.53 -23.19
CA GLU A 337 29.77 -31.72 -24.02
C GLU A 337 28.44 -32.38 -23.82
N LYS A 338 28.05 -32.50 -22.55
CA LYS A 338 26.77 -33.08 -22.21
C LYS A 338 25.75 -32.30 -23.00
N SER A 339 25.71 -30.99 -22.74
CA SER A 339 24.67 -30.10 -23.27
C SER A 339 24.43 -30.26 -24.78
N ALA A 340 25.51 -30.18 -25.54
CA ALA A 340 25.46 -30.28 -27.01
C ALA A 340 24.92 -31.62 -27.55
N ALA A 341 25.26 -32.72 -26.87
CA ALA A 341 24.76 -34.04 -27.23
C ALA A 341 23.25 -34.20 -26.95
N PHE A 342 22.80 -33.61 -25.84
CA PHE A 342 21.38 -33.61 -25.46
C PHE A 342 20.56 -32.82 -26.47
N ILE A 343 21.12 -31.73 -26.97
CA ILE A 343 20.46 -30.90 -27.95
C ILE A 343 20.43 -31.64 -29.29
N GLN A 344 21.55 -32.28 -29.65
CA GLN A 344 21.57 -33.13 -30.85
C GLN A 344 20.47 -34.19 -30.81
N GLY A 345 20.30 -34.83 -29.65
CA GLY A 345 19.23 -35.81 -29.45
C GLY A 345 17.85 -35.27 -29.74
N LEU A 346 17.53 -34.11 -29.18
CA LEU A 346 16.22 -33.49 -29.36
C LEU A 346 15.92 -33.18 -30.83
N ILE A 347 16.93 -32.68 -31.53
CA ILE A 347 16.87 -32.36 -32.96
C ILE A 347 16.69 -33.65 -33.73
N ASP A 348 17.49 -34.65 -33.36
CA ASP A 348 17.49 -35.96 -34.00
C ASP A 348 16.13 -36.63 -33.88
N ASP A 349 15.56 -36.65 -32.68
CA ASP A 349 14.23 -37.23 -32.41
C ASP A 349 13.13 -36.59 -33.26
N ALA A 350 13.14 -35.26 -33.35
CA ALA A 350 12.19 -34.50 -34.16
C ALA A 350 12.27 -34.87 -35.64
N LEU A 351 13.49 -34.92 -36.17
CA LEU A 351 13.72 -35.25 -37.59
C LEU A 351 13.26 -36.67 -37.91
N GLU A 352 13.62 -37.61 -37.04
CA GLU A 352 13.22 -39.01 -37.18
C GLU A 352 11.70 -39.25 -37.12
N ASN A 353 10.93 -38.27 -36.64
CA ASN A 353 9.47 -38.42 -36.65
C ASN A 353 8.65 -37.45 -37.54
N GLY A 354 9.29 -36.83 -38.53
CA GLY A 354 8.55 -36.10 -39.58
C GLY A 354 8.67 -34.58 -39.63
N ALA A 355 9.31 -34.00 -38.61
CA ALA A 355 9.56 -32.55 -38.57
C ALA A 355 10.38 -32.08 -39.76
N THR A 356 10.17 -30.82 -40.13
CA THR A 356 10.83 -30.23 -41.28
C THR A 356 11.94 -29.31 -40.75
N LEU A 357 13.17 -29.55 -41.20
CA LEU A 357 14.28 -28.69 -40.83
C LEU A 357 14.37 -27.51 -41.77
N LEU A 358 14.04 -26.33 -41.25
CA LEU A 358 14.06 -25.13 -42.08
C LEU A 358 15.47 -24.57 -42.20
N SER A 359 16.20 -24.61 -41.09
CA SER A 359 17.53 -24.03 -40.99
C SER A 359 18.44 -24.75 -39.99
N GLY A 360 19.70 -24.94 -40.38
CA GLY A 360 20.81 -25.22 -39.46
C GLY A 360 20.85 -26.41 -38.52
N ASN A 361 20.96 -27.63 -39.05
CA ASN A 361 21.29 -28.78 -38.21
C ASN A 361 22.77 -29.10 -38.42
N LYS A 362 23.59 -28.10 -38.11
CA LYS A 362 25.04 -28.16 -38.26
C LYS A 362 25.70 -28.00 -36.89
N ARG A 363 26.64 -28.89 -36.59
CA ARG A 363 27.37 -28.87 -35.33
C ARG A 363 28.88 -28.80 -35.59
N GLN A 364 29.57 -27.97 -34.80
CA GLN A 364 31.03 -27.86 -34.86
C GLN A 364 31.57 -27.98 -33.43
N GLY A 365 31.62 -29.23 -32.97
CA GLY A 365 31.98 -29.52 -31.57
C GLY A 365 30.86 -29.06 -30.67
N ASN A 366 31.13 -28.02 -29.87
CA ASN A 366 30.11 -27.43 -29.02
C ASN A 366 29.47 -26.20 -29.65
N LEU A 367 29.92 -25.82 -30.85
CA LEU A 367 29.34 -24.67 -31.53
C LEU A 367 28.21 -25.15 -32.45
N LEU A 368 26.99 -24.77 -32.08
CA LEU A 368 25.80 -25.35 -32.68
C LEU A 368 25.12 -24.31 -33.53
N SER A 369 24.75 -24.68 -34.76
CA SER A 369 24.04 -23.80 -35.66
C SER A 369 22.61 -23.61 -35.17
N PRO A 370 22.12 -22.35 -35.17
CA PRO A 370 20.73 -22.11 -34.81
C PRO A 370 19.83 -23.01 -35.64
N THR A 371 19.00 -23.82 -34.98
CA THR A 371 18.14 -24.81 -35.64
C THR A 371 16.67 -24.42 -35.58
N LEU A 372 16.05 -24.24 -36.73
CA LEU A 372 14.63 -23.95 -36.80
C LEU A 372 13.88 -25.16 -37.32
N LEU A 373 12.95 -25.67 -36.53
CA LEU A 373 12.18 -26.83 -36.95
C LEU A 373 10.74 -26.44 -37.14
N ASP A 374 10.16 -26.91 -38.23
CA ASP A 374 8.77 -26.64 -38.52
C ASP A 374 8.02 -27.97 -38.46
N ASP A 375 6.69 -27.90 -38.38
CA ASP A 375 5.83 -29.10 -38.41
C ASP A 375 6.09 -30.01 -37.21
N VAL A 376 6.50 -29.42 -36.10
CA VAL A 376 6.76 -30.17 -34.87
C VAL A 376 5.43 -30.60 -34.26
N THR A 377 5.42 -31.77 -33.60
CA THR A 377 4.18 -32.32 -33.02
C THR A 377 4.38 -32.72 -31.55
N PRO A 378 3.27 -32.96 -30.83
CA PRO A 378 3.22 -33.47 -29.46
C PRO A 378 3.99 -34.76 -29.17
N ALA A 379 4.27 -35.55 -30.22
CA ALA A 379 4.97 -36.82 -30.07
C ALA A 379 6.49 -36.65 -30.12
N MET A 380 6.93 -35.41 -30.33
CA MET A 380 8.36 -35.12 -30.37
C MET A 380 8.82 -34.51 -29.07
N ARG A 381 9.97 -34.97 -28.60
CA ARG A 381 10.56 -34.51 -27.35
C ARG A 381 10.75 -32.99 -27.31
N VAL A 382 11.16 -32.42 -28.44
CA VAL A 382 11.50 -31.00 -28.50
C VAL A 382 10.30 -30.06 -28.35
N ALA A 383 9.09 -30.61 -28.44
CA ALA A 383 7.86 -29.90 -28.13
C ALA A 383 7.72 -29.65 -26.62
N TRP A 384 8.48 -30.40 -25.81
CA TRP A 384 8.31 -30.40 -24.35
C TRP A 384 9.55 -30.18 -23.51
N GLU A 385 10.67 -30.77 -23.93
CA GLU A 385 11.87 -30.77 -23.09
C GLU A 385 12.64 -29.49 -23.34
N GLU A 386 13.16 -28.88 -22.27
CA GLU A 386 14.02 -27.70 -22.35
C GLU A 386 15.37 -28.08 -22.97
N PRO A 387 15.77 -27.43 -24.07
CA PRO A 387 17.03 -27.89 -24.68
C PRO A 387 18.25 -27.28 -24.03
N PHE A 388 18.11 -26.00 -23.67
CA PHE A 388 19.20 -25.15 -23.21
C PHE A 388 20.25 -25.07 -24.31
N GLY A 389 19.74 -24.77 -25.50
CA GLY A 389 20.55 -24.63 -26.70
C GLY A 389 19.76 -24.08 -27.88
N PRO A 390 20.47 -23.67 -28.94
CA PRO A 390 19.95 -22.89 -30.07
C PRO A 390 19.03 -23.68 -31.02
N VAL A 391 17.87 -24.07 -30.50
CA VAL A 391 16.87 -24.80 -31.29
C VAL A 391 15.46 -24.25 -30.96
N LEU A 392 14.68 -24.00 -32.01
CA LEU A 392 13.31 -23.52 -31.86
C LEU A 392 12.34 -24.34 -32.72
N PRO A 393 11.32 -24.94 -32.08
CA PRO A 393 10.29 -25.69 -32.78
C PRO A 393 9.04 -24.86 -33.04
N ILE A 394 8.53 -24.96 -34.26
CA ILE A 394 7.27 -24.31 -34.60
C ILE A 394 6.21 -25.38 -34.68
N ILE A 395 5.17 -25.19 -33.91
CA ILE A 395 4.02 -26.08 -33.91
C ILE A 395 2.88 -25.33 -34.56
N ARG A 396 2.25 -25.98 -35.53
CA ARG A 396 1.11 -25.43 -36.22
C ARG A 396 -0.17 -25.87 -35.52
N VAL A 397 -1.07 -24.91 -35.33
CA VAL A 397 -2.21 -25.04 -34.42
C VAL A 397 -3.49 -24.48 -35.08
N LYS A 398 -4.65 -25.08 -34.78
CA LYS A 398 -5.96 -24.61 -35.29
C LYS A 398 -6.32 -23.19 -34.82
N ASP A 399 -6.20 -22.92 -33.51
CA ASP A 399 -6.71 -21.67 -32.91
C ASP A 399 -6.15 -21.37 -31.52
N ALA A 400 -6.58 -20.24 -30.96
CA ALA A 400 -6.19 -19.82 -29.62
C ALA A 400 -6.36 -20.96 -28.65
N ASN A 401 -7.53 -21.62 -28.72
CA ASN A 401 -7.91 -22.72 -27.84
C ASN A 401 -6.91 -23.88 -27.85
N GLU A 402 -6.44 -24.23 -29.03
CA GLU A 402 -5.44 -25.28 -29.13
C GLU A 402 -4.08 -24.81 -28.60
N ALA A 403 -3.72 -23.56 -28.89
CA ALA A 403 -2.49 -22.98 -28.34
C ALA A 403 -2.47 -23.05 -26.80
N ILE A 404 -3.57 -22.67 -26.16
CA ILE A 404 -3.64 -22.67 -24.69
C ILE A 404 -3.47 -24.06 -24.09
N SER A 405 -4.18 -25.03 -24.66
CA SER A 405 -4.14 -26.41 -24.17
C SER A 405 -2.75 -27.01 -24.24
N LEU A 406 -2.06 -26.77 -25.35
CA LEU A 406 -0.70 -27.27 -25.53
C LEU A 406 0.31 -26.52 -24.66
N SER A 407 0.08 -25.21 -24.44
CA SER A 407 0.90 -24.42 -23.50
C SER A 407 0.83 -25.01 -22.08
N ASN A 408 -0.40 -25.17 -21.58
CA ASN A 408 -0.67 -25.71 -20.25
C ASN A 408 -0.35 -27.21 -20.06
N GLN A 409 -0.31 -27.96 -21.16
CA GLN A 409 0.18 -29.35 -21.15
C GLN A 409 1.67 -29.51 -20.77
N SER A 410 2.45 -28.44 -20.86
CA SER A 410 3.84 -28.45 -20.33
C SER A 410 3.90 -28.56 -18.78
N ASP A 411 4.93 -29.24 -18.25
CA ASP A 411 5.22 -29.24 -16.80
C ASP A 411 5.66 -27.84 -16.37
N TYR A 412 6.26 -27.10 -17.29
CA TYR A 412 6.75 -25.74 -17.01
C TYR A 412 5.68 -24.65 -17.04
N GLY A 413 5.92 -23.59 -16.27
CA GLY A 413 5.02 -22.44 -16.17
C GLY A 413 5.79 -21.14 -15.86
N LEU A 414 6.71 -20.78 -16.74
CA LEU A 414 7.55 -19.61 -16.45
C LEU A 414 6.90 -18.34 -17.01
N GLN A 415 7.08 -18.14 -18.31
CA GLN A 415 6.45 -17.00 -18.98
C GLN A 415 5.87 -17.46 -20.31
N ALA A 416 5.10 -16.56 -20.95
CA ALA A 416 4.51 -16.78 -22.26
C ALA A 416 4.41 -15.46 -22.98
N SER A 417 4.36 -15.52 -24.31
CA SER A 417 4.12 -14.37 -25.17
C SER A 417 2.86 -14.57 -26.03
N ILE A 418 2.08 -13.51 -26.24
CA ILE A 418 0.89 -13.58 -27.11
C ILE A 418 0.99 -12.51 -28.19
N PHE A 419 0.94 -12.94 -29.43
CA PHE A 419 1.01 -12.00 -30.55
C PHE A 419 -0.31 -11.89 -31.28
N THR A 420 -0.91 -10.71 -31.16
CA THR A 420 -2.19 -10.39 -31.77
C THR A 420 -2.45 -8.89 -31.63
N LYS A 421 -3.14 -8.29 -32.60
CA LYS A 421 -3.46 -6.85 -32.49
C LYS A 421 -4.62 -6.63 -31.54
N ASP A 422 -5.32 -7.72 -31.21
CA ASP A 422 -6.46 -7.68 -30.29
C ASP A 422 -5.93 -7.77 -28.86
N THR A 423 -5.58 -6.61 -28.32
CA THR A 423 -5.04 -6.48 -26.96
C THR A 423 -5.95 -7.07 -25.89
N ASP A 424 -7.26 -6.82 -26.04
CA ASP A 424 -8.29 -7.34 -25.13
C ASP A 424 -8.31 -8.87 -25.13
N ARG A 425 -8.28 -9.47 -26.32
CA ARG A 425 -8.26 -10.92 -26.44
C ARG A 425 -6.94 -11.48 -25.88
N ALA A 426 -5.83 -10.76 -26.10
CA ALA A 426 -4.53 -11.24 -25.61
C ALA A 426 -4.57 -11.32 -24.10
N ILE A 427 -5.11 -10.27 -23.45
CA ILE A 427 -5.20 -10.26 -22.00
C ILE A 427 -6.03 -11.43 -21.50
N ASN A 428 -7.19 -11.67 -22.12
CA ASN A 428 -8.06 -12.79 -21.74
C ASN A 428 -7.43 -14.15 -21.99
N ILE A 429 -6.65 -14.28 -23.04
CA ILE A 429 -5.95 -15.51 -23.30
C ILE A 429 -4.89 -15.70 -22.23
N GLY A 430 -4.20 -14.61 -21.90
CA GLY A 430 -3.16 -14.61 -20.87
C GLY A 430 -3.65 -15.19 -19.55
N LYS A 431 -4.86 -14.80 -19.14
CA LYS A 431 -5.46 -15.29 -17.89
C LYS A 431 -5.66 -16.82 -17.86
N HIS A 432 -5.74 -17.45 -19.03
CA HIS A 432 -5.91 -18.91 -19.10
C HIS A 432 -4.58 -19.69 -19.25
N LEU A 433 -3.46 -18.97 -19.35
CA LEU A 433 -2.13 -19.58 -19.40
C LEU A 433 -1.51 -19.69 -18.00
N GLU A 434 -1.01 -20.87 -17.68
CA GLU A 434 -0.53 -21.12 -16.31
C GLU A 434 0.97 -20.89 -16.24
N VAL A 435 1.32 -19.61 -16.07
CA VAL A 435 2.69 -19.09 -16.09
C VAL A 435 2.71 -17.89 -15.15
N GLY A 436 3.91 -17.45 -14.76
CA GLY A 436 4.08 -16.26 -13.91
C GLY A 436 3.73 -14.94 -14.59
N THR A 437 4.31 -14.75 -15.80
CA THR A 437 4.26 -13.51 -16.59
C THR A 437 3.85 -13.81 -18.05
N VAL A 438 2.87 -13.07 -18.53
CA VAL A 438 2.46 -13.06 -19.94
C VAL A 438 2.84 -11.70 -20.56
N HIS A 439 3.57 -11.78 -21.67
CA HIS A 439 4.02 -10.62 -22.43
C HIS A 439 3.16 -10.51 -23.67
N ILE A 440 2.53 -9.35 -23.86
CA ILE A 440 1.65 -9.14 -25.00
C ILE A 440 2.47 -8.46 -26.08
N ASN A 441 2.59 -9.11 -27.23
CA ASN A 441 3.29 -8.56 -28.36
C ASN A 441 4.77 -8.25 -28.14
N ALA A 442 5.41 -9.08 -27.31
CA ALA A 442 6.84 -8.95 -27.02
C ALA A 442 7.37 -10.28 -26.44
N LYS A 443 8.70 -10.44 -26.47
CA LYS A 443 9.35 -11.68 -26.05
C LYS A 443 9.28 -11.81 -24.55
N THR A 444 9.47 -13.04 -24.06
CA THR A 444 9.53 -13.27 -22.63
C THR A 444 10.90 -12.76 -22.17
N GLU A 445 10.94 -12.27 -20.92
CA GLU A 445 12.18 -11.76 -20.31
C GLU A 445 12.04 -11.56 -18.78
N ARG A 446 13.16 -11.71 -18.10
CA ARG A 446 13.22 -11.53 -16.65
C ARG A 446 13.09 -10.04 -16.26
N GLY A 447 13.92 -9.19 -16.84
CA GLY A 447 13.88 -7.73 -16.57
C GLY A 447 12.71 -7.03 -17.28
N PRO A 448 12.49 -5.73 -16.97
CA PRO A 448 13.26 -4.90 -16.03
C PRO A 448 13.07 -5.40 -14.60
N ASP A 449 14.13 -5.27 -13.81
CA ASP A 449 14.25 -6.08 -12.59
C ASP A 449 13.36 -5.72 -11.42
N HIS A 450 12.68 -4.57 -11.51
CA HIS A 450 11.64 -4.23 -10.55
C HIS A 450 10.33 -5.00 -10.80
N PHE A 451 10.16 -5.53 -12.01
CA PHE A 451 9.01 -6.38 -12.34
C PHE A 451 9.16 -7.65 -11.51
N PRO A 452 8.06 -8.12 -10.88
CA PRO A 452 8.16 -9.40 -10.17
C PRO A 452 8.51 -10.48 -11.18
N PHE A 453 9.29 -11.47 -10.75
CA PHE A 453 9.69 -12.54 -11.64
C PHE A 453 9.49 -13.88 -10.90
N LEU A 454 8.74 -14.80 -11.52
CA LEU A 454 8.41 -16.08 -10.90
C LEU A 454 7.92 -17.05 -11.95
N GLY A 455 8.06 -18.34 -11.64
CA GLY A 455 7.44 -19.39 -12.40
C GLY A 455 6.57 -20.22 -11.49
N VAL A 456 5.53 -20.79 -12.07
CA VAL A 456 4.71 -21.75 -11.37
C VAL A 456 4.98 -23.15 -11.91
N LYS A 457 4.19 -24.10 -11.40
CA LYS A 457 4.39 -25.52 -11.66
C LYS A 457 5.87 -25.91 -11.48
N LYS A 458 6.49 -26.51 -12.50
CA LYS A 458 7.86 -27.00 -12.37
C LYS A 458 8.91 -25.89 -12.58
N SER A 459 8.46 -24.71 -12.99
CA SER A 459 9.35 -23.59 -13.24
C SER A 459 9.86 -22.89 -11.98
N GLY A 460 9.26 -23.17 -10.82
CA GLY A 460 9.65 -22.41 -9.64
C GLY A 460 8.82 -22.38 -8.38
N LEU A 461 9.35 -21.65 -7.42
CA LEU A 461 8.70 -21.50 -6.13
C LEU A 461 9.08 -20.16 -5.56
N GLY A 462 8.08 -19.48 -5.01
CA GLY A 462 8.21 -18.11 -4.60
C GLY A 462 8.46 -17.12 -5.71
N VAL A 463 8.79 -15.90 -5.32
CA VAL A 463 8.82 -14.75 -6.22
C VAL A 463 10.14 -14.00 -6.13
N GLN A 464 10.65 -13.55 -7.27
CA GLN A 464 11.82 -12.69 -7.26
C GLN A 464 11.49 -11.32 -7.90
N GLY A 465 12.52 -10.56 -8.24
CA GLY A 465 12.34 -9.16 -8.61
C GLY A 465 12.75 -8.37 -7.39
N ILE A 466 13.06 -7.09 -7.54
CA ILE A 466 13.67 -6.31 -6.46
C ILE A 466 12.93 -6.44 -5.12
N LYS A 467 11.68 -5.97 -5.09
CA LYS A 467 10.87 -5.94 -3.87
C LYS A 467 10.40 -7.31 -3.38
N PRO A 468 9.88 -8.15 -4.29
CA PRO A 468 9.54 -9.48 -3.83
C PRO A 468 10.71 -10.23 -3.21
N SER A 469 11.94 -9.96 -3.65
CA SER A 469 13.07 -10.68 -3.10
C SER A 469 13.38 -10.24 -1.68
N LEU A 470 13.40 -8.93 -1.48
CA LEU A 470 13.54 -8.31 -0.17
C LEU A 470 12.56 -8.89 0.83
N LEU A 471 11.31 -9.02 0.38
CA LEU A 471 10.25 -9.59 1.19
C LEU A 471 10.56 -11.05 1.58
N SER A 472 11.04 -11.83 0.61
CA SER A 472 11.32 -13.25 0.85
C SER A 472 12.47 -13.50 1.85
N MET A 473 13.26 -12.45 2.09
CA MET A 473 14.48 -12.50 2.91
C MET A 473 14.19 -12.10 4.36
N THR A 474 12.95 -11.75 4.65
CA THR A 474 12.58 -11.27 5.97
C THR A 474 11.29 -11.90 6.50
N ARG A 475 11.05 -11.80 7.80
CA ARG A 475 9.71 -12.09 8.30
C ARG A 475 9.19 -10.95 9.17
N GLU A 476 7.90 -11.03 9.42
CA GLU A 476 7.26 -10.04 10.25
C GLU A 476 7.69 -10.22 11.69
N ARG A 477 7.91 -9.08 12.36
CA ARG A 477 8.09 -9.05 13.80
C ARG A 477 7.00 -8.13 14.31
N VAL A 478 6.16 -8.61 15.21
CA VAL A 478 5.09 -7.76 15.75
C VAL A 478 5.38 -7.38 17.18
N THR A 479 5.12 -6.12 17.51
CA THR A 479 5.16 -5.65 18.87
C THR A 479 3.79 -5.02 19.12
N VAL A 480 3.12 -5.49 20.17
CA VAL A 480 1.79 -5.05 20.49
C VAL A 480 1.87 -4.21 21.77
N LEU A 481 1.52 -2.93 21.67
CA LEU A 481 1.44 -2.04 22.82
C LEU A 481 0.02 -2.00 23.33
N ASN A 482 -0.11 -1.80 24.63
CA ASN A 482 -1.41 -1.62 25.22
C ASN A 482 -1.38 -0.41 26.13
N LEU A 483 -2.11 0.62 25.72
CA LEU A 483 -2.04 1.93 26.34
C LEU A 483 -2.99 2.04 27.54
N GLN B 9 28.98 42.71 -6.79
CA GLN B 9 27.64 42.34 -6.27
C GLN B 9 26.68 41.78 -7.33
N PHE B 10 25.51 41.30 -6.88
CA PHE B 10 24.66 40.44 -7.70
C PHE B 10 23.36 41.10 -8.19
N ASN B 11 23.44 41.77 -9.34
CA ASN B 11 22.28 42.37 -9.98
C ASN B 11 21.58 41.36 -10.88
N ALA B 12 20.76 40.54 -10.24
CA ALA B 12 20.23 39.32 -10.81
C ALA B 12 19.15 39.51 -11.91
N ASN B 13 19.06 38.51 -12.77
CA ASN B 13 18.05 38.45 -13.81
C ASN B 13 17.12 37.34 -13.41
N ILE B 14 15.95 37.28 -14.03
CA ILE B 14 15.03 36.19 -13.75
C ILE B 14 14.87 35.30 -14.97
N LEU B 15 14.35 34.11 -14.75
CA LEU B 15 14.19 33.15 -15.82
C LEU B 15 12.79 33.15 -16.38
N ARG B 16 12.66 33.38 -17.69
CA ARG B 16 11.38 33.16 -18.38
C ARG B 16 11.61 32.49 -19.76
N ASN B 17 10.96 31.35 -19.97
CA ASN B 17 11.10 30.62 -21.26
C ASN B 17 12.56 30.33 -21.59
N GLY B 18 13.33 29.93 -20.57
CA GLY B 18 14.75 29.58 -20.73
C GLY B 18 15.75 30.72 -20.90
N GLU B 19 15.26 31.96 -20.86
CA GLU B 19 16.11 33.12 -20.99
C GLU B 19 16.18 33.92 -19.70
N TRP B 20 17.36 34.45 -19.45
CA TRP B 20 17.57 35.29 -18.30
C TRP B 20 17.37 36.74 -18.73
N VAL B 21 16.45 37.42 -18.05
CA VAL B 21 16.09 38.80 -18.41
C VAL B 21 15.90 39.70 -17.20
N GLU B 22 15.75 41.00 -17.48
CA GLU B 22 15.35 42.01 -16.48
C GLU B 22 13.92 42.48 -16.83
N SER B 23 13.34 43.39 -16.05
CA SER B 23 11.95 43.81 -16.27
C SER B 23 11.78 44.83 -17.38
N ARG B 24 10.73 44.64 -18.18
CA ARG B 24 10.28 45.64 -19.12
C ARG B 24 9.90 46.96 -18.43
N THR B 25 9.60 46.91 -17.13
CA THR B 25 9.34 48.14 -16.37
C THR B 25 10.59 49.00 -16.22
N GLY B 26 11.76 48.38 -16.36
CA GLY B 26 13.02 49.08 -16.11
C GLY B 26 13.30 49.28 -14.62
N GLU B 27 12.49 48.67 -13.77
CA GLU B 27 12.63 48.86 -12.32
C GLU B 27 13.32 47.70 -11.67
N ARG B 28 14.10 47.97 -10.61
CA ARG B 28 14.68 46.92 -9.75
C ARG B 28 14.43 47.17 -8.26
N ILE B 29 14.54 46.10 -7.49
CA ILE B 29 14.40 46.12 -6.05
C ILE B 29 15.73 45.77 -5.44
N SER B 30 16.26 46.65 -4.58
CA SER B 30 17.59 46.46 -4.01
C SER B 30 17.58 45.53 -2.80
N ILE B 31 18.56 44.63 -2.74
CA ILE B 31 18.65 43.66 -1.64
C ILE B 31 19.91 43.90 -0.83
N SER B 32 19.75 43.94 0.50
CA SER B 32 20.85 44.22 1.40
C SER B 32 21.13 43.01 2.32
N ALA B 33 22.37 42.92 2.81
CA ALA B 33 22.73 41.93 3.84
C ALA B 33 22.31 42.40 5.24
N PRO B 34 21.42 41.65 5.90
CA PRO B 34 20.86 42.02 7.21
C PRO B 34 21.85 42.18 8.38
N ALA B 35 23.01 41.51 8.30
CA ALA B 35 24.04 41.64 9.34
C ALA B 35 24.83 42.96 9.28
N SER B 36 24.96 43.51 8.08
CA SER B 36 25.79 44.68 7.86
C SER B 36 25.01 45.89 7.33
N GLY B 37 23.79 45.69 6.86
CA GLY B 37 23.01 46.75 6.18
C GLY B 37 23.63 47.31 4.90
N VAL B 38 24.61 46.57 4.35
CA VAL B 38 25.30 46.91 3.13
C VAL B 38 24.61 46.24 1.92
N ALA B 39 24.63 46.88 0.75
CA ALA B 39 23.98 46.34 -0.46
C ALA B 39 24.61 45.05 -1.00
N LEU B 40 23.77 44.06 -1.27
CA LEU B 40 24.22 42.78 -1.80
C LEU B 40 23.90 42.58 -3.27
N GLY B 41 22.69 42.95 -3.67
CA GLY B 41 22.31 42.87 -5.10
C GLY B 41 20.98 43.50 -5.37
N SER B 42 20.28 42.98 -6.37
CA SER B 42 18.94 43.43 -6.73
C SER B 42 18.26 42.48 -7.69
N ILE B 43 16.94 42.58 -7.75
CA ILE B 43 16.14 41.72 -8.61
C ILE B 43 15.23 42.59 -9.47
N PRO B 44 14.83 42.08 -10.64
CA PRO B 44 13.78 42.79 -11.39
C PRO B 44 12.47 42.97 -10.60
N ALA B 45 11.82 44.12 -10.73
CA ALA B 45 10.47 44.31 -10.21
C ALA B 45 9.46 44.15 -11.36
N LEU B 46 9.04 42.92 -11.60
CA LEU B 46 8.19 42.59 -12.74
C LEU B 46 6.81 43.23 -12.65
N SER B 47 6.17 43.30 -13.81
CA SER B 47 4.83 43.79 -13.96
C SER B 47 3.86 42.61 -13.96
N GLN B 48 2.57 42.93 -13.86
CA GLN B 48 1.55 41.88 -13.94
C GLN B 48 1.59 41.24 -15.31
N GLU B 49 1.86 42.05 -16.33
CA GLU B 49 2.00 41.59 -17.70
C GLU B 49 3.20 40.63 -17.81
N GLU B 50 4.33 40.90 -17.15
CA GLU B 50 5.42 39.90 -17.15
C GLU B 50 5.09 38.62 -16.38
N VAL B 51 4.22 38.73 -15.38
CA VAL B 51 3.69 37.54 -14.72
C VAL B 51 2.85 36.70 -15.69
N ASN B 52 1.96 37.33 -16.45
CA ASN B 52 1.18 36.60 -17.47
C ASN B 52 2.03 35.80 -18.46
N ASP B 53 3.18 36.37 -18.86
CA ASP B 53 4.07 35.76 -19.85
C ASP B 53 4.69 34.52 -19.25
N ALA B 54 5.25 34.71 -18.07
CA ALA B 54 5.74 33.60 -17.25
C ALA B 54 4.66 32.48 -17.14
N ILE B 55 3.45 32.84 -16.79
CA ILE B 55 2.42 31.81 -16.57
C ILE B 55 2.06 31.13 -17.89
N GLN B 56 1.99 31.91 -18.97
CA GLN B 56 1.68 31.36 -20.28
C GLN B 56 2.78 30.45 -20.81
N GLY B 57 4.05 30.83 -20.61
CA GLY B 57 5.18 29.98 -21.00
C GLY B 57 5.18 28.67 -20.24
N ALA B 58 4.83 28.75 -18.95
CA ALA B 58 4.78 27.60 -18.09
C ALA B 58 3.71 26.60 -18.57
N LYS B 59 2.56 27.12 -18.99
CA LYS B 59 1.43 26.26 -19.37
C LYS B 59 1.76 25.55 -20.69
N ASP B 60 2.24 26.33 -21.68
CA ASP B 60 2.75 25.78 -22.95
C ASP B 60 3.79 24.66 -22.77
N ALA B 61 4.84 24.94 -21.98
CA ALA B 61 5.92 23.98 -21.72
C ALA B 61 5.45 22.73 -20.98
N GLN B 62 4.41 22.88 -20.15
CA GLN B 62 3.86 21.74 -19.41
C GLN B 62 3.32 20.66 -20.35
N LYS B 63 2.68 21.08 -21.43
CA LYS B 63 2.13 20.15 -22.41
C LYS B 63 3.20 19.25 -22.99
N ILE B 64 4.42 19.75 -23.12
CA ILE B 64 5.55 18.97 -23.63
C ILE B 64 6.24 18.24 -22.47
N TRP B 65 6.40 18.94 -21.35
CA TRP B 65 7.05 18.38 -20.17
C TRP B 65 6.31 17.15 -19.70
N LYS B 66 4.97 17.24 -19.59
CA LYS B 66 4.19 16.16 -18.96
C LYS B 66 4.25 14.82 -19.72
N ILE B 67 4.64 14.86 -20.98
CA ILE B 67 4.68 13.66 -21.86
C ILE B 67 6.02 12.94 -21.71
N ARG B 68 7.02 13.65 -21.17
CA ARG B 68 8.33 13.06 -20.94
C ARG B 68 8.20 11.82 -20.05
N PRO B 69 8.90 10.73 -20.42
CA PRO B 69 8.96 9.54 -19.58
C PRO B 69 9.52 9.89 -18.20
N ILE B 70 9.01 9.25 -17.16
CA ILE B 70 9.40 9.56 -15.77
C ILE B 70 10.92 9.61 -15.54
N HIS B 71 11.63 8.63 -16.07
CA HIS B 71 13.09 8.52 -15.88
C HIS B 71 13.84 9.75 -16.36
N GLU B 72 13.26 10.46 -17.35
CA GLU B 72 13.87 11.69 -17.86
C GLU B 72 13.63 12.85 -16.89
N ARG B 73 12.43 12.91 -16.32
CA ARG B 73 12.12 13.91 -15.32
C ARG B 73 12.94 13.68 -14.06
N VAL B 74 13.06 12.42 -13.66
CA VAL B 74 13.90 12.00 -12.55
C VAL B 74 15.38 12.34 -12.81
N ASP B 75 15.87 12.10 -14.03
CA ASP B 75 17.26 12.43 -14.41
C ASP B 75 17.58 13.95 -14.31
N LEU B 76 16.59 14.81 -14.57
CA LEU B 76 16.82 16.26 -14.40
C LEU B 76 17.03 16.66 -12.94
N LEU B 77 16.20 16.13 -12.04
CA LEU B 77 16.35 16.30 -10.58
C LEU B 77 17.74 15.91 -10.10
N TYR B 78 18.24 14.75 -10.55
CA TYR B 78 19.59 14.30 -10.20
C TYR B 78 20.68 15.23 -10.67
N ALA B 79 20.57 15.64 -11.92
CA ALA B 79 21.52 16.60 -12.47
C ALA B 79 21.46 17.88 -11.64
N TRP B 80 20.26 18.33 -11.29
CA TRP B 80 20.09 19.57 -10.54
C TRP B 80 20.78 19.47 -9.17
N ALA B 81 20.46 18.40 -8.45
CA ALA B 81 21.01 18.17 -7.11
C ALA B 81 22.54 18.06 -7.08
N ASP B 82 23.11 17.36 -8.06
CA ASP B 82 24.57 17.24 -8.17
C ASP B 82 25.24 18.58 -8.35
N LEU B 83 24.66 19.43 -9.21
CA LEU B 83 25.20 20.78 -9.43
C LEU B 83 25.05 21.66 -8.18
N LEU B 84 23.89 21.61 -7.52
CA LEU B 84 23.69 22.24 -6.23
C LEU B 84 24.75 21.87 -5.21
N GLU B 85 24.82 20.58 -4.89
CA GLU B 85 25.83 20.07 -3.97
C GLU B 85 27.25 20.56 -4.33
N GLU B 86 27.56 20.57 -5.62
CA GLU B 86 28.82 21.06 -6.19
C GLU B 86 29.10 22.56 -5.92
N ARG B 87 28.04 23.35 -5.83
CA ARG B 87 28.15 24.79 -5.65
C ARG B 87 27.74 25.21 -4.24
N LYS B 88 27.84 24.27 -3.29
CA LYS B 88 27.30 24.47 -1.94
C LYS B 88 28.02 25.57 -1.16
N GLU B 89 29.32 25.70 -1.38
CA GLU B 89 30.12 26.79 -0.82
C GLU B 89 29.63 28.15 -1.35
N ILE B 90 29.49 28.28 -2.67
CA ILE B 90 29.01 29.53 -3.27
C ILE B 90 27.58 29.91 -2.86
N ILE B 91 26.64 28.97 -2.97
CA ILE B 91 25.26 29.26 -2.64
C ILE B 91 25.09 29.48 -1.12
N GLY B 92 25.79 28.65 -0.34
CA GLY B 92 25.78 28.79 1.11
C GLY B 92 26.24 30.15 1.57
N GLU B 93 27.35 30.62 0.99
CA GLU B 93 27.83 31.98 1.29
C GLU B 93 26.77 33.02 0.98
N LEU B 94 26.08 32.90 -0.16
CA LEU B 94 25.06 33.91 -0.52
C LEU B 94 23.83 33.89 0.43
N ILE B 95 23.38 32.70 0.81
CA ILE B 95 22.36 32.54 1.85
C ILE B 95 22.77 33.22 3.18
N MET B 96 23.90 32.76 3.71
CA MET B 96 24.57 33.41 4.84
C MET B 96 24.47 34.95 4.80
N HIS B 97 24.81 35.57 3.67
CA HIS B 97 24.80 37.04 3.54
C HIS B 97 23.41 37.64 3.35
N GLU B 98 22.59 36.98 2.55
CA GLU B 98 21.24 37.45 2.23
C GLU B 98 20.27 37.37 3.40
N VAL B 99 20.43 36.37 4.28
CA VAL B 99 19.47 36.17 5.37
C VAL B 99 20.08 35.98 6.78
N ALA B 100 21.40 36.21 6.89
CA ALA B 100 22.13 36.25 8.17
C ALA B 100 22.09 34.88 8.84
N LYS B 101 22.12 33.85 8.01
CA LYS B 101 22.19 32.48 8.49
C LYS B 101 23.64 32.12 8.78
N PRO B 102 23.92 31.58 9.98
CA PRO B 102 25.24 31.06 10.36
C PRO B 102 25.87 30.28 9.20
N LYS B 103 27.15 30.53 8.92
CA LYS B 103 27.86 29.98 7.76
C LYS B 103 27.67 28.48 7.46
N LYS B 104 27.91 27.63 8.46
CA LYS B 104 27.84 26.18 8.27
C LYS B 104 26.41 25.67 8.08
N SER B 105 25.45 26.39 8.64
CA SER B 105 24.04 26.06 8.48
C SER B 105 23.50 26.47 7.11
N ALA B 106 24.06 27.56 6.56
CA ALA B 106 23.68 28.03 5.22
C ALA B 106 24.21 27.03 4.19
N ILE B 107 25.47 26.61 4.34
CA ILE B 107 26.02 25.58 3.49
C ILE B 107 25.26 24.26 3.72
N GLY B 108 24.95 23.94 4.98
CA GLY B 108 24.17 22.75 5.31
C GLY B 108 22.81 22.76 4.64
N GLU B 109 22.18 23.94 4.57
CA GLU B 109 20.92 24.10 3.83
C GLU B 109 21.05 23.57 2.40
N VAL B 110 22.15 23.89 1.71
CA VAL B 110 22.24 23.49 0.31
C VAL B 110 22.41 21.97 0.26
N SER B 111 23.26 21.45 1.15
CA SER B 111 23.45 20.01 1.29
C SER B 111 22.12 19.28 1.45
N ARG B 112 21.31 19.76 2.38
CA ARG B 112 19.98 19.22 2.63
C ARG B 112 19.07 19.37 1.41
N THR B 113 19.18 20.52 0.72
CA THR B 113 18.39 20.70 -0.50
C THR B 113 18.76 19.63 -1.52
N ALA B 114 20.05 19.41 -1.77
CA ALA B 114 20.43 18.42 -2.79
C ALA B 114 19.92 17.03 -2.42
N ASP B 115 19.93 16.73 -1.12
CA ASP B 115 19.37 15.45 -0.64
C ASP B 115 17.87 15.34 -0.83
N ILE B 116 17.14 16.42 -0.53
CA ILE B 116 15.68 16.44 -0.68
C ILE B 116 15.28 16.20 -2.15
N ILE B 117 16.08 16.77 -3.04
CA ILE B 117 15.81 16.68 -4.46
C ILE B 117 15.95 15.22 -4.92
N ARG B 118 17.03 14.55 -4.51
CA ARG B 118 17.28 13.15 -4.85
C ARG B 118 16.25 12.14 -4.30
N HIS B 119 15.91 12.27 -3.03
CA HIS B 119 14.87 11.47 -2.39
C HIS B 119 13.51 11.60 -3.06
N THR B 120 13.12 12.83 -3.39
CA THR B 120 11.91 13.13 -4.15
C THR B 120 11.94 12.45 -5.54
N ALA B 121 13.10 12.56 -6.21
CA ALA B 121 13.31 11.87 -7.46
C ALA B 121 13.19 10.36 -7.24
N ASP B 122 13.91 9.84 -6.23
CA ASP B 122 13.82 8.42 -5.88
C ASP B 122 12.36 8.00 -5.65
N GLU B 123 11.63 8.78 -4.85
CA GLU B 123 10.23 8.44 -4.52
C GLU B 123 9.33 8.50 -5.75
N ALA B 124 9.52 9.51 -6.60
CA ALA B 124 8.65 9.68 -7.79
C ALA B 124 8.84 8.49 -8.74
N LEU B 125 10.03 7.91 -8.71
CA LEU B 125 10.40 6.76 -9.54
C LEU B 125 9.66 5.51 -9.10
N ARG B 126 9.33 5.45 -7.82
CA ARG B 126 8.70 4.27 -7.20
C ARG B 126 7.22 4.49 -6.94
N LEU B 127 6.63 5.44 -7.67
CA LEU B 127 5.21 5.65 -7.65
C LEU B 127 4.60 4.63 -8.58
N ASN B 128 3.94 3.63 -8.01
CA ASN B 128 3.27 2.62 -8.82
C ASN B 128 1.81 3.03 -8.95
N GLY B 129 1.19 2.74 -10.09
CA GLY B 129 -0.26 2.92 -10.22
C GLY B 129 -1.03 1.78 -9.57
N GLU B 130 -2.35 1.86 -9.60
CA GLU B 130 -3.19 0.75 -9.11
C GLU B 130 -4.29 0.31 -10.09
N THR B 131 -4.61 -0.97 -10.05
CA THR B 131 -5.71 -1.53 -10.83
C THR B 131 -6.82 -1.99 -9.91
N LEU B 132 -8.06 -1.79 -10.36
CA LEU B 132 -9.25 -2.15 -9.61
C LEU B 132 -10.19 -2.83 -10.56
N LYS B 133 -10.73 -3.96 -10.12
CA LYS B 133 -11.71 -4.71 -10.90
C LYS B 133 -13.10 -4.25 -10.47
N GLY B 134 -14.01 -4.13 -11.40
CA GLY B 134 -15.36 -3.83 -11.03
C GLY B 134 -15.86 -5.04 -10.33
N ASP B 135 -16.57 -4.92 -9.26
CA ASP B 135 -16.92 -6.16 -8.56
C ASP B 135 -15.90 -6.62 -7.51
N GLN B 136 -14.91 -5.81 -7.28
CA GLN B 136 -14.34 -5.57 -6.04
C GLN B 136 -15.37 -4.80 -5.28
N PHE B 137 -16.47 -4.49 -5.93
CA PHE B 137 -17.60 -3.84 -5.31
C PHE B 137 -18.82 -4.60 -5.71
N LYS B 138 -19.79 -4.70 -4.83
CA LYS B 138 -21.06 -5.36 -5.16
C LYS B 138 -21.87 -4.51 -6.13
N GLY B 139 -22.37 -5.08 -7.23
CA GLY B 139 -21.92 -6.32 -7.84
C GLY B 139 -21.44 -5.83 -9.21
N GLY B 140 -20.20 -5.35 -9.23
CA GLY B 140 -19.61 -4.77 -10.43
C GLY B 140 -19.37 -5.82 -11.48
N SER B 141 -19.09 -5.38 -12.71
CA SER B 141 -19.13 -6.27 -13.87
C SER B 141 -18.27 -7.53 -13.77
N SER B 142 -17.03 -7.37 -13.32
CA SER B 142 -15.97 -8.36 -13.51
C SER B 142 -15.57 -8.15 -14.96
N LYS B 143 -14.28 -8.26 -15.23
CA LYS B 143 -13.78 -7.92 -16.57
C LYS B 143 -14.09 -6.48 -17.06
N LYS B 144 -14.28 -5.58 -16.10
CA LYS B 144 -14.04 -4.15 -16.29
C LYS B 144 -12.85 -3.87 -15.37
N ILE B 145 -11.83 -3.20 -15.88
CA ILE B 145 -10.64 -2.88 -15.08
C ILE B 145 -10.17 -1.44 -15.21
N ALA B 146 -10.16 -0.75 -14.08
CA ALA B 146 -9.63 0.60 -14.00
C ALA B 146 -8.15 0.54 -13.70
N LEU B 147 -7.40 1.33 -14.47
CA LEU B 147 -5.98 1.59 -14.21
C LEU B 147 -5.89 3.02 -13.72
N VAL B 148 -5.31 3.19 -12.55
CA VAL B 148 -5.21 4.47 -11.88
C VAL B 148 -3.74 4.85 -11.80
N GLU B 149 -3.45 6.10 -12.19
CA GLU B 149 -2.11 6.67 -12.18
C GLU B 149 -2.23 8.11 -11.71
N ARG B 150 -1.09 8.73 -11.41
CA ARG B 150 -1.05 10.11 -10.95
C ARG B 150 -0.80 11.00 -12.16
N GLU B 151 -1.62 12.04 -12.33
CA GLU B 151 -1.47 12.98 -13.41
C GLU B 151 -1.13 14.35 -12.81
N PRO B 152 -0.22 15.11 -13.45
CA PRO B 152 0.09 16.45 -12.96
C PRO B 152 -1.12 17.38 -13.03
N LEU B 153 -1.18 18.34 -12.11
CA LEU B 153 -2.22 19.35 -12.06
C LEU B 153 -2.15 20.42 -13.16
N GLY B 154 -0.95 20.79 -13.61
CA GLY B 154 -0.77 21.87 -14.58
C GLY B 154 0.42 22.76 -14.25
N VAL B 155 0.13 23.99 -13.87
CA VAL B 155 1.15 24.95 -13.44
C VAL B 155 1.03 25.22 -11.94
N VAL B 156 2.14 24.97 -11.26
CA VAL B 156 2.29 25.04 -9.81
C VAL B 156 2.92 26.37 -9.43
N LEU B 157 2.22 27.20 -8.68
CA LEU B 157 2.85 28.37 -8.07
C LEU B 157 3.49 27.99 -6.72
N ALA B 158 4.83 28.02 -6.68
CA ALA B 158 5.56 27.80 -5.43
C ALA B 158 6.05 29.11 -4.77
N ILE B 159 5.61 29.35 -3.53
CA ILE B 159 5.98 30.59 -2.86
C ILE B 159 6.76 30.27 -1.61
N SER B 160 8.05 30.67 -1.59
CA SER B 160 8.96 30.29 -0.51
C SER B 160 9.31 31.43 0.47
N PRO B 161 9.83 31.06 1.66
CA PRO B 161 10.04 32.13 2.62
C PRO B 161 11.49 32.58 2.66
N PHE B 162 11.79 33.60 3.46
CA PHE B 162 13.16 34.12 3.60
C PHE B 162 14.08 33.20 4.38
N ASN B 163 13.53 32.39 5.28
CA ASN B 163 14.34 31.69 6.28
C ASN B 163 15.01 30.42 5.80
N TYR B 164 14.43 29.80 4.78
CA TYR B 164 15.04 28.69 4.07
C TYR B 164 14.81 28.95 2.56
N PRO B 165 15.64 29.80 1.95
CA PRO B 165 15.27 30.32 0.62
C PRO B 165 15.69 29.40 -0.54
N VAL B 166 16.40 28.33 -0.19
CA VAL B 166 16.73 27.27 -1.14
C VAL B 166 15.92 26.03 -0.76
N ASN B 167 16.19 25.49 0.43
CA ASN B 167 15.51 24.33 1.01
C ASN B 167 14.01 24.38 0.80
N LEU B 168 13.37 25.46 1.21
CA LEU B 168 11.92 25.52 1.09
C LEU B 168 11.49 26.02 -0.29
N ALA B 169 12.45 26.35 -1.14
CA ALA B 169 12.14 26.60 -2.55
C ALA B 169 12.17 25.26 -3.28
N ALA B 170 13.28 24.55 -3.19
CA ALA B 170 13.40 23.23 -3.81
C ALA B 170 12.42 22.16 -3.30
N ALA B 171 12.01 22.23 -2.04
CA ALA B 171 11.04 21.26 -1.52
C ALA B 171 9.68 21.31 -2.23
N LYS B 172 9.37 22.47 -2.82
CA LYS B 172 8.15 22.67 -3.59
C LYS B 172 8.40 22.38 -5.06
N ILE B 173 9.56 22.79 -5.56
CA ILE B 173 9.85 22.73 -6.98
C ILE B 173 10.12 21.28 -7.46
N ALA B 174 11.00 20.57 -6.75
CA ALA B 174 11.32 19.20 -7.12
C ALA B 174 10.10 18.27 -7.20
N PRO B 175 9.18 18.29 -6.20
CA PRO B 175 8.04 17.38 -6.44
C PRO B 175 7.15 17.79 -7.62
N ALA B 176 6.92 19.09 -7.81
CA ALA B 176 6.10 19.58 -8.91
C ALA B 176 6.64 19.18 -10.25
N LEU B 177 7.94 19.44 -10.47
CA LEU B 177 8.52 19.20 -11.78
C LEU B 177 8.53 17.70 -12.11
N VAL B 178 8.90 16.89 -11.12
CA VAL B 178 9.17 15.46 -11.34
C VAL B 178 7.91 14.71 -11.68
N THR B 179 6.81 15.15 -11.08
CA THR B 179 5.48 14.63 -11.38
C THR B 179 4.83 15.22 -12.66
N GLY B 180 5.53 16.12 -13.37
CA GLY B 180 5.04 16.52 -14.71
C GLY B 180 4.33 17.87 -14.79
N ASN B 181 4.37 18.62 -13.69
CA ASN B 181 3.91 20.01 -13.62
C ASN B 181 5.02 20.94 -14.07
N THR B 182 4.69 22.21 -14.30
CA THR B 182 5.71 23.24 -14.45
C THR B 182 5.49 24.15 -13.28
N VAL B 183 6.43 25.05 -13.04
CA VAL B 183 6.40 25.84 -11.82
C VAL B 183 6.62 27.29 -12.12
N VAL B 184 5.81 28.14 -11.51
CA VAL B 184 6.16 29.54 -11.45
C VAL B 184 6.64 29.79 -10.04
N PHE B 185 7.90 30.21 -9.89
CA PHE B 185 8.55 30.31 -8.58
C PHE B 185 8.62 31.75 -8.14
N LYS B 186 8.01 32.01 -6.98
CA LYS B 186 7.99 33.34 -6.34
C LYS B 186 8.70 33.23 -5.01
N PRO B 187 9.99 33.55 -5.00
CA PRO B 187 10.67 33.54 -3.73
C PRO B 187 10.33 34.80 -2.97
N ALA B 188 10.50 34.70 -1.64
CA ALA B 188 10.54 35.88 -0.79
C ALA B 188 11.59 36.82 -1.37
N THR B 189 11.30 38.11 -1.37
CA THR B 189 12.16 39.11 -1.95
C THR B 189 13.50 38.99 -1.27
N GLN B 190 13.48 38.94 0.06
CA GLN B 190 14.68 38.75 0.82
C GLN B 190 14.91 37.25 0.79
N GLY B 191 15.98 36.82 0.12
CA GLY B 191 16.19 35.41 -0.19
C GLY B 191 16.06 35.10 -1.68
N SER B 192 15.64 36.10 -2.45
CA SER B 192 15.52 36.01 -3.91
C SER B 192 16.80 35.65 -4.64
N LEU B 193 17.92 36.26 -4.23
CA LEU B 193 19.20 36.00 -4.85
C LEU B 193 19.65 34.56 -4.68
N SER B 194 19.43 34.02 -3.48
CA SER B 194 19.70 32.62 -3.17
C SER B 194 18.84 31.71 -4.01
N GLY B 195 17.58 32.11 -4.17
CA GLY B 195 16.63 31.34 -4.98
C GLY B 195 17.00 31.36 -6.44
N ILE B 196 17.47 32.50 -6.92
CA ILE B 196 17.85 32.59 -8.33
C ILE B 196 19.06 31.68 -8.60
N LYS B 197 20.05 31.72 -7.72
CA LYS B 197 21.24 30.85 -7.79
C LYS B 197 20.91 29.35 -7.78
N MET B 198 19.95 28.95 -6.94
CA MET B 198 19.40 27.61 -6.97
C MET B 198 18.78 27.30 -8.36
N VAL B 199 18.00 28.24 -8.92
CA VAL B 199 17.40 28.03 -10.25
C VAL B 199 18.46 27.98 -11.37
N GLU B 200 19.50 28.79 -11.25
CA GLU B 200 20.61 28.74 -12.21
C GLU B 200 21.14 27.32 -12.37
N ALA B 201 21.37 26.63 -11.26
CA ALA B 201 21.76 25.20 -11.27
C ALA B 201 20.76 24.34 -12.05
N LEU B 202 19.47 24.55 -11.78
CA LEU B 202 18.43 23.81 -12.46
C LEU B 202 18.50 24.10 -13.96
N ALA B 203 18.76 25.35 -14.32
CA ALA B 203 18.83 25.72 -15.72
C ALA B 203 20.10 25.11 -16.35
N ASP B 204 21.23 25.25 -15.65
CA ASP B 204 22.52 24.66 -16.08
C ASP B 204 22.41 23.15 -16.15
N ALA B 205 21.51 22.58 -15.36
CA ALA B 205 21.32 21.14 -15.36
C ALA B 205 20.58 20.71 -16.62
N GLY B 206 20.01 21.69 -17.30
CA GLY B 206 19.37 21.44 -18.59
C GLY B 206 17.85 21.43 -18.54
N ALA B 207 17.25 22.18 -17.60
CA ALA B 207 15.79 22.29 -17.57
C ALA B 207 15.32 22.80 -18.93
N PRO B 208 14.31 22.15 -19.54
CA PRO B 208 13.83 22.72 -20.81
C PRO B 208 13.16 24.09 -20.61
N GLU B 209 13.04 24.85 -21.69
CA GLU B 209 12.51 26.20 -21.64
C GLU B 209 11.06 26.25 -21.14
N GLY B 210 10.83 27.05 -20.10
CA GLY B 210 9.50 27.28 -19.58
C GLY B 210 9.01 26.37 -18.47
N ILE B 211 9.76 25.33 -18.11
CA ILE B 211 9.27 24.43 -17.05
C ILE B 211 9.40 25.02 -15.61
N ILE B 212 10.36 25.91 -15.45
CA ILE B 212 10.57 26.69 -14.25
C ILE B 212 10.64 28.17 -14.70
N GLN B 213 9.76 29.01 -14.15
CA GLN B 213 9.80 30.45 -14.38
C GLN B 213 10.00 31.14 -13.01
N VAL B 214 10.80 32.19 -12.95
CA VAL B 214 11.05 32.90 -11.68
C VAL B 214 10.37 34.26 -11.73
N VAL B 215 9.49 34.56 -10.75
CA VAL B 215 8.83 35.88 -10.65
C VAL B 215 9.26 36.64 -9.40
N THR B 216 9.62 37.92 -9.56
CA THR B 216 10.07 38.78 -8.47
C THR B 216 9.40 40.15 -8.64
N GLY B 217 9.28 40.90 -7.55
CA GLY B 217 8.59 42.18 -7.60
C GLY B 217 7.78 42.55 -6.37
N ARG B 218 7.09 43.68 -6.45
CA ARG B 218 6.39 44.26 -5.33
C ARG B 218 5.06 43.55 -5.12
N GLY B 219 4.79 43.16 -3.88
CA GLY B 219 3.49 42.58 -3.50
C GLY B 219 2.30 43.32 -4.09
N SER B 220 2.30 44.66 -3.93
CA SER B 220 1.23 45.53 -4.43
C SER B 220 0.99 45.39 -5.93
N VAL B 221 2.02 44.92 -6.64
CA VAL B 221 1.94 44.76 -8.07
C VAL B 221 1.51 43.32 -8.45
N ILE B 222 2.21 42.32 -7.92
CA ILE B 222 2.09 40.94 -8.42
C ILE B 222 1.48 39.91 -7.43
N GLY B 223 1.36 40.26 -6.16
CA GLY B 223 0.98 39.31 -5.13
C GLY B 223 -0.37 38.68 -5.38
N ASP B 224 -1.41 39.50 -5.29
CA ASP B 224 -2.78 39.06 -5.53
C ASP B 224 -2.94 38.60 -6.96
N HIS B 225 -2.20 39.21 -7.88
CA HIS B 225 -2.28 38.86 -9.30
C HIS B 225 -1.87 37.41 -9.56
N LEU B 226 -0.82 36.93 -8.90
CA LEU B 226 -0.38 35.55 -9.05
C LEU B 226 -1.38 34.54 -8.47
N VAL B 227 -1.88 34.85 -7.29
CA VAL B 227 -2.71 33.96 -6.53
C VAL B 227 -4.13 33.85 -7.13
N GLU B 228 -4.55 34.91 -7.83
CA GLU B 228 -5.85 34.93 -8.49
C GLU B 228 -5.82 34.53 -9.97
N HIS B 229 -4.64 34.35 -10.55
CA HIS B 229 -4.51 34.04 -12.00
C HIS B 229 -5.13 32.70 -12.39
N PRO B 230 -6.02 32.72 -13.40
CA PRO B 230 -6.69 31.50 -13.89
C PRO B 230 -5.74 30.41 -14.42
N GLY B 231 -4.50 30.76 -14.76
CA GLY B 231 -3.55 29.79 -15.29
C GLY B 231 -2.78 29.02 -14.22
N ILE B 232 -3.00 29.37 -12.95
CA ILE B 232 -2.40 28.66 -11.82
C ILE B 232 -3.37 27.57 -11.42
N ASP B 233 -2.84 26.35 -11.29
CA ASP B 233 -3.64 25.15 -11.05
C ASP B 233 -3.43 24.63 -9.63
N MET B 234 -2.36 25.09 -8.97
CA MET B 234 -2.14 24.79 -7.55
C MET B 234 -1.21 25.80 -6.89
N ILE B 235 -1.43 26.10 -5.61
CA ILE B 235 -0.49 26.93 -4.85
C ILE B 235 0.05 26.23 -3.62
N THR B 236 1.36 26.28 -3.49
CA THR B 236 2.02 25.83 -2.28
C THR B 236 2.80 26.99 -1.70
N PHE B 237 2.45 27.35 -0.47
CA PHE B 237 2.99 28.53 0.23
C PHE B 237 3.57 28.14 1.60
N THR B 238 4.78 28.63 1.88
CA THR B 238 5.31 28.65 3.24
C THR B 238 5.55 30.11 3.67
N GLY B 239 5.11 30.49 4.87
CA GLY B 239 5.31 31.85 5.35
C GLY B 239 4.40 32.21 6.51
N GLY B 240 4.17 33.53 6.69
CA GLY B 240 3.33 34.05 7.77
C GLY B 240 1.85 33.72 7.65
N THR B 241 1.22 33.45 8.80
CA THR B 241 -0.18 33.06 8.88
C THR B 241 -1.10 34.04 8.14
N THR B 242 -0.91 35.33 8.39
CA THR B 242 -1.74 36.38 7.77
C THR B 242 -1.73 36.36 6.24
N THR B 243 -0.55 36.25 5.65
CA THR B 243 -0.43 36.09 4.20
C THR B 243 -1.08 34.80 3.71
N GLY B 244 -0.89 33.72 4.46
CA GLY B 244 -1.43 32.40 4.10
C GLY B 244 -2.95 32.44 4.00
N GLU B 245 -3.59 33.04 5.00
CA GLU B 245 -5.05 33.14 5.07
C GLU B 245 -5.59 33.96 3.90
N ARG B 246 -4.84 34.98 3.52
CA ARG B 246 -5.17 35.85 2.41
C ARG B 246 -5.09 35.12 1.07
N ILE B 247 -4.04 34.30 0.89
CA ILE B 247 -3.88 33.44 -0.29
C ILE B 247 -5.09 32.50 -0.40
N SER B 248 -5.44 31.87 0.71
CA SER B 248 -6.57 30.94 0.77
C SER B 248 -7.91 31.58 0.42
N GLU B 249 -8.18 32.75 0.99
CA GLU B 249 -9.39 33.53 0.73
C GLU B 249 -9.52 33.92 -0.75
N LYS B 250 -8.41 34.37 -1.33
CA LYS B 250 -8.39 34.89 -2.70
C LYS B 250 -8.34 33.83 -3.81
N ALA B 251 -7.72 32.68 -3.55
CA ALA B 251 -7.63 31.65 -4.58
C ALA B 251 -8.99 30.94 -4.69
N LYS B 252 -9.24 30.33 -5.84
CA LYS B 252 -10.48 29.59 -6.06
C LYS B 252 -10.26 28.46 -7.05
N MET B 253 -11.06 27.41 -6.89
CA MET B 253 -11.13 26.27 -7.80
C MET B 253 -9.84 25.47 -7.94
N ILE B 254 -8.88 25.70 -7.04
CA ILE B 254 -7.61 24.98 -7.07
C ILE B 254 -7.18 24.50 -5.69
N PRO B 255 -6.36 23.43 -5.63
CA PRO B 255 -5.80 23.04 -4.33
C PRO B 255 -4.84 24.11 -3.78
N VAL B 256 -4.90 24.36 -2.48
CA VAL B 256 -3.94 25.24 -1.81
C VAL B 256 -3.27 24.52 -0.63
N VAL B 257 -1.94 24.56 -0.65
CA VAL B 257 -1.11 24.04 0.45
C VAL B 257 -0.38 25.19 1.16
N LEU B 258 -0.41 25.13 2.49
CA LEU B 258 0.11 26.20 3.33
C LEU B 258 0.80 25.61 4.55
N GLU B 259 2.05 26.03 4.75
CA GLU B 259 2.76 25.85 5.99
C GLU B 259 2.95 27.26 6.59
N LEU B 260 2.31 27.50 7.72
CA LEU B 260 2.31 28.84 8.26
C LEU B 260 3.06 28.93 9.61
N GLY B 261 2.69 29.89 10.43
CA GLY B 261 3.43 30.12 11.66
C GLY B 261 3.07 29.06 12.67
N GLY B 262 3.91 28.90 13.69
CA GLY B 262 3.62 28.00 14.79
C GLY B 262 3.87 28.63 16.15
N LYS B 263 3.31 28.04 17.21
CA LYS B 263 3.70 28.38 18.58
C LYS B 263 3.82 27.07 19.35
N ASP B 264 4.80 26.25 18.95
CA ASP B 264 4.98 24.88 19.45
C ASP B 264 5.24 24.92 20.94
N PRO B 265 4.41 24.21 21.72
CA PRO B 265 4.67 24.16 23.15
C PRO B 265 5.55 23.00 23.50
N ALA B 266 6.31 23.12 24.58
CA ALA B 266 6.98 21.97 25.12
C ALA B 266 6.45 21.73 26.53
N ILE B 267 5.77 20.61 26.68
CA ILE B 267 5.20 20.20 27.94
C ILE B 267 6.24 19.33 28.67
N VAL B 268 6.64 19.78 29.87
CA VAL B 268 7.67 19.13 30.68
C VAL B 268 7.11 18.72 32.05
N LEU B 269 6.98 17.42 32.24
CA LEU B 269 6.33 16.84 33.42
C LEU B 269 7.30 16.57 34.56
N ASP B 270 6.72 16.22 35.70
CA ASP B 270 7.43 15.84 36.94
C ASP B 270 8.55 14.83 36.78
N ASP B 271 8.35 13.87 35.88
CA ASP B 271 9.30 12.78 35.74
C ASP B 271 10.27 12.95 34.59
N ALA B 272 10.22 14.10 33.92
CA ALA B 272 11.06 14.30 32.74
C ALA B 272 12.54 14.27 33.10
N ASP B 273 13.34 13.79 32.16
CA ASP B 273 14.77 13.96 32.24
C ASP B 273 15.07 15.42 31.94
N LEU B 274 15.38 16.19 32.98
CA LEU B 274 15.44 17.65 32.89
C LEU B 274 16.67 18.21 32.17
N LYS B 275 17.75 17.41 32.10
CA LYS B 275 18.94 17.74 31.30
C LYS B 275 18.72 17.55 29.81
N LEU B 276 18.20 16.37 29.41
CA LEU B 276 17.84 16.15 28.00
C LEU B 276 16.79 17.17 27.59
N THR B 277 15.82 17.41 28.48
CA THR B 277 14.78 18.39 28.21
C THR B 277 15.32 19.81 28.00
N ALA B 278 16.10 20.34 28.94
CA ALA B 278 16.70 21.66 28.74
C ALA B 278 17.40 21.79 27.39
N SER B 279 18.23 20.79 27.09
CA SER B 279 19.04 20.68 25.90
C SER B 279 18.19 20.70 24.64
N GLN B 280 17.16 19.84 24.61
CA GLN B 280 16.25 19.76 23.48
C GLN B 280 15.55 21.10 23.29
N ILE B 281 15.12 21.70 24.39
CA ILE B 281 14.37 22.96 24.36
C ILE B 281 15.20 24.08 23.77
N VAL B 282 16.42 24.24 24.30
CA VAL B 282 17.26 25.35 23.86
C VAL B 282 17.66 25.13 22.41
N SER B 283 18.07 23.93 22.05
CA SER B 283 18.39 23.62 20.63
C SER B 283 17.24 23.96 19.69
N GLY B 284 16.02 23.62 20.10
CA GLY B 284 14.88 23.79 19.24
C GLY B 284 14.41 25.22 19.13
N ALA B 285 14.42 25.93 20.27
CA ALA B 285 13.92 27.29 20.38
C ALA B 285 14.78 28.34 19.69
N PHE B 286 16.10 28.16 19.74
CA PHE B 286 17.03 29.23 19.43
C PHE B 286 17.78 28.99 18.13
N SER B 287 17.50 27.84 17.51
CA SER B 287 17.99 27.55 16.18
C SER B 287 17.65 28.68 15.20
N TYR B 288 18.67 29.18 14.49
CA TYR B 288 18.53 30.31 13.60
C TYR B 288 17.84 31.46 14.33
N SER B 289 18.23 31.65 15.59
CA SER B 289 17.72 32.72 16.45
C SER B 289 16.17 32.76 16.46
N GLY B 290 15.54 31.59 16.45
CA GLY B 290 14.08 31.46 16.59
C GLY B 290 13.23 31.86 15.38
N GLN B 291 13.89 32.04 14.24
CA GLN B 291 13.21 32.44 13.02
C GLN B 291 12.83 31.19 12.23
N ARG B 292 12.01 30.34 12.87
CA ARG B 292 11.53 29.07 12.33
C ARG B 292 10.06 28.92 12.71
N CYS B 293 9.25 28.47 11.77
CA CYS B 293 7.85 28.14 12.05
C CYS B 293 7.76 26.95 13.03
N THR B 294 8.64 25.96 12.85
CA THR B 294 8.69 24.79 13.70
C THR B 294 9.84 24.92 14.69
N ALA B 295 9.46 25.15 15.95
CA ALA B 295 10.39 25.52 16.99
C ALA B 295 9.60 25.56 18.27
N ILE B 296 10.15 25.00 19.34
CA ILE B 296 9.59 25.19 20.66
C ILE B 296 9.51 26.71 20.89
N LYS B 297 8.32 27.24 21.14
CA LYS B 297 8.16 28.69 21.38
C LYS B 297 7.43 29.03 22.70
N ARG B 298 7.21 27.99 23.51
CA ARG B 298 6.34 28.04 24.68
C ARG B 298 6.73 26.86 25.55
N VAL B 299 7.05 27.08 26.82
CA VAL B 299 7.32 25.95 27.73
C VAL B 299 6.29 25.90 28.84
N PHE B 300 5.60 24.77 28.95
CA PHE B 300 4.69 24.50 30.04
C PHE B 300 5.33 23.47 30.95
N VAL B 301 5.85 23.94 32.07
CA VAL B 301 6.58 23.10 33.00
C VAL B 301 5.90 23.00 34.38
N GLN B 302 5.68 21.75 34.82
CA GLN B 302 5.11 21.46 36.15
C GLN B 302 5.91 22.19 37.22
N ASP B 303 5.25 23.03 38.03
CA ASP B 303 5.98 23.98 38.89
C ASP B 303 6.98 23.31 39.86
N SER B 304 6.64 22.08 40.24
CA SER B 304 7.50 21.17 40.98
C SER B 304 8.95 21.11 40.44
N VAL B 305 9.12 21.02 39.12
CA VAL B 305 10.46 20.94 38.51
C VAL B 305 10.89 22.23 37.80
N ALA B 306 10.00 23.22 37.78
CA ALA B 306 10.22 24.48 37.08
C ALA B 306 11.54 25.18 37.42
N ASP B 307 11.80 25.37 38.72
CA ASP B 307 13.04 25.97 39.20
C ASP B 307 14.29 25.25 38.69
N GLN B 308 14.29 23.93 38.73
CA GLN B 308 15.41 23.14 38.19
C GLN B 308 15.54 23.28 36.67
N LEU B 309 14.45 23.04 35.94
CA LEU B 309 14.50 23.15 34.49
C LEU B 309 14.98 24.54 34.02
N VAL B 310 14.56 25.57 34.75
CA VAL B 310 14.91 26.95 34.41
C VAL B 310 16.39 27.28 34.66
N ALA B 311 16.97 26.65 35.68
CA ALA B 311 18.41 26.75 35.93
C ALA B 311 19.24 25.99 34.87
N ASN B 312 18.70 24.89 34.36
CA ASN B 312 19.36 24.14 33.26
C ASN B 312 19.33 24.91 31.94
N ILE B 313 18.15 25.42 31.63
CA ILE B 313 17.97 26.23 30.43
C ILE B 313 18.84 27.49 30.44
N LYS B 314 18.90 28.20 31.57
CA LYS B 314 19.65 29.46 31.66
C LYS B 314 21.13 29.25 31.34
N GLU B 315 21.70 28.21 31.93
CA GLU B 315 23.06 27.75 31.65
C GLU B 315 23.32 27.64 30.13
N LEU B 316 22.51 26.83 29.46
CA LEU B 316 22.69 26.60 28.03
C LEU B 316 22.46 27.83 27.15
N VAL B 317 21.55 28.71 27.56
CA VAL B 317 21.25 29.92 26.80
C VAL B 317 22.43 30.90 26.82
N GLU B 318 23.13 30.94 27.95
CA GLU B 318 24.28 31.82 28.12
C GLU B 318 25.53 31.21 27.45
N GLN B 319 25.38 29.96 27.02
CA GLN B 319 26.42 29.23 26.32
C GLN B 319 26.45 29.60 24.84
N LEU B 320 25.28 29.92 24.29
CA LEU B 320 25.16 30.31 22.89
C LEU B 320 26.06 31.49 22.59
N THR B 321 26.84 31.37 21.53
CA THR B 321 27.60 32.52 21.02
C THR B 321 26.65 33.44 20.27
N VAL B 322 26.96 34.73 20.33
CA VAL B 322 26.13 35.77 19.73
C VAL B 322 27.08 36.52 18.83
N GLY B 323 26.75 36.65 17.56
CA GLY B 323 27.66 37.36 16.66
C GLY B 323 27.27 37.34 15.20
N SER B 324 28.27 37.48 14.35
CA SER B 324 28.02 37.57 12.92
C SER B 324 27.84 36.19 12.28
N PRO B 325 27.06 36.13 11.18
CA PRO B 325 26.89 34.91 10.38
C PRO B 325 28.20 34.29 9.89
N GLU B 326 29.19 35.10 9.49
CA GLU B 326 30.50 34.60 9.00
C GLU B 326 31.33 33.87 10.07
N ASP B 327 31.06 34.19 11.34
CA ASP B 327 31.75 33.58 12.48
C ASP B 327 31.07 32.32 12.99
N ASP B 328 29.93 31.98 12.37
CA ASP B 328 29.14 30.80 12.76
C ASP B 328 28.54 30.85 14.16
N ALA B 329 28.20 32.04 14.62
CA ALA B 329 27.57 32.19 15.90
C ALA B 329 26.21 31.50 15.90
N ASP B 330 25.80 31.06 17.08
CA ASP B 330 24.52 30.39 17.30
C ASP B 330 23.40 31.39 17.15
N ILE B 331 23.65 32.60 17.61
CA ILE B 331 22.69 33.68 17.51
C ILE B 331 23.25 34.75 16.56
N THR B 332 22.55 34.95 15.44
CA THR B 332 22.91 35.95 14.42
C THR B 332 21.86 37.09 14.38
N PRO B 333 22.12 38.18 13.61
CA PRO B 333 21.12 39.27 13.61
C PRO B 333 19.77 38.84 13.03
N VAL B 334 18.68 39.42 13.54
CA VAL B 334 17.33 39.09 13.05
C VAL B 334 17.11 39.78 11.69
N ILE B 335 16.13 39.28 10.92
CA ILE B 335 16.00 39.59 9.50
C ILE B 335 15.95 41.10 9.18
N ASP B 336 15.30 41.88 10.03
CA ASP B 336 15.22 43.32 9.80
C ASP B 336 14.80 44.13 11.03
N GLU B 337 14.78 45.44 10.83
CA GLU B 337 14.39 46.43 11.80
C GLU B 337 12.99 46.20 12.35
N LYS B 338 12.05 45.99 11.44
CA LYS B 338 10.67 45.73 11.81
C LYS B 338 10.60 44.52 12.75
N SER B 339 11.32 43.46 12.39
CA SER B 339 11.33 42.25 13.19
C SER B 339 11.87 42.50 14.58
N ALA B 340 13.07 43.08 14.66
CA ALA B 340 13.70 43.39 15.94
C ALA B 340 12.76 44.17 16.88
N ALA B 341 12.02 45.10 16.32
CA ALA B 341 11.14 45.97 17.09
C ALA B 341 9.94 45.20 17.61
N PHE B 342 9.41 44.30 16.77
CA PHE B 342 8.31 43.43 17.14
C PHE B 342 8.68 42.51 18.31
N ILE B 343 9.86 41.90 18.25
CA ILE B 343 10.35 41.04 19.34
C ILE B 343 10.46 41.86 20.63
N GLN B 344 10.97 43.09 20.49
CA GLN B 344 11.13 44.01 21.61
C GLN B 344 9.83 44.35 22.33
N GLY B 345 8.77 44.67 21.58
CA GLY B 345 7.45 44.83 22.19
C GLY B 345 7.04 43.65 23.06
N LEU B 346 7.32 42.44 22.58
CA LEU B 346 6.95 41.18 23.23
C LEU B 346 7.64 41.01 24.56
N ILE B 347 8.96 41.18 24.55
CA ILE B 347 9.79 41.16 25.75
C ILE B 347 9.35 42.24 26.75
N ASP B 348 9.29 43.49 26.29
CA ASP B 348 8.85 44.64 27.10
C ASP B 348 7.46 44.46 27.70
N ASP B 349 6.50 44.02 26.88
CA ASP B 349 5.15 43.70 27.36
C ASP B 349 5.18 42.66 28.49
N ALA B 350 6.08 41.68 28.38
CA ALA B 350 6.20 40.63 29.39
C ALA B 350 6.73 41.15 30.73
N LEU B 351 7.85 41.87 30.70
CA LEU B 351 8.43 42.50 31.89
C LEU B 351 7.48 43.52 32.54
N GLU B 352 6.94 44.41 31.72
CA GLU B 352 5.91 45.37 32.10
C GLU B 352 4.78 44.71 32.91
N ASN B 353 4.57 43.42 32.66
CA ASN B 353 3.57 42.60 33.35
C ASN B 353 4.13 41.67 34.45
N GLY B 354 5.44 41.74 34.72
CA GLY B 354 6.03 41.05 35.87
C GLY B 354 6.67 39.70 35.64
N ALA B 355 6.95 39.39 34.37
CA ALA B 355 7.71 38.19 34.02
C ALA B 355 9.14 38.41 34.50
N THR B 356 9.88 37.31 34.66
CA THR B 356 11.25 37.38 35.17
C THR B 356 12.31 37.23 34.09
N LEU B 357 13.18 38.22 33.98
CA LEU B 357 14.31 38.15 33.05
C LEU B 357 15.46 37.34 33.65
N LEU B 358 15.77 36.22 33.01
CA LEU B 358 16.84 35.34 33.48
C LEU B 358 18.09 35.50 32.65
N SER B 359 17.92 35.80 31.36
CA SER B 359 19.04 36.06 30.47
C SER B 359 18.77 37.11 29.38
N GLY B 360 19.87 37.78 29.01
CA GLY B 360 19.92 39.02 28.24
C GLY B 360 18.71 39.52 27.48
N ASN B 361 18.21 40.70 27.84
CA ASN B 361 17.30 41.45 26.96
C ASN B 361 18.12 42.64 26.43
N LYS B 362 19.11 42.32 25.60
CA LYS B 362 20.07 43.29 25.12
C LYS B 362 20.29 43.13 23.61
N ARG B 363 20.62 44.25 22.95
CA ARG B 363 20.70 44.32 21.48
C ARG B 363 21.86 45.17 21.04
N GLN B 364 22.34 44.89 19.83
CA GLN B 364 23.14 45.83 19.06
C GLN B 364 22.61 45.88 17.63
N GLY B 365 21.85 46.93 17.33
CA GLY B 365 21.14 47.01 16.06
C GLY B 365 20.10 45.92 16.03
N ASN B 366 20.15 45.09 14.99
CA ASN B 366 19.23 43.95 14.83
C ASN B 366 19.75 42.63 15.38
N LEU B 367 20.94 42.63 15.95
CA LEU B 367 21.47 41.47 16.67
C LEU B 367 21.01 41.47 18.12
N LEU B 368 20.00 40.66 18.43
CA LEU B 368 19.52 40.53 19.80
C LEU B 368 20.17 39.34 20.50
N SER B 369 20.50 39.49 21.79
CA SER B 369 20.88 38.35 22.64
C SER B 369 19.72 37.34 22.79
N PRO B 370 20.03 36.05 23.04
CA PRO B 370 18.93 35.13 23.28
C PRO B 370 18.29 35.41 24.65
N THR B 371 16.97 35.56 24.70
CA THR B 371 16.27 36.04 25.92
C THR B 371 15.44 34.94 26.55
N LEU B 372 15.62 34.75 27.85
CA LEU B 372 14.84 33.79 28.59
C LEU B 372 13.95 34.52 29.56
N LEU B 373 12.66 34.18 29.52
CA LEU B 373 11.66 34.82 30.36
C LEU B 373 10.91 33.79 31.19
N ASP B 374 11.03 33.89 32.51
CA ASP B 374 10.29 33.04 33.43
C ASP B 374 9.04 33.80 33.88
N ASP B 375 8.12 33.08 34.53
CA ASP B 375 6.89 33.66 35.11
C ASP B 375 5.97 34.36 34.12
N VAL B 376 5.91 33.79 32.92
CA VAL B 376 5.03 34.27 31.88
C VAL B 376 3.65 33.72 32.19
N THR B 377 2.62 34.47 31.84
CA THR B 377 1.22 34.12 32.14
C THR B 377 0.37 34.27 30.89
N PRO B 378 -0.84 33.66 30.86
CA PRO B 378 -1.84 33.77 29.77
C PRO B 378 -2.24 35.20 29.39
N ALA B 379 -1.89 36.16 30.25
CA ALA B 379 -2.17 37.56 30.01
C ALA B 379 -1.11 38.26 29.15
N MET B 380 0.09 37.68 29.05
CA MET B 380 1.16 38.32 28.26
C MET B 380 1.13 37.90 26.79
N ARG B 381 1.39 38.87 25.91
CA ARG B 381 1.44 38.70 24.46
C ARG B 381 2.35 37.55 24.00
N VAL B 382 3.52 37.45 24.64
CA VAL B 382 4.53 36.47 24.25
C VAL B 382 4.13 35.04 24.65
N ALA B 383 3.04 34.92 25.40
CA ALA B 383 2.45 33.61 25.68
C ALA B 383 1.86 33.01 24.41
N TRP B 384 1.49 33.86 23.46
CA TRP B 384 0.69 33.44 22.31
C TRP B 384 1.27 33.81 20.95
N GLU B 385 1.86 34.99 20.88
CA GLU B 385 2.30 35.57 19.60
C GLU B 385 3.65 35.01 19.18
N GLU B 386 3.72 34.51 17.93
CA GLU B 386 4.95 34.03 17.32
C GLU B 386 5.98 35.15 17.13
N PRO B 387 7.07 35.13 17.88
CA PRO B 387 8.04 36.23 17.82
C PRO B 387 8.84 36.24 16.54
N PHE B 388 9.21 35.06 16.07
CA PHE B 388 10.21 34.87 15.00
C PHE B 388 11.48 35.58 15.42
N GLY B 389 11.89 35.30 16.65
CA GLY B 389 13.05 35.92 17.28
C GLY B 389 13.54 35.09 18.44
N PRO B 390 14.76 35.39 18.94
CA PRO B 390 15.39 34.61 20.02
C PRO B 390 14.88 34.91 21.44
N VAL B 391 13.64 34.50 21.71
CA VAL B 391 13.05 34.69 23.01
C VAL B 391 12.25 33.46 23.39
N LEU B 392 12.45 33.01 24.62
CA LEU B 392 11.73 31.85 25.09
C LEU B 392 10.99 32.13 26.40
N PRO B 393 9.66 31.98 26.38
CA PRO B 393 8.84 32.13 27.56
C PRO B 393 8.56 30.79 28.25
N ILE B 394 8.63 30.83 29.56
CA ILE B 394 8.39 29.70 30.41
C ILE B 394 7.13 30.00 31.20
N ILE B 395 6.19 29.06 31.20
CA ILE B 395 4.91 29.23 31.89
C ILE B 395 4.70 28.09 32.91
N ARG B 396 4.53 28.46 34.17
CA ARG B 396 4.32 27.51 35.28
C ARG B 396 2.93 26.90 35.23
N VAL B 397 2.87 25.60 35.45
CA VAL B 397 1.68 24.85 35.15
C VAL B 397 1.36 23.86 36.29
N LYS B 398 0.08 23.74 36.61
CA LYS B 398 -0.41 22.90 37.71
C LYS B 398 -0.20 21.40 37.42
N ASP B 399 -0.53 21.00 36.20
CA ASP B 399 -0.46 19.60 35.79
C ASP B 399 -0.57 19.46 34.27
N ALA B 400 -0.48 18.22 33.79
CA ALA B 400 -0.65 17.88 32.38
C ALA B 400 -1.92 18.47 31.78
N ASN B 401 -3.02 18.40 32.53
CA ASN B 401 -4.28 18.97 32.08
C ASN B 401 -4.31 20.50 31.85
N GLU B 402 -3.51 21.26 32.60
CA GLU B 402 -3.40 22.71 32.36
C GLU B 402 -2.59 23.03 31.09
N ALA B 403 -1.50 22.29 30.87
CA ALA B 403 -0.67 22.49 29.69
C ALA B 403 -1.43 22.16 28.43
N ILE B 404 -2.16 21.05 28.46
CA ILE B 404 -3.00 20.63 27.33
C ILE B 404 -3.98 21.75 26.99
N SER B 405 -4.59 22.34 28.01
CA SER B 405 -5.56 23.39 27.74
C SER B 405 -4.86 24.61 27.17
N LEU B 406 -3.85 25.09 27.86
CA LEU B 406 -3.13 26.27 27.40
C LEU B 406 -2.53 26.10 26.02
N SER B 407 -2.00 24.90 25.74
CA SER B 407 -1.53 24.54 24.39
C SER B 407 -2.63 24.70 23.34
N ASN B 408 -3.75 24.01 23.55
CA ASN B 408 -4.89 24.02 22.60
C ASN B 408 -5.59 25.38 22.41
N GLN B 409 -5.50 26.26 23.40
CA GLN B 409 -6.11 27.59 23.27
C GLN B 409 -5.45 28.40 22.15
N SER B 410 -4.23 28.05 21.79
CA SER B 410 -3.52 28.79 20.76
C SER B 410 -4.23 28.63 19.41
N ASP B 411 -4.23 29.69 18.61
CA ASP B 411 -4.68 29.61 17.21
C ASP B 411 -3.84 28.62 16.40
N TYR B 412 -2.55 28.50 16.75
CA TYR B 412 -1.60 27.68 16.01
C TYR B 412 -1.71 26.19 16.36
N GLY B 413 -1.19 25.32 15.49
CA GLY B 413 -1.25 23.87 15.73
C GLY B 413 -0.27 23.11 14.87
N LEU B 414 0.98 23.54 14.91
CA LEU B 414 2.01 22.98 14.04
C LEU B 414 2.58 21.69 14.64
N GLN B 415 3.46 21.81 15.61
CA GLN B 415 3.93 20.65 16.36
C GLN B 415 3.96 20.88 17.87
N ALA B 416 4.24 19.82 18.65
CA ALA B 416 4.49 19.97 20.09
C ALA B 416 5.52 18.94 20.56
N SER B 417 6.05 19.14 21.76
CA SER B 417 6.95 18.17 22.40
C SER B 417 6.43 17.80 23.77
N ILE B 418 6.54 16.53 24.14
CA ILE B 418 6.22 16.07 25.49
C ILE B 418 7.48 15.50 26.11
N PHE B 419 7.87 16.03 27.27
CA PHE B 419 9.00 15.47 28.00
C PHE B 419 8.54 14.80 29.31
N THR B 420 8.62 13.46 29.33
CA THR B 420 8.36 12.63 30.51
C THR B 420 8.95 11.21 30.41
N LYS B 421 9.40 10.66 31.54
CA LYS B 421 9.86 9.26 31.58
C LYS B 421 8.76 8.27 31.17
N ASP B 422 7.51 8.73 31.22
CA ASP B 422 6.34 7.88 31.06
C ASP B 422 5.80 7.95 29.63
N THR B 423 6.38 7.13 28.76
CA THR B 423 5.98 7.01 27.37
C THR B 423 4.47 6.87 27.23
N ASP B 424 3.90 5.89 27.93
CA ASP B 424 2.47 5.60 27.83
C ASP B 424 1.62 6.85 28.07
N ARG B 425 2.00 7.61 29.09
CA ARG B 425 1.32 8.84 29.45
C ARG B 425 1.45 9.91 28.36
N ALA B 426 2.65 10.00 27.79
CA ALA B 426 2.95 10.99 26.78
C ALA B 426 2.14 10.78 25.51
N ILE B 427 1.91 9.51 25.17
CA ILE B 427 1.18 9.16 23.98
C ILE B 427 -0.27 9.66 24.09
N ASN B 428 -0.93 9.30 25.19
CA ASN B 428 -2.31 9.74 25.45
C ASN B 428 -2.47 11.25 25.65
N ILE B 429 -1.43 11.92 26.17
CA ILE B 429 -1.42 13.38 26.23
C ILE B 429 -1.34 13.98 24.83
N GLY B 430 -0.44 13.42 24.02
CA GLY B 430 -0.26 13.83 22.63
C GLY B 430 -1.54 13.72 21.84
N LYS B 431 -2.30 12.65 22.11
CA LYS B 431 -3.61 12.46 21.51
C LYS B 431 -4.55 13.68 21.69
N HIS B 432 -4.44 14.36 22.83
CA HIS B 432 -5.29 15.50 23.16
C HIS B 432 -4.75 16.85 22.69
N LEU B 433 -3.61 16.86 22.02
CA LEU B 433 -3.06 18.12 21.52
C LEU B 433 -3.44 18.28 20.07
N GLU B 434 -4.09 19.39 19.74
CA GLU B 434 -4.47 19.68 18.35
C GLU B 434 -3.23 20.14 17.56
N VAL B 435 -2.42 19.18 17.10
CA VAL B 435 -1.21 19.48 16.29
C VAL B 435 -0.99 18.47 15.11
N GLY B 436 -0.08 18.79 14.19
CA GLY B 436 0.25 17.85 13.12
C GLY B 436 1.13 16.71 13.61
N THR B 437 2.11 17.05 14.43
CA THR B 437 3.11 16.10 14.84
C THR B 437 3.47 16.35 16.29
N VAL B 438 3.47 15.28 17.08
CA VAL B 438 3.85 15.31 18.49
C VAL B 438 5.16 14.51 18.62
N HIS B 439 6.17 15.15 19.21
CA HIS B 439 7.47 14.56 19.45
C HIS B 439 7.59 14.16 20.92
N ILE B 440 7.98 12.92 21.19
CA ILE B 440 8.16 12.47 22.58
C ILE B 440 9.64 12.55 22.96
N ASN B 441 9.89 13.33 24.02
CA ASN B 441 11.23 13.48 24.58
C ASN B 441 12.28 14.00 23.60
N ALA B 442 11.80 14.83 22.67
CA ALA B 442 12.63 15.46 21.67
C ALA B 442 11.99 16.77 21.20
N LYS B 443 12.83 17.65 20.66
CA LYS B 443 12.41 18.94 20.10
C LYS B 443 11.52 18.81 18.88
N THR B 444 10.78 19.88 18.58
CA THR B 444 10.02 19.91 17.33
C THR B 444 10.99 20.18 16.19
N GLU B 445 10.61 19.68 15.01
CA GLU B 445 11.38 19.87 13.79
C GLU B 445 10.67 19.36 12.55
N ARG B 446 10.91 20.03 11.42
CA ARG B 446 10.24 19.71 10.16
C ARG B 446 10.61 18.31 9.63
N GLY B 447 11.91 18.01 9.58
CA GLY B 447 12.38 16.69 9.12
C GLY B 447 12.47 15.61 10.18
N PRO B 448 13.10 14.46 9.84
CA PRO B 448 13.64 14.11 8.53
C PRO B 448 12.58 14.22 7.43
N ASP B 449 13.04 14.60 6.24
CA ASP B 449 12.13 15.12 5.21
C ASP B 449 11.19 14.09 4.57
N HIS B 450 11.37 12.81 4.89
CA HIS B 450 10.36 11.79 4.54
C HIS B 450 9.16 11.71 5.48
N PHE B 451 9.32 12.12 6.74
CA PHE B 451 8.17 12.23 7.66
C PHE B 451 7.15 13.18 7.04
N PRO B 452 5.84 12.87 7.16
CA PRO B 452 4.84 13.86 6.80
C PRO B 452 5.07 15.12 7.60
N PHE B 453 4.81 16.27 7.00
CA PHE B 453 4.88 17.53 7.70
C PHE B 453 3.61 18.34 7.44
N LEU B 454 3.03 18.88 8.51
CA LEU B 454 1.76 19.65 8.43
C LEU B 454 1.48 20.51 9.68
N GLY B 455 0.82 21.66 9.49
CA GLY B 455 0.16 22.38 10.60
C GLY B 455 -1.35 22.28 10.52
N VAL B 456 -2.03 22.21 11.67
CA VAL B 456 -3.50 22.24 11.65
C VAL B 456 -3.93 23.63 12.12
N LYS B 457 -5.24 23.85 12.25
CA LYS B 457 -5.80 25.16 12.60
C LYS B 457 -5.09 26.25 11.75
N LYS B 458 -4.64 27.33 12.40
CA LYS B 458 -4.02 28.47 11.71
C LYS B 458 -2.60 28.19 11.26
N SER B 459 -2.05 27.04 11.65
CA SER B 459 -0.69 26.66 11.28
C SER B 459 -0.55 26.09 9.87
N GLY B 460 -1.65 25.71 9.23
CA GLY B 460 -1.49 25.16 7.88
C GLY B 460 -2.72 24.57 7.26
N LEU B 461 -2.54 24.08 6.03
CA LEU B 461 -3.62 23.42 5.29
C LEU B 461 -3.02 22.52 4.23
N GLY B 462 -3.55 21.30 4.12
CA GLY B 462 -2.93 20.28 3.29
C GLY B 462 -1.73 19.72 4.04
N VAL B 463 -0.87 18.98 3.33
CA VAL B 463 0.25 18.26 3.97
C VAL B 463 1.52 18.28 3.09
N GLN B 464 2.70 18.28 3.73
CA GLN B 464 4.00 18.25 3.03
C GLN B 464 4.86 17.04 3.47
N GLY B 465 6.14 17.10 3.17
CA GLY B 465 7.01 15.91 3.26
C GLY B 465 7.11 15.32 1.87
N ILE B 466 8.15 14.53 1.63
CA ILE B 466 8.46 14.04 0.27
C ILE B 466 7.25 13.39 -0.45
N LYS B 467 6.72 12.30 0.11
CA LYS B 467 5.61 11.57 -0.53
C LYS B 467 4.26 12.32 -0.52
N PRO B 468 3.91 12.97 0.62
CA PRO B 468 2.68 13.74 0.53
C PRO B 468 2.80 14.97 -0.38
N SER B 469 4.01 15.48 -0.60
CA SER B 469 4.22 16.54 -1.62
C SER B 469 3.87 16.04 -3.04
N LEU B 470 4.33 14.83 -3.36
CA LEU B 470 4.07 14.14 -4.62
C LEU B 470 2.59 13.94 -4.90
N LEU B 471 1.85 13.55 -3.88
CA LEU B 471 0.39 13.41 -3.94
C LEU B 471 -0.32 14.73 -4.15
N SER B 472 0.15 15.78 -3.48
CA SER B 472 -0.55 17.03 -3.43
C SER B 472 -0.51 17.75 -4.77
N MET B 473 0.51 17.44 -5.55
CA MET B 473 0.74 18.08 -6.83
C MET B 473 0.32 17.22 -8.03
N THR B 474 -0.50 16.21 -7.75
CA THR B 474 -1.05 15.34 -8.80
C THR B 474 -2.53 15.06 -8.52
N ARG B 475 -3.15 14.28 -9.41
CA ARG B 475 -4.54 13.88 -9.26
C ARG B 475 -4.72 12.53 -9.97
N GLU B 476 -5.72 11.77 -9.55
CA GLU B 476 -6.01 10.49 -10.17
C GLU B 476 -6.41 10.65 -11.62
N ARG B 477 -5.79 9.87 -12.47
CA ARG B 477 -6.28 9.65 -13.81
C ARG B 477 -6.71 8.19 -13.88
N VAL B 478 -7.95 7.96 -14.28
CA VAL B 478 -8.47 6.60 -14.34
C VAL B 478 -8.72 6.23 -15.80
N THR B 479 -8.20 5.08 -16.23
CA THR B 479 -8.53 4.53 -17.55
C THR B 479 -9.22 3.19 -17.33
N VAL B 480 -10.48 3.11 -17.73
CA VAL B 480 -11.26 1.90 -17.50
C VAL B 480 -11.32 1.03 -18.74
N LEU B 481 -10.78 -0.18 -18.62
CA LEU B 481 -10.70 -1.08 -19.74
C LEU B 481 -11.83 -2.07 -19.69
N ASN B 482 -12.41 -2.35 -20.85
CA ASN B 482 -13.47 -3.31 -20.99
C ASN B 482 -12.91 -4.54 -21.70
N LEU B 483 -13.00 -5.69 -21.04
CA LEU B 483 -12.39 -6.90 -21.53
C LEU B 483 -13.40 -7.95 -22.03
N ALA B 484 -14.69 -7.64 -21.91
CA ALA B 484 -15.77 -8.62 -22.13
C ALA B 484 -15.95 -9.09 -23.59
N GLN C 9 -48.48 12.90 2.56
CA GLN C 9 -48.13 14.34 2.79
C GLN C 9 -47.13 14.46 3.93
N PHE C 10 -45.86 14.60 3.57
CA PHE C 10 -44.80 14.52 4.55
C PHE C 10 -44.35 15.91 4.98
N ASN C 11 -44.86 16.37 6.11
CA ASN C 11 -44.52 17.69 6.63
C ASN C 11 -43.35 17.52 7.58
N ALA C 12 -42.18 17.39 6.97
CA ALA C 12 -40.99 16.89 7.61
C ALA C 12 -40.37 17.90 8.54
N ASN C 13 -39.76 17.39 9.61
CA ASN C 13 -38.93 18.18 10.51
C ASN C 13 -37.45 17.95 10.24
N ILE C 14 -36.59 18.78 10.86
CA ILE C 14 -35.14 18.63 10.75
C ILE C 14 -34.50 18.21 12.08
N LEU C 15 -33.30 17.66 11.98
CA LEU C 15 -32.67 17.02 13.11
C LEU C 15 -31.58 17.93 13.66
N ARG C 16 -31.70 18.21 14.96
CA ARG C 16 -30.69 19.01 15.67
C ARG C 16 -30.54 18.47 17.09
N ASN C 17 -29.30 18.05 17.41
CA ASN C 17 -28.94 17.46 18.71
C ASN C 17 -29.86 16.32 19.16
N GLY C 18 -30.21 15.46 18.20
CA GLY C 18 -30.91 14.22 18.50
C GLY C 18 -32.42 14.28 18.48
N GLU C 19 -32.99 15.47 18.29
CA GLU C 19 -34.45 15.59 18.20
C GLU C 19 -34.95 16.25 16.93
N TRP C 20 -36.17 15.89 16.54
CA TRP C 20 -36.75 16.36 15.29
C TRP C 20 -37.55 17.63 15.56
N VAL C 21 -37.08 18.75 15.03
CA VAL C 21 -37.63 20.06 15.34
C VAL C 21 -38.07 20.88 14.12
N GLU C 22 -38.86 21.91 14.41
CA GLU C 22 -39.39 22.85 13.44
C GLU C 22 -38.57 24.13 13.56
N SER C 23 -38.61 24.97 12.53
CA SER C 23 -38.03 26.30 12.61
C SER C 23 -38.74 27.10 13.71
N ARG C 24 -38.00 27.97 14.38
CA ARG C 24 -38.54 28.78 15.48
C ARG C 24 -39.68 29.70 15.04
N THR C 25 -39.57 30.19 13.80
CA THR C 25 -40.59 31.06 13.19
C THR C 25 -41.81 30.25 12.77
N GLY C 26 -41.60 28.97 12.49
CA GLY C 26 -42.65 28.14 11.93
C GLY C 26 -42.68 28.12 10.41
N GLU C 27 -41.86 28.95 9.76
CA GLU C 27 -41.91 29.06 8.30
C GLU C 27 -41.39 27.81 7.58
N ARG C 28 -42.05 27.47 6.48
CA ARG C 28 -41.80 26.22 5.75
C ARG C 28 -41.72 26.46 4.25
N ILE C 29 -41.17 25.47 3.53
CA ILE C 29 -41.06 25.52 2.07
C ILE C 29 -41.85 24.37 1.51
N SER C 30 -42.63 24.67 0.47
CA SER C 30 -43.51 23.68 -0.14
C SER C 30 -42.78 22.87 -1.20
N ILE C 31 -43.06 21.56 -1.22
CA ILE C 31 -42.45 20.66 -2.18
C ILE C 31 -43.55 19.92 -2.93
N SER C 32 -43.41 19.87 -4.25
CA SER C 32 -44.35 19.20 -5.14
C SER C 32 -43.62 18.25 -6.09
N ALA C 33 -44.33 17.22 -6.56
CA ALA C 33 -43.86 16.31 -7.60
C ALA C 33 -43.70 17.03 -8.96
N PRO C 34 -42.47 17.00 -9.52
CA PRO C 34 -42.20 17.62 -10.83
C PRO C 34 -43.09 17.10 -11.96
N ALA C 35 -43.45 15.83 -11.91
CA ALA C 35 -44.19 15.20 -13.00
C ALA C 35 -45.67 15.59 -12.98
N SER C 36 -46.15 15.99 -11.80
CA SER C 36 -47.58 16.07 -11.55
C SER C 36 -48.07 17.47 -11.14
N GLY C 37 -47.28 18.14 -10.31
CA GLY C 37 -47.75 19.38 -9.71
C GLY C 37 -48.36 19.15 -8.34
N VAL C 38 -48.49 17.88 -7.95
CA VAL C 38 -49.19 17.53 -6.69
C VAL C 38 -48.35 17.81 -5.43
N ALA C 39 -49.00 18.35 -4.41
CA ALA C 39 -48.37 18.60 -3.10
C ALA C 39 -47.79 17.32 -2.48
N LEU C 40 -46.49 17.31 -2.23
CA LEU C 40 -45.85 16.15 -1.60
C LEU C 40 -45.62 16.35 -0.11
N GLY C 41 -45.20 17.55 0.27
CA GLY C 41 -44.91 17.84 1.66
C GLY C 41 -44.27 19.20 1.84
N SER C 42 -43.56 19.35 2.96
CA SER C 42 -42.90 20.60 3.30
C SER C 42 -41.66 20.34 4.16
N ILE C 43 -40.72 21.29 4.14
CA ILE C 43 -39.54 21.25 5.01
C ILE C 43 -39.41 22.57 5.77
N PRO C 44 -38.72 22.57 6.95
CA PRO C 44 -38.52 23.83 7.65
C PRO C 44 -37.57 24.77 6.91
N ALA C 45 -37.90 26.07 6.92
CA ALA C 45 -36.98 27.09 6.42
C ALA C 45 -36.20 27.65 7.61
N LEU C 46 -34.92 27.30 7.71
CA LEU C 46 -34.15 27.60 8.92
C LEU C 46 -33.39 28.92 8.80
N SER C 47 -33.21 29.58 9.95
CA SER C 47 -32.52 30.85 9.99
C SER C 47 -31.04 30.62 10.29
N GLN C 48 -30.26 31.69 10.16
CA GLN C 48 -28.82 31.67 10.37
C GLN C 48 -28.46 31.20 11.78
N GLU C 49 -29.29 31.63 12.73
CA GLU C 49 -29.11 31.33 14.14
C GLU C 49 -29.27 29.84 14.45
N GLU C 50 -30.13 29.18 13.69
CA GLU C 50 -30.36 27.73 13.87
C GLU C 50 -29.29 26.91 13.14
N VAL C 51 -28.78 27.49 12.06
CA VAL C 51 -27.54 27.03 11.44
C VAL C 51 -26.38 27.00 12.47
N ASN C 52 -26.19 28.13 13.16
CA ASN C 52 -25.20 28.24 14.26
C ASN C 52 -25.40 27.24 15.37
N ASP C 53 -26.66 27.01 15.71
CA ASP C 53 -27.06 26.05 16.71
C ASP C 53 -26.64 24.63 16.28
N ALA C 54 -26.84 24.29 15.01
CA ALA C 54 -26.56 22.93 14.54
C ALA C 54 -25.05 22.65 14.51
N ILE C 55 -24.31 23.59 13.91
CA ILE C 55 -22.84 23.52 13.85
C ILE C 55 -22.18 23.38 15.23
N GLN C 56 -22.61 24.20 16.18
CA GLN C 56 -22.03 24.12 17.53
C GLN C 56 -22.23 22.74 18.14
N GLY C 57 -23.47 22.26 18.05
CA GLY C 57 -23.83 20.90 18.48
C GLY C 57 -23.01 19.79 17.85
N ALA C 58 -22.71 19.93 16.55
CA ALA C 58 -21.87 18.94 15.84
C ALA C 58 -20.43 18.98 16.34
N LYS C 59 -19.91 20.19 16.56
CA LYS C 59 -18.58 20.35 17.14
C LYS C 59 -18.55 19.64 18.48
N ASP C 60 -19.50 19.97 19.35
CA ASP C 60 -19.59 19.36 20.70
C ASP C 60 -19.59 17.85 20.61
N ALA C 61 -20.45 17.30 19.77
CA ALA C 61 -20.58 15.86 19.62
C ALA C 61 -19.34 15.21 19.00
N GLN C 62 -18.65 15.92 18.12
CA GLN C 62 -17.44 15.36 17.46
C GLN C 62 -16.38 14.96 18.48
N LYS C 63 -16.37 15.65 19.62
CA LYS C 63 -15.35 15.40 20.63
C LYS C 63 -15.56 14.07 21.34
N ILE C 64 -16.80 13.60 21.36
CA ILE C 64 -17.15 12.30 21.96
C ILE C 64 -17.26 11.20 20.90
N TRP C 65 -17.58 11.59 19.66
CA TRP C 65 -17.67 10.64 18.56
C TRP C 65 -16.28 10.15 18.09
N LYS C 66 -15.31 11.06 17.98
CA LYS C 66 -13.97 10.72 17.46
C LYS C 66 -13.29 9.65 18.31
N ILE C 67 -13.62 9.67 19.59
CA ILE C 67 -12.98 8.89 20.61
C ILE C 67 -13.59 7.48 20.71
N ARG C 68 -14.77 7.31 20.12
CA ARG C 68 -15.40 5.97 20.03
C ARG C 68 -14.45 5.04 19.28
N PRO C 69 -14.49 3.72 19.57
CA PRO C 69 -13.76 2.77 18.76
C PRO C 69 -14.33 2.65 17.34
N ILE C 70 -13.44 2.51 16.36
CA ILE C 70 -13.84 2.52 14.95
C ILE C 70 -14.96 1.54 14.63
N HIS C 71 -14.90 0.34 15.22
CA HIS C 71 -15.85 -0.72 14.92
C HIS C 71 -17.29 -0.34 15.34
N GLU C 72 -17.42 0.50 16.37
CA GLU C 72 -18.70 1.08 16.80
C GLU C 72 -19.25 2.04 15.74
N ARG C 73 -18.42 2.93 15.22
CA ARG C 73 -18.82 3.87 14.16
C ARG C 73 -19.17 3.08 12.89
N VAL C 74 -18.41 2.02 12.63
CA VAL C 74 -18.69 1.03 11.58
C VAL C 74 -20.05 0.33 11.75
N ASP C 75 -20.40 -0.08 12.97
CA ASP C 75 -21.69 -0.74 13.26
C ASP C 75 -22.91 0.15 13.08
N LEU C 76 -22.77 1.45 13.37
CA LEU C 76 -23.86 2.38 13.11
C LEU C 76 -24.10 2.47 11.61
N LEU C 77 -23.04 2.65 10.83
CA LEU C 77 -23.20 2.67 9.37
C LEU C 77 -23.87 1.40 8.82
N TYR C 78 -23.49 0.24 9.33
CA TYR C 78 -24.14 -1.03 8.96
C TYR C 78 -25.61 -1.10 9.39
N ALA C 79 -25.95 -0.57 10.56
CA ALA C 79 -27.36 -0.60 10.98
C ALA C 79 -28.18 0.37 10.12
N TRP C 80 -27.56 1.50 9.76
CA TRP C 80 -28.22 2.52 8.97
C TRP C 80 -28.51 1.93 7.60
N ALA C 81 -27.50 1.31 7.00
CA ALA C 81 -27.59 0.63 5.71
C ALA C 81 -28.72 -0.39 5.66
N ASP C 82 -28.81 -1.20 6.74
CA ASP C 82 -29.80 -2.27 6.81
C ASP C 82 -31.23 -1.70 6.81
N LEU C 83 -31.44 -0.63 7.59
CA LEU C 83 -32.72 0.08 7.62
C LEU C 83 -33.14 0.71 6.26
N LEU C 84 -32.17 1.24 5.50
CA LEU C 84 -32.44 1.74 4.15
C LEU C 84 -32.89 0.65 3.18
N GLU C 85 -32.14 -0.45 3.16
CA GLU C 85 -32.51 -1.64 2.40
C GLU C 85 -33.87 -2.18 2.85
N GLU C 86 -34.16 -2.07 4.15
CA GLU C 86 -35.47 -2.40 4.69
C GLU C 86 -36.58 -1.48 4.14
N ARG C 87 -36.26 -0.19 4.00
CA ARG C 87 -37.23 0.85 3.61
C ARG C 87 -37.09 1.26 2.13
N LYS C 88 -36.52 0.35 1.35
CA LYS C 88 -36.23 0.54 -0.06
C LYS C 88 -37.44 1.00 -0.90
N GLU C 89 -38.59 0.36 -0.69
CA GLU C 89 -39.82 0.70 -1.41
C GLU C 89 -40.36 2.07 -0.99
N ILE C 90 -40.50 2.25 0.32
CA ILE C 90 -41.03 3.49 0.90
C ILE C 90 -40.17 4.71 0.49
N ILE C 91 -38.88 4.64 0.79
CA ILE C 91 -37.98 5.73 0.40
C ILE C 91 -37.95 5.84 -1.12
N GLY C 92 -37.78 4.70 -1.81
CA GLY C 92 -37.83 4.66 -3.28
C GLY C 92 -39.02 5.39 -3.92
N GLU C 93 -40.22 5.14 -3.41
CA GLU C 93 -41.42 5.82 -3.97
C GLU C 93 -41.39 7.35 -3.72
N LEU C 94 -40.86 7.77 -2.57
CA LEU C 94 -40.69 9.20 -2.30
C LEU C 94 -39.67 9.87 -3.27
N ILE C 95 -38.50 9.26 -3.50
CA ILE C 95 -37.56 9.80 -4.51
C ILE C 95 -38.26 9.93 -5.87
N MET C 96 -38.92 8.85 -6.29
CA MET C 96 -39.64 8.82 -7.57
C MET C 96 -40.50 10.08 -7.74
N HIS C 97 -41.40 10.31 -6.78
CA HIS C 97 -42.29 11.46 -6.79
C HIS C 97 -41.54 12.78 -6.61
N GLU C 98 -40.56 12.81 -5.74
CA GLU C 98 -39.93 14.07 -5.39
C GLU C 98 -39.02 14.62 -6.51
N VAL C 99 -38.29 13.74 -7.18
CA VAL C 99 -37.42 14.22 -8.30
C VAL C 99 -37.76 13.58 -9.66
N ALA C 100 -38.94 12.98 -9.76
CA ALA C 100 -39.44 12.38 -11.02
C ALA C 100 -38.50 11.32 -11.62
N LYS C 101 -37.88 10.53 -10.76
CA LYS C 101 -36.97 9.46 -11.15
C LYS C 101 -37.77 8.17 -11.42
N PRO C 102 -37.52 7.50 -12.56
CA PRO C 102 -38.28 6.26 -12.83
C PRO C 102 -38.26 5.26 -11.66
N LYS C 103 -39.40 4.65 -11.37
CA LYS C 103 -39.63 3.86 -10.15
C LYS C 103 -38.49 2.92 -9.72
N LYS C 104 -38.14 1.99 -10.61
CA LYS C 104 -37.13 0.99 -10.30
C LYS C 104 -35.75 1.58 -9.97
N SER C 105 -35.38 2.66 -10.64
CA SER C 105 -34.11 3.28 -10.33
C SER C 105 -34.15 4.21 -9.10
N ALA C 106 -35.35 4.61 -8.66
CA ALA C 106 -35.50 5.31 -7.37
C ALA C 106 -35.25 4.30 -6.25
N ILE C 107 -35.76 3.09 -6.47
CA ILE C 107 -35.54 1.95 -5.58
C ILE C 107 -34.08 1.52 -5.66
N GLY C 108 -33.57 1.45 -6.90
CA GLY C 108 -32.16 1.12 -7.17
C GLY C 108 -31.16 2.08 -6.55
N GLU C 109 -31.52 3.36 -6.46
CA GLU C 109 -30.66 4.33 -5.76
C GLU C 109 -30.51 3.98 -4.28
N VAL C 110 -31.61 3.60 -3.64
CA VAL C 110 -31.62 3.29 -2.21
C VAL C 110 -30.80 2.02 -1.93
N SER C 111 -31.03 0.96 -2.72
CA SER C 111 -30.18 -0.24 -2.66
C SER C 111 -28.68 0.09 -2.76
N ARG C 112 -28.30 0.85 -3.80
CA ARG C 112 -26.89 1.20 -4.06
C ARG C 112 -26.27 2.02 -2.93
N THR C 113 -27.07 2.94 -2.37
CA THR C 113 -26.69 3.74 -1.21
C THR C 113 -26.35 2.85 -0.02
N ALA C 114 -27.18 1.85 0.27
CA ALA C 114 -26.86 0.90 1.34
C ALA C 114 -25.59 0.12 1.03
N ASP C 115 -25.36 -0.20 -0.23
CA ASP C 115 -24.09 -0.81 -0.68
C ASP C 115 -22.87 0.11 -0.53
N ILE C 116 -23.05 1.40 -0.79
CA ILE C 116 -21.96 2.39 -0.69
C ILE C 116 -21.56 2.57 0.79
N ILE C 117 -22.56 2.63 1.66
CA ILE C 117 -22.36 2.83 3.10
C ILE C 117 -21.59 1.65 3.72
N ARG C 118 -22.06 0.44 3.45
CA ARG C 118 -21.39 -0.77 3.90
C ARG C 118 -19.93 -0.87 3.46
N HIS C 119 -19.68 -0.68 2.17
CA HIS C 119 -18.32 -0.75 1.63
C HIS C 119 -17.43 0.33 2.26
N THR C 120 -18.01 1.49 2.53
CA THR C 120 -17.29 2.60 3.13
C THR C 120 -16.92 2.23 4.56
N ALA C 121 -17.89 1.68 5.30
CA ALA C 121 -17.63 1.22 6.67
C ALA C 121 -16.50 0.18 6.67
N ASP C 122 -16.58 -0.82 5.78
CA ASP C 122 -15.53 -1.87 5.75
C ASP C 122 -14.16 -1.31 5.37
N GLU C 123 -14.14 -0.36 4.44
CA GLU C 123 -12.89 0.30 4.03
C GLU C 123 -12.23 1.07 5.16
N ALA C 124 -13.05 1.75 5.96
CA ALA C 124 -12.54 2.54 7.10
C ALA C 124 -11.83 1.69 8.13
N LEU C 125 -12.27 0.44 8.27
CA LEU C 125 -11.69 -0.54 9.20
C LEU C 125 -10.31 -1.04 8.72
N ARG C 126 -9.87 -0.54 7.57
CA ARG C 126 -8.61 -0.98 6.97
C ARG C 126 -7.72 0.19 6.55
N LEU C 127 -7.84 1.27 7.30
CA LEU C 127 -6.95 2.40 7.16
C LEU C 127 -5.82 2.18 8.14
N ASN C 128 -4.86 1.39 7.71
CA ASN C 128 -3.72 1.06 8.53
C ASN C 128 -2.84 2.29 8.69
N GLY C 129 -2.10 2.32 9.79
CA GLY C 129 -1.10 3.34 10.00
C GLY C 129 0.22 2.87 9.43
N GLU C 130 1.24 3.70 9.54
CA GLU C 130 2.57 3.31 9.08
C GLU C 130 3.64 3.84 10.03
N THR C 131 4.80 3.18 10.04
CA THR C 131 5.93 3.61 10.86
C THR C 131 7.13 3.90 9.98
N LEU C 132 7.85 4.97 10.31
CA LEU C 132 9.01 5.37 9.51
C LEU C 132 10.20 5.55 10.44
N LYS C 133 11.32 4.94 10.07
CA LYS C 133 12.58 5.15 10.76
C LYS C 133 13.29 6.42 10.27
N GLY C 134 13.97 7.12 11.18
CA GLY C 134 14.60 8.42 10.88
C GLY C 134 15.68 8.36 9.82
N ASP C 135 16.36 7.21 9.72
CA ASP C 135 17.48 7.05 8.78
C ASP C 135 17.12 6.51 7.39
N GLN C 136 15.82 6.47 7.10
CA GLN C 136 15.31 6.21 5.76
C GLN C 136 15.55 7.45 4.89
N PHE C 137 15.82 8.58 5.54
CA PHE C 137 16.29 9.76 4.85
C PHE C 137 17.75 9.97 5.26
N LYS C 138 18.60 10.33 4.30
CA LYS C 138 20.03 10.53 4.58
C LYS C 138 20.27 11.60 5.66
N GLY C 139 21.03 11.21 6.69
CA GLY C 139 21.33 12.07 7.84
C GLY C 139 20.43 11.89 9.06
N GLY C 140 19.45 11.01 8.96
CA GLY C 140 18.56 10.72 10.07
C GLY C 140 18.98 9.77 11.18
N SER C 141 19.99 8.96 10.94
CA SER C 141 20.67 8.08 11.94
C SER C 141 19.98 7.09 12.91
N SER C 142 18.66 7.08 13.07
CA SER C 142 17.96 5.85 13.48
C SER C 142 17.38 5.71 14.84
N LYS C 143 17.60 6.68 15.67
CA LYS C 143 17.05 6.63 17.03
C LYS C 143 15.53 6.90 17.12
N LYS C 144 14.94 7.47 16.07
CA LYS C 144 13.55 7.88 16.15
C LYS C 144 12.64 7.15 15.17
N ILE C 145 11.41 6.86 15.63
CA ILE C 145 10.38 6.22 14.80
C ILE C 145 9.08 7.03 14.83
N ALA C 146 8.54 7.25 13.65
CA ALA C 146 7.31 8.00 13.45
C ALA C 146 6.13 7.07 13.27
N LEU C 147 5.09 7.29 14.06
CA LEU C 147 3.84 6.56 13.90
C LEU C 147 2.87 7.47 13.18
N VAL C 148 2.52 7.12 11.95
CA VAL C 148 1.63 7.96 11.16
C VAL C 148 0.25 7.32 11.17
N GLU C 149 -0.77 8.11 11.48
CA GLU C 149 -2.16 7.64 11.54
C GLU C 149 -3.06 8.69 10.90
N ARG C 150 -4.34 8.38 10.81
CA ARG C 150 -5.30 9.37 10.34
C ARG C 150 -6.28 9.90 11.40
N GLU C 151 -6.50 11.20 11.32
CA GLU C 151 -7.30 11.95 12.28
CA GLU C 151 -7.30 11.95 12.28
C GLU C 151 -8.43 12.67 11.57
N PRO C 152 -9.64 12.66 12.16
CA PRO C 152 -10.71 13.43 11.54
C PRO C 152 -10.41 14.92 11.54
N LEU C 153 -11.05 15.62 10.61
CA LEU C 153 -10.89 17.05 10.47
C LEU C 153 -11.78 17.85 11.44
N GLY C 154 -12.97 17.32 11.75
CA GLY C 154 -13.92 17.97 12.64
C GLY C 154 -15.35 17.88 12.17
N VAL C 155 -15.88 19.00 11.68
CA VAL C 155 -17.28 19.12 11.21
C VAL C 155 -17.29 19.22 9.69
N VAL C 156 -17.86 18.22 9.03
CA VAL C 156 -17.99 18.20 7.58
C VAL C 156 -19.32 18.78 7.15
N LEU C 157 -19.28 19.77 6.25
CA LEU C 157 -20.49 20.23 5.58
C LEU C 157 -20.68 19.43 4.29
N ALA C 158 -21.82 18.75 4.18
CA ALA C 158 -22.08 17.94 3.01
C ALA C 158 -23.32 18.47 2.27
N ILE C 159 -23.12 18.84 1.02
CA ILE C 159 -24.18 19.44 0.21
C ILE C 159 -24.45 18.55 -0.98
N SER C 160 -25.68 18.04 -1.02
CA SER C 160 -26.11 17.09 -2.03
C SER C 160 -27.08 17.76 -3.05
N PRO C 161 -27.16 17.21 -4.27
CA PRO C 161 -27.98 17.73 -5.40
C PRO C 161 -29.39 17.10 -5.47
N PHE C 162 -30.29 17.62 -6.32
CA PHE C 162 -31.62 16.99 -6.50
C PHE C 162 -31.49 15.62 -7.16
N ASN C 163 -30.41 15.52 -7.94
CA ASN C 163 -29.98 14.42 -8.81
C ASN C 163 -30.16 13.05 -8.15
N TYR C 164 -29.48 12.91 -7.03
CA TYR C 164 -29.38 11.66 -6.32
C TYR C 164 -29.40 12.06 -4.86
N PRO C 165 -30.60 12.40 -4.36
CA PRO C 165 -30.89 12.97 -3.05
C PRO C 165 -30.55 12.04 -1.89
N VAL C 166 -30.34 10.77 -2.17
CA VAL C 166 -30.01 9.80 -1.15
C VAL C 166 -28.59 9.32 -1.34
N ASN C 167 -28.33 8.75 -2.51
CA ASN C 167 -27.00 8.34 -2.95
C ASN C 167 -25.91 9.41 -2.69
N LEU C 168 -26.10 10.61 -3.22
CA LEU C 168 -25.01 11.60 -3.18
C LEU C 168 -24.96 12.39 -1.88
N ALA C 169 -25.92 12.14 -1.01
CA ALA C 169 -25.89 12.57 0.38
C ALA C 169 -25.14 11.52 1.18
N ALA C 170 -25.62 10.29 1.15
CA ALA C 170 -24.97 9.21 1.90
C ALA C 170 -23.50 9.01 1.49
N ALA C 171 -23.20 9.13 0.19
CA ALA C 171 -21.81 9.05 -0.30
C ALA C 171 -20.88 10.03 0.36
N LYS C 172 -21.45 11.07 0.98
CA LYS C 172 -20.67 12.09 1.67
C LYS C 172 -20.68 11.84 3.17
N ILE C 173 -21.89 11.63 3.69
CA ILE C 173 -22.18 11.52 5.11
C ILE C 173 -21.44 10.32 5.74
N ALA C 174 -21.48 9.19 5.03
CA ALA C 174 -20.94 7.94 5.52
C ALA C 174 -19.43 7.99 5.76
N PRO C 175 -18.63 8.41 4.75
CA PRO C 175 -17.19 8.54 5.06
C PRO C 175 -16.84 9.57 6.13
N ALA C 176 -17.63 10.65 6.23
CA ALA C 176 -17.34 11.68 7.24
C ALA C 176 -17.59 11.13 8.65
N LEU C 177 -18.76 10.52 8.85
CA LEU C 177 -19.09 9.91 10.16
C LEU C 177 -18.18 8.76 10.58
N VAL C 178 -17.83 7.88 9.64
CA VAL C 178 -17.08 6.71 10.03
C VAL C 178 -15.64 7.01 10.44
N THR C 179 -15.09 8.08 9.88
CA THR C 179 -13.73 8.53 10.19
C THR C 179 -13.70 9.40 11.46
N GLY C 180 -14.86 9.58 12.07
CA GLY C 180 -14.93 10.33 13.31
C GLY C 180 -15.21 11.81 13.18
N ASN C 181 -15.63 12.26 11.99
CA ASN C 181 -16.12 13.64 11.82
C ASN C 181 -17.59 13.67 12.23
N THR C 182 -18.12 14.85 12.52
CA THR C 182 -19.57 15.03 12.53
C THR C 182 -20.01 15.74 11.25
N VAL C 183 -21.31 15.70 10.97
CA VAL C 183 -21.82 16.18 9.69
C VAL C 183 -22.97 17.16 9.79
N VAL C 184 -22.83 18.29 9.12
CA VAL C 184 -23.98 19.13 8.85
C VAL C 184 -24.42 18.85 7.42
N PHE C 185 -25.67 18.44 7.25
CA PHE C 185 -26.15 18.00 5.95
C PHE C 185 -27.16 19.02 5.43
N LYS C 186 -26.83 19.60 4.28
CA LYS C 186 -27.76 20.52 3.58
C LYS C 186 -28.22 19.93 2.22
N PRO C 187 -29.38 19.24 2.21
CA PRO C 187 -29.92 18.69 0.97
C PRO C 187 -30.35 19.79 0.02
N ALA C 188 -30.38 19.50 -1.29
CA ALA C 188 -31.16 20.33 -2.22
C ALA C 188 -32.60 20.41 -1.72
N THR C 189 -33.23 21.58 -1.85
CA THR C 189 -34.61 21.72 -1.40
C THR C 189 -35.52 20.65 -2.05
N GLN C 190 -35.48 20.58 -3.38
CA GLN C 190 -36.13 19.50 -4.12
C GLN C 190 -35.26 18.24 -4.02
N GLY C 191 -35.69 17.28 -3.20
CA GLY C 191 -34.85 16.16 -2.75
C GLY C 191 -34.66 16.13 -1.23
N SER C 192 -35.08 17.20 -0.56
CA SER C 192 -34.99 17.33 0.91
C SER C 192 -35.91 16.39 1.71
N LEU C 193 -37.11 16.11 1.22
CA LEU C 193 -37.94 15.12 1.92
C LEU C 193 -37.26 13.73 1.86
N SER C 194 -36.85 13.33 0.66
CA SER C 194 -36.07 12.11 0.44
C SER C 194 -34.82 12.06 1.31
N GLY C 195 -34.07 13.17 1.36
CA GLY C 195 -32.86 13.22 2.18
C GLY C 195 -33.18 13.03 3.66
N ILE C 196 -34.24 13.69 4.11
CA ILE C 196 -34.70 13.63 5.52
C ILE C 196 -35.14 12.22 5.95
N LYS C 197 -35.78 11.49 5.03
CA LYS C 197 -36.16 10.10 5.25
C LYS C 197 -34.92 9.19 5.38
N MET C 198 -33.88 9.49 4.62
CA MET C 198 -32.62 8.78 4.75
C MET C 198 -32.00 9.01 6.14
N VAL C 199 -31.99 10.26 6.60
CA VAL C 199 -31.43 10.61 7.92
C VAL C 199 -32.28 10.03 9.06
N GLU C 200 -33.60 10.06 8.91
CA GLU C 200 -34.48 9.40 9.91
C GLU C 200 -34.05 7.97 10.16
N ALA C 201 -33.64 7.30 9.09
CA ALA C 201 -33.08 5.95 9.16
C ALA C 201 -31.81 5.91 9.99
N LEU C 202 -30.90 6.87 9.76
CA LEU C 202 -29.69 7.01 10.57
C LEU C 202 -30.00 7.24 12.06
N ALA C 203 -30.92 8.16 12.35
CA ALA C 203 -31.34 8.40 13.74
C ALA C 203 -31.98 7.14 14.35
N ASP C 204 -32.85 6.47 13.58
CA ASP C 204 -33.47 5.23 14.08
C ASP C 204 -32.44 4.12 14.33
N ALA C 205 -31.28 4.23 13.68
CA ALA C 205 -30.19 3.26 13.88
C ALA C 205 -29.44 3.55 15.17
N GLY C 206 -29.61 4.75 15.69
CA GLY C 206 -29.03 5.15 16.96
C GLY C 206 -27.89 6.13 16.85
N ALA C 207 -27.86 6.92 15.78
CA ALA C 207 -26.85 7.96 15.65
C ALA C 207 -26.94 8.79 16.92
N PRO C 208 -25.81 8.95 17.64
CA PRO C 208 -25.78 9.77 18.85
C PRO C 208 -26.19 11.22 18.56
N GLU C 209 -26.56 11.95 19.60
CA GLU C 209 -27.10 13.30 19.42
C GLU C 209 -26.05 14.26 18.88
N GLY C 210 -26.36 14.92 17.76
CA GLY C 210 -25.51 15.98 17.24
C GLY C 210 -24.54 15.51 16.16
N ILE C 211 -24.35 14.20 16.09
CA ILE C 211 -23.50 13.50 15.11
C ILE C 211 -23.89 13.84 13.68
N ILE C 212 -25.20 13.95 13.44
CA ILE C 212 -25.71 14.41 12.14
C ILE C 212 -26.79 15.45 12.39
N GLN C 213 -26.60 16.65 11.83
CA GLN C 213 -27.63 17.69 11.84
C GLN C 213 -28.10 17.92 10.41
N VAL C 214 -29.41 18.06 10.23
CA VAL C 214 -30.01 18.39 8.92
C VAL C 214 -30.40 19.88 8.87
N VAL C 215 -29.98 20.54 7.79
CA VAL C 215 -30.32 21.96 7.59
C VAL C 215 -30.97 22.17 6.23
N THR C 216 -32.15 22.76 6.26
CA THR C 216 -32.93 23.02 5.05
C THR C 216 -33.23 24.51 5.00
N GLY C 217 -33.46 25.03 3.80
CA GLY C 217 -33.73 26.45 3.62
C GLY C 217 -33.27 26.91 2.27
N ARG C 218 -33.63 28.16 1.94
CA ARG C 218 -33.43 28.74 0.63
C ARG C 218 -31.95 29.01 0.34
N GLY C 219 -31.59 28.99 -0.94
CA GLY C 219 -30.20 29.12 -1.39
C GLY C 219 -29.48 30.39 -0.97
N SER C 220 -30.26 31.43 -0.67
CA SER C 220 -29.76 32.76 -0.34
C SER C 220 -30.11 33.23 1.08
N VAL C 221 -30.77 32.37 1.86
CA VAL C 221 -30.97 32.63 3.29
C VAL C 221 -29.76 32.13 4.10
N ILE C 222 -29.28 30.92 3.78
CA ILE C 222 -28.33 30.19 4.64
C ILE C 222 -27.09 29.68 3.89
N GLY C 223 -27.05 29.87 2.58
CA GLY C 223 -26.01 29.31 1.73
C GLY C 223 -24.60 29.79 2.02
N ASP C 224 -24.37 31.09 1.87
CA ASP C 224 -23.06 31.68 2.10
C ASP C 224 -22.65 31.52 3.55
N HIS C 225 -23.61 31.77 4.44
CA HIS C 225 -23.41 31.64 5.88
C HIS C 225 -22.80 30.27 6.21
N LEU C 226 -23.46 29.21 5.77
CA LEU C 226 -22.95 27.85 5.94
C LEU C 226 -21.52 27.67 5.42
N VAL C 227 -21.28 28.11 4.18
CA VAL C 227 -19.99 27.99 3.49
C VAL C 227 -18.85 28.81 4.14
N GLU C 228 -19.19 29.93 4.77
CA GLU C 228 -18.20 30.83 5.36
C GLU C 228 -18.04 30.63 6.88
N HIS C 229 -18.78 29.67 7.44
CA HIS C 229 -18.80 29.49 8.90
C HIS C 229 -17.49 28.93 9.47
N PRO C 230 -16.91 29.61 10.47
CA PRO C 230 -15.62 29.13 11.05
C PRO C 230 -15.71 27.75 11.73
N GLY C 231 -16.93 27.26 11.98
CA GLY C 231 -17.11 25.92 12.54
C GLY C 231 -17.02 24.80 11.52
N ILE C 232 -17.04 25.15 10.23
CA ILE C 232 -16.97 24.15 9.15
C ILE C 232 -15.52 23.87 8.74
N ASP C 233 -15.09 22.63 8.93
CA ASP C 233 -13.69 22.23 8.74
C ASP C 233 -13.43 21.59 7.38
N MET C 234 -14.50 21.42 6.59
CA MET C 234 -14.46 20.67 5.33
C MET C 234 -15.82 20.75 4.63
N ILE C 235 -15.80 21.01 3.32
CA ILE C 235 -17.01 21.02 2.52
C ILE C 235 -16.85 20.04 1.35
N THR C 236 -17.83 19.15 1.20
CA THR C 236 -18.01 18.36 -0.01
C THR C 236 -19.30 18.80 -0.67
N PHE C 237 -19.23 19.13 -1.95
CA PHE C 237 -20.41 19.65 -2.63
C PHE C 237 -20.57 18.93 -3.96
N THR C 238 -21.81 18.55 -4.27
CA THR C 238 -22.20 18.09 -5.60
C THR C 238 -23.31 19.00 -6.11
N GLY C 239 -23.20 19.46 -7.35
CA GLY C 239 -24.16 20.42 -7.90
C GLY C 239 -23.67 21.20 -9.10
N GLY C 240 -24.31 22.33 -9.32
CA GLY C 240 -24.05 23.19 -10.45
C GLY C 240 -22.67 23.82 -10.34
N THR C 241 -22.08 24.08 -11.50
CA THR C 241 -20.75 24.59 -11.59
C THR C 241 -20.64 25.97 -10.92
N THR C 242 -21.49 26.88 -11.36
CA THR C 242 -21.64 28.21 -10.77
C THR C 242 -21.65 28.22 -9.24
N THR C 243 -22.55 27.47 -8.63
CA THR C 243 -22.67 27.42 -7.16
C THR C 243 -21.37 26.91 -6.56
N GLY C 244 -20.82 25.86 -7.15
CA GLY C 244 -19.57 25.26 -6.70
C GLY C 244 -18.38 26.20 -6.73
N GLU C 245 -18.31 27.02 -7.78
CA GLU C 245 -17.27 28.02 -7.91
C GLU C 245 -17.39 29.05 -6.80
N ARG C 246 -18.62 29.49 -6.56
CA ARG C 246 -18.95 30.45 -5.51
C ARG C 246 -18.57 29.92 -4.13
N ILE C 247 -18.85 28.64 -3.91
CA ILE C 247 -18.47 27.95 -2.68
C ILE C 247 -16.96 27.94 -2.47
N SER C 248 -16.22 27.58 -3.52
CA SER C 248 -14.75 27.65 -3.53
C SER C 248 -14.25 29.05 -3.21
N GLU C 249 -14.76 30.03 -3.96
CA GLU C 249 -14.45 31.47 -3.76
C GLU C 249 -14.69 31.96 -2.33
N LYS C 250 -15.84 31.60 -1.76
CA LYS C 250 -16.18 32.06 -0.40
C LYS C 250 -15.51 31.29 0.75
N ALA C 251 -15.29 29.99 0.55
CA ALA C 251 -14.61 29.14 1.55
C ALA C 251 -13.17 29.62 1.80
N LYS C 252 -12.72 29.45 3.04
CA LYS C 252 -11.41 29.96 3.47
C LYS C 252 -10.79 28.92 4.38
N MET C 253 -9.51 28.58 4.14
CA MET C 253 -8.69 27.82 5.10
C MET C 253 -9.12 26.38 5.39
N ILE C 254 -9.93 25.82 4.51
CA ILE C 254 -10.42 24.45 4.68
C ILE C 254 -10.42 23.70 3.35
N PRO C 255 -10.25 22.36 3.41
CA PRO C 255 -10.36 21.57 2.20
C PRO C 255 -11.77 21.59 1.70
N VAL C 256 -11.89 21.59 0.38
CA VAL C 256 -13.15 21.71 -0.27
C VAL C 256 -13.12 20.71 -1.41
N VAL C 257 -14.17 19.89 -1.50
CA VAL C 257 -14.28 18.97 -2.61
C VAL C 257 -15.52 19.28 -3.40
N LEU C 258 -15.37 19.33 -4.73
CA LEU C 258 -16.43 19.74 -5.60
C LEU C 258 -16.69 18.77 -6.73
N GLU C 259 -17.94 18.32 -6.90
CA GLU C 259 -18.27 17.62 -8.15
C GLU C 259 -19.34 18.37 -8.92
N LEU C 260 -18.95 18.88 -10.08
CA LEU C 260 -19.75 19.84 -10.82
C LEU C 260 -20.30 19.29 -12.13
N GLY C 261 -20.67 20.17 -13.06
CA GLY C 261 -21.18 19.76 -14.35
C GLY C 261 -20.22 19.01 -15.26
N GLY C 262 -20.79 18.37 -16.27
CA GLY C 262 -20.03 17.63 -17.25
C GLY C 262 -20.56 17.85 -18.65
N LYS C 263 -19.67 17.70 -19.63
CA LYS C 263 -20.02 17.68 -21.05
C LYS C 263 -19.17 16.58 -21.65
N ASP C 264 -19.39 15.36 -21.14
CA ASP C 264 -18.57 14.19 -21.49
C ASP C 264 -18.74 13.84 -22.96
N PRO C 265 -17.62 13.73 -23.68
CA PRO C 265 -17.69 13.31 -25.06
C PRO C 265 -17.43 11.81 -25.24
N ALA C 266 -18.16 11.22 -26.19
CA ALA C 266 -17.85 9.88 -26.71
C ALA C 266 -17.19 10.03 -28.08
N ILE C 267 -15.92 9.66 -28.15
CA ILE C 267 -15.14 9.70 -29.38
C ILE C 267 -15.29 8.38 -30.13
N VAL C 268 -15.67 8.47 -31.39
CA VAL C 268 -15.99 7.28 -32.17
C VAL C 268 -15.14 7.19 -33.41
N LEU C 269 -14.27 6.19 -33.41
CA LEU C 269 -13.31 5.99 -34.48
C LEU C 269 -13.96 5.08 -35.51
N ASP C 270 -13.42 5.03 -36.72
CA ASP C 270 -14.08 4.33 -37.79
C ASP C 270 -13.98 2.79 -37.66
N ASP C 271 -13.02 2.31 -36.89
CA ASP C 271 -12.95 0.87 -36.62
C ASP C 271 -13.85 0.44 -35.45
N ALA C 272 -14.68 1.33 -34.94
CA ALA C 272 -15.55 1.03 -33.78
C ALA C 272 -16.61 -0.04 -34.07
N ASP C 273 -17.00 -0.81 -33.05
CA ASP C 273 -18.21 -1.64 -33.13
C ASP C 273 -19.36 -0.64 -33.01
N LEU C 274 -19.99 -0.32 -34.15
CA LEU C 274 -21.01 0.73 -34.15
C LEU C 274 -22.34 0.35 -33.48
N LYS C 275 -22.55 -0.93 -33.22
CA LYS C 275 -23.79 -1.33 -32.55
C LYS C 275 -23.62 -1.27 -31.03
N LEU C 276 -22.42 -1.61 -30.58
CA LEU C 276 -22.06 -1.46 -29.16
C LEU C 276 -21.99 0.02 -28.81
N THR C 277 -21.36 0.79 -29.70
CA THR C 277 -21.20 2.23 -29.51
C THR C 277 -22.53 2.98 -29.36
N ALA C 278 -23.45 2.71 -30.28
CA ALA C 278 -24.79 3.28 -30.24
C ALA C 278 -25.52 2.91 -28.95
N SER C 279 -25.49 1.64 -28.59
CA SER C 279 -26.12 1.16 -27.37
C SER C 279 -25.58 1.89 -26.13
N GLN C 280 -24.26 1.96 -25.99
CA GLN C 280 -23.63 2.58 -24.82
C GLN C 280 -23.91 4.08 -24.76
N ILE C 281 -23.82 4.74 -25.91
CA ILE C 281 -24.14 6.16 -26.09
C ILE C 281 -25.59 6.52 -25.67
N VAL C 282 -26.57 5.81 -26.22
CA VAL C 282 -27.98 6.03 -25.84
C VAL C 282 -28.23 5.75 -24.35
N SER C 283 -27.65 4.66 -23.83
CA SER C 283 -27.74 4.32 -22.40
C SER C 283 -27.17 5.44 -21.51
N GLY C 284 -25.93 5.84 -21.77
CA GLY C 284 -25.24 6.86 -21.00
C GLY C 284 -25.79 8.27 -21.14
N ALA C 285 -26.22 8.63 -22.33
CA ALA C 285 -26.73 9.97 -22.63
C ALA C 285 -28.12 10.26 -22.08
N PHE C 286 -29.01 9.27 -22.15
CA PHE C 286 -30.43 9.49 -21.82
C PHE C 286 -30.93 8.96 -20.48
N SER C 287 -30.05 8.30 -19.73
CA SER C 287 -30.35 7.88 -18.36
C SER C 287 -30.92 9.07 -17.58
N TYR C 288 -32.04 8.83 -16.86
CA TYR C 288 -32.72 9.88 -16.06
C TYR C 288 -32.84 11.14 -16.92
N SER C 289 -33.17 10.93 -18.19
CA SER C 289 -33.43 12.00 -19.15
C SER C 289 -32.29 12.96 -19.35
N GLY C 290 -31.06 12.50 -19.13
CA GLY C 290 -29.89 13.35 -19.25
C GLY C 290 -29.66 14.25 -18.04
N GLN C 291 -30.32 13.95 -16.93
CA GLN C 291 -30.15 14.81 -15.75
C GLN C 291 -29.05 14.27 -14.85
N ARG C 292 -27.81 14.42 -15.30
CA ARG C 292 -26.66 13.80 -14.61
C ARG C 292 -25.39 14.54 -15.03
N CYS C 293 -24.47 14.73 -14.09
CA CYS C 293 -23.20 15.40 -14.39
C CYS C 293 -22.33 14.49 -15.26
N THR C 294 -22.31 13.21 -14.88
CA THR C 294 -21.54 12.17 -15.55
C THR C 294 -22.48 11.47 -16.53
N ALA C 295 -22.35 11.80 -17.81
CA ALA C 295 -23.20 11.28 -18.88
C ALA C 295 -22.59 11.67 -20.23
N ILE C 296 -22.73 10.83 -21.25
CA ILE C 296 -22.33 11.20 -22.60
C ILE C 296 -23.22 12.36 -23.05
N LYS C 297 -22.62 13.52 -23.30
CA LYS C 297 -23.40 14.68 -23.75
C LYS C 297 -22.93 15.25 -25.07
N ARG C 298 -21.91 14.63 -25.65
CA ARG C 298 -21.26 15.07 -26.91
C ARG C 298 -20.79 13.81 -27.65
N VAL C 299 -21.08 13.70 -28.94
CA VAL C 299 -20.48 12.64 -29.75
C VAL C 299 -19.56 13.23 -30.82
N PHE C 300 -18.33 12.73 -30.87
CA PHE C 300 -17.41 13.04 -31.95
C PHE C 300 -17.17 11.78 -32.73
N VAL C 301 -17.73 11.73 -33.93
CA VAL C 301 -17.68 10.55 -34.78
C VAL C 301 -16.95 10.83 -36.09
N GLN C 302 -15.97 9.98 -36.42
CA GLN C 302 -15.26 10.09 -37.69
C GLN C 302 -16.23 10.04 -38.85
N ASP C 303 -15.87 10.70 -39.95
CA ASP C 303 -16.81 10.93 -41.03
C ASP C 303 -17.45 9.65 -41.58
N SER C 304 -16.59 8.71 -41.95
CA SER C 304 -16.92 7.48 -42.70
C SER C 304 -17.95 6.58 -42.03
N VAL C 305 -18.04 6.64 -40.70
CA VAL C 305 -18.97 5.79 -39.96
C VAL C 305 -20.18 6.53 -39.38
N ALA C 306 -20.14 7.85 -39.45
CA ALA C 306 -21.18 8.72 -38.91
C ALA C 306 -22.62 8.35 -39.30
N ASP C 307 -22.83 8.10 -40.60
CA ASP C 307 -24.16 7.81 -41.14
C ASP C 307 -24.74 6.53 -40.55
N GLN C 308 -23.94 5.46 -40.53
CA GLN C 308 -24.36 4.23 -39.88
C GLN C 308 -24.51 4.41 -38.36
N LEU C 309 -23.61 5.18 -37.74
CA LEU C 309 -23.68 5.39 -36.28
C LEU C 309 -24.99 6.11 -35.92
N VAL C 310 -25.21 7.26 -36.54
CA VAL C 310 -26.43 8.06 -36.37
C VAL C 310 -27.70 7.24 -36.55
N ALA C 311 -27.72 6.38 -37.58
CA ALA C 311 -28.89 5.56 -37.88
C ALA C 311 -29.11 4.52 -36.79
N ASN C 312 -28.02 4.02 -36.22
CA ASN C 312 -28.12 3.15 -35.04
C ASN C 312 -28.66 3.91 -33.83
N ILE C 313 -28.14 5.11 -33.58
CA ILE C 313 -28.55 5.91 -32.41
C ILE C 313 -30.01 6.33 -32.52
N LYS C 314 -30.43 6.63 -33.74
CA LYS C 314 -31.78 7.07 -34.05
C LYS C 314 -32.81 5.99 -33.68
N GLU C 315 -32.49 4.74 -34.06
CA GLU C 315 -33.33 3.56 -33.84
C GLU C 315 -33.62 3.28 -32.37
N LEU C 316 -32.58 3.36 -31.53
CA LEU C 316 -32.68 3.05 -30.10
C LEU C 316 -33.37 4.17 -29.34
N VAL C 317 -33.10 5.41 -29.76
CA VAL C 317 -33.75 6.60 -29.22
C VAL C 317 -35.26 6.47 -29.37
N GLU C 318 -35.70 6.01 -30.54
CA GLU C 318 -37.14 5.95 -30.86
C GLU C 318 -37.86 4.80 -30.18
N GLN C 319 -37.11 3.96 -29.48
CA GLN C 319 -37.67 2.86 -28.71
C GLN C 319 -37.90 3.26 -27.24
N LEU C 320 -37.13 4.25 -26.78
CA LEU C 320 -37.21 4.72 -25.40
C LEU C 320 -38.62 5.14 -25.06
N THR C 321 -39.07 4.74 -23.88
CA THR C 321 -40.40 5.08 -23.47
C THR C 321 -40.43 6.46 -22.83
N VAL C 322 -41.43 7.24 -23.19
CA VAL C 322 -41.66 8.57 -22.64
C VAL C 322 -42.95 8.57 -21.83
N GLY C 323 -42.86 9.03 -20.59
CA GLY C 323 -44.05 9.11 -19.75
C GLY C 323 -43.77 9.34 -18.28
N SER C 324 -44.49 8.59 -17.44
CA SER C 324 -44.51 8.78 -16.00
C SER C 324 -43.37 8.06 -15.29
N PRO C 325 -42.90 8.63 -14.17
CA PRO C 325 -41.95 7.97 -13.28
C PRO C 325 -42.51 6.67 -12.74
N GLU C 326 -43.81 6.68 -12.44
CA GLU C 326 -44.50 5.55 -11.82
C GLU C 326 -44.61 4.39 -12.82
N ASP C 327 -44.61 4.71 -14.10
CA ASP C 327 -44.72 3.70 -15.16
C ASP C 327 -43.36 3.13 -15.58
N ASP C 328 -42.30 3.60 -14.93
CA ASP C 328 -40.91 3.22 -15.25
C ASP C 328 -40.45 3.57 -16.66
N ALA C 329 -40.86 4.74 -17.15
CA ALA C 329 -40.47 5.21 -18.47
C ALA C 329 -38.99 5.54 -18.53
N ASP C 330 -38.39 5.39 -19.71
CA ASP C 330 -36.97 5.70 -19.89
C ASP C 330 -36.77 7.20 -19.75
N ILE C 331 -37.66 7.96 -20.38
CA ILE C 331 -37.60 9.41 -20.38
C ILE C 331 -38.79 10.00 -19.59
N THR C 332 -38.46 10.58 -18.43
CA THR C 332 -39.46 11.20 -17.55
C THR C 332 -39.37 12.74 -17.59
N PRO C 333 -40.38 13.46 -17.06
CA PRO C 333 -40.32 14.93 -17.11
C PRO C 333 -39.05 15.46 -16.44
N VAL C 334 -38.51 16.56 -16.96
CA VAL C 334 -37.35 17.22 -16.34
C VAL C 334 -37.75 17.89 -15.02
N ILE C 335 -36.76 18.31 -14.25
CA ILE C 335 -36.97 18.75 -12.85
C ILE C 335 -37.94 19.95 -12.66
N ASP C 336 -37.89 20.95 -13.54
CA ASP C 336 -38.76 22.14 -13.42
C ASP C 336 -38.95 22.86 -14.75
N GLU C 337 -39.86 23.84 -14.76
CA GLU C 337 -40.12 24.68 -15.93
C GLU C 337 -38.84 25.31 -16.45
N LYS C 338 -38.09 25.96 -15.54
CA LYS C 338 -36.86 26.69 -15.88
C LYS C 338 -35.84 25.82 -16.62
N SER C 339 -35.78 24.52 -16.27
CA SER C 339 -34.85 23.59 -16.91
C SER C 339 -35.28 23.28 -18.34
N ALA C 340 -36.59 23.06 -18.49
CA ALA C 340 -37.21 22.76 -19.76
C ALA C 340 -36.98 23.86 -20.80
N ALA C 341 -37.16 25.12 -20.37
CA ALA C 341 -36.90 26.27 -21.23
C ALA C 341 -35.42 26.33 -21.65
N PHE C 342 -34.54 25.97 -20.73
CA PHE C 342 -33.10 26.01 -21.01
C PHE C 342 -32.71 25.01 -22.10
N ILE C 343 -33.18 23.76 -21.98
CA ILE C 343 -32.93 22.72 -22.98
C ILE C 343 -33.57 23.11 -24.30
N GLN C 344 -34.76 23.69 -24.22
CA GLN C 344 -35.48 24.16 -25.39
C GLN C 344 -34.67 25.18 -26.16
N GLY C 345 -34.13 26.18 -25.46
CA GLY C 345 -33.31 27.23 -26.08
C GLY C 345 -32.07 26.70 -26.75
N LEU C 346 -31.50 25.61 -26.19
CA LEU C 346 -30.39 24.91 -26.79
C LEU C 346 -30.81 24.22 -28.08
N ILE C 347 -31.95 23.56 -28.05
CA ILE C 347 -32.50 22.90 -29.25
C ILE C 347 -32.72 23.92 -30.37
N ASP C 348 -33.31 25.05 -30.00
CA ASP C 348 -33.64 26.15 -30.90
C ASP C 348 -32.41 26.69 -31.65
N ASP C 349 -31.41 27.13 -30.88
CA ASP C 349 -30.13 27.62 -31.38
C ASP C 349 -29.49 26.65 -32.38
N ALA C 350 -29.50 25.36 -32.06
CA ALA C 350 -28.98 24.32 -32.95
C ALA C 350 -29.69 24.31 -34.31
N LEU C 351 -31.02 24.18 -34.29
CA LEU C 351 -31.83 24.08 -35.48
C LEU C 351 -31.75 25.35 -36.33
N GLU C 352 -31.75 26.50 -35.65
CA GLU C 352 -31.54 27.79 -36.30
C GLU C 352 -30.23 27.80 -37.08
N ASN C 353 -29.15 27.36 -36.44
CA ASN C 353 -27.81 27.37 -37.03
C ASN C 353 -27.57 26.22 -38.00
N GLY C 354 -28.63 25.46 -38.28
CA GLY C 354 -28.65 24.48 -39.36
C GLY C 354 -28.47 23.02 -39.01
N ALA C 355 -28.77 22.65 -37.77
CA ALA C 355 -28.62 21.25 -37.35
C ALA C 355 -29.71 20.36 -37.96
N THR C 356 -29.38 19.11 -38.26
CA THR C 356 -30.38 18.12 -38.69
C THR C 356 -31.07 17.50 -37.45
N LEU C 357 -32.40 17.59 -37.39
CA LEU C 357 -33.14 16.92 -36.35
C LEU C 357 -33.53 15.52 -36.82
N LEU C 358 -32.98 14.51 -36.17
CA LEU C 358 -33.26 13.10 -36.50
C LEU C 358 -34.40 12.52 -35.69
N SER C 359 -34.61 13.07 -34.49
CA SER C 359 -35.65 12.59 -33.60
C SER C 359 -35.99 13.63 -32.56
N GLY C 360 -37.28 13.81 -32.31
CA GLY C 360 -37.74 14.60 -31.18
C GLY C 360 -38.12 16.05 -31.44
N ASN C 361 -37.55 16.94 -30.61
CA ASN C 361 -38.11 18.28 -30.36
C ASN C 361 -39.63 18.25 -30.06
N LYS C 362 -40.04 17.27 -29.27
CA LYS C 362 -41.44 17.18 -28.83
C LYS C 362 -41.52 17.28 -27.31
N ARG C 363 -42.63 17.83 -26.81
CA ARG C 363 -42.83 17.98 -25.37
C ARG C 363 -44.31 18.12 -24.97
N GLN C 364 -44.58 17.80 -23.71
CA GLN C 364 -45.79 18.23 -23.02
C GLN C 364 -45.38 18.82 -21.69
N GLY C 365 -45.33 20.15 -21.63
CA GLY C 365 -44.85 20.85 -20.45
C GLY C 365 -43.38 20.52 -20.21
N ASN C 366 -43.10 20.00 -19.02
CA ASN C 366 -41.74 19.60 -18.63
C ASN C 366 -41.33 18.27 -19.26
N LEU C 367 -42.31 17.51 -19.74
CA LEU C 367 -42.03 16.21 -20.31
C LEU C 367 -41.51 16.35 -21.74
N LEU C 368 -40.19 16.34 -21.86
CA LEU C 368 -39.56 16.46 -23.15
C LEU C 368 -39.28 15.09 -23.71
N SER C 369 -39.57 14.92 -25.00
CA SER C 369 -39.19 13.73 -25.72
C SER C 369 -37.69 13.77 -25.98
N PRO C 370 -37.07 12.59 -26.18
CA PRO C 370 -35.64 12.49 -26.49
C PRO C 370 -35.30 13.11 -27.84
N THR C 371 -34.34 14.03 -27.83
CA THR C 371 -33.95 14.79 -29.01
C THR C 371 -32.56 14.36 -29.50
N LEU C 372 -32.46 14.05 -30.78
CA LEU C 372 -31.18 13.69 -31.39
C LEU C 372 -30.84 14.66 -32.49
N LEU C 373 -29.71 15.34 -32.34
CA LEU C 373 -29.29 16.32 -33.35
C LEU C 373 -28.04 15.88 -34.09
N ASP C 374 -28.08 15.94 -35.42
CA ASP C 374 -26.91 15.59 -36.25
C ASP C 374 -26.38 16.85 -36.98
N ASP C 375 -25.14 16.78 -37.46
CA ASP C 375 -24.51 17.91 -38.16
C ASP C 375 -24.43 19.14 -37.28
N VAL C 376 -24.32 18.88 -35.98
CA VAL C 376 -24.03 19.88 -34.97
C VAL C 376 -22.58 20.33 -35.19
N THR C 377 -22.32 21.63 -34.98
CA THR C 377 -20.99 22.22 -35.12
C THR C 377 -20.66 23.05 -33.88
N PRO C 378 -19.40 23.54 -33.74
CA PRO C 378 -18.92 24.38 -32.62
C PRO C 378 -19.61 25.75 -32.48
N ALA C 379 -20.14 26.29 -33.57
CA ALA C 379 -20.93 27.53 -33.54
C ALA C 379 -22.22 27.40 -32.73
N MET C 380 -22.59 26.16 -32.40
CA MET C 380 -23.85 25.89 -31.69
C MET C 380 -23.62 25.78 -30.18
N ARG C 381 -24.52 26.38 -29.42
CA ARG C 381 -24.46 26.33 -27.96
C ARG C 381 -24.52 24.89 -27.41
N VAL C 382 -25.38 24.07 -28.01
CA VAL C 382 -25.56 22.68 -27.57
C VAL C 382 -24.28 21.84 -27.66
N ALA C 383 -23.24 22.38 -28.29
CA ALA C 383 -21.97 21.70 -28.42
C ALA C 383 -21.12 21.83 -27.16
N TRP C 384 -21.43 22.82 -26.31
CA TRP C 384 -20.62 23.10 -25.12
C TRP C 384 -21.43 23.09 -23.84
N GLU C 385 -22.58 23.74 -23.87
CA GLU C 385 -23.40 23.89 -22.66
C GLU C 385 -24.05 22.58 -22.19
N GLU C 386 -23.93 22.30 -20.90
CA GLU C 386 -24.56 21.14 -20.28
C GLU C 386 -26.06 21.41 -20.14
N PRO C 387 -26.89 20.64 -20.88
CA PRO C 387 -28.34 20.79 -20.97
C PRO C 387 -29.07 20.29 -19.73
N PHE C 388 -28.51 19.25 -19.11
CA PHE C 388 -29.16 18.55 -18.00
C PHE C 388 -30.54 18.08 -18.42
N GLY C 389 -30.65 17.69 -19.69
CA GLY C 389 -31.91 17.31 -20.30
C GLY C 389 -31.67 16.35 -21.45
N PRO C 390 -32.76 15.79 -22.01
CA PRO C 390 -32.67 14.63 -22.90
C PRO C 390 -32.39 14.99 -24.36
N VAL C 391 -31.21 15.55 -24.60
CA VAL C 391 -30.77 15.99 -25.92
C VAL C 391 -29.34 15.53 -26.20
N LEU C 392 -29.13 14.93 -27.38
CA LEU C 392 -27.82 14.45 -27.74
C LEU C 392 -27.34 14.96 -29.09
N PRO C 393 -26.24 15.75 -29.10
CA PRO C 393 -25.68 16.27 -30.33
C PRO C 393 -24.55 15.41 -30.91
N ILE C 394 -24.54 15.26 -32.24
CA ILE C 394 -23.48 14.53 -32.94
C ILE C 394 -22.63 15.51 -33.73
N ILE C 395 -21.32 15.52 -33.47
CA ILE C 395 -20.41 16.37 -34.25
C ILE C 395 -19.47 15.52 -35.08
N ARG C 396 -19.63 15.62 -36.40
CA ARG C 396 -18.79 14.92 -37.37
C ARG C 396 -17.38 15.46 -37.33
N VAL C 397 -16.40 14.57 -37.49
CA VAL C 397 -15.01 14.87 -37.25
C VAL C 397 -14.10 14.15 -38.27
N LYS C 398 -12.95 14.75 -38.60
CA LYS C 398 -12.01 14.24 -39.61
C LYS C 398 -11.14 13.06 -39.13
N ASP C 399 -10.68 13.14 -37.88
CA ASP C 399 -9.81 12.15 -37.26
C ASP C 399 -9.81 12.29 -35.73
N ALA C 400 -8.98 11.49 -35.07
CA ALA C 400 -8.84 11.50 -33.62
C ALA C 400 -8.42 12.86 -33.09
N ASN C 401 -7.48 13.50 -33.76
CA ASN C 401 -6.86 14.74 -33.32
C ASN C 401 -7.82 15.93 -33.28
N GLU C 402 -8.83 15.91 -34.13
CA GLU C 402 -9.87 16.94 -34.10
C GLU C 402 -10.83 16.64 -32.94
N ALA C 403 -11.14 15.36 -32.74
CA ALA C 403 -11.96 14.93 -31.61
C ALA C 403 -11.32 15.34 -30.28
N ILE C 404 -10.01 15.14 -30.14
CA ILE C 404 -9.24 15.56 -28.96
C ILE C 404 -9.26 17.10 -28.79
N SER C 405 -8.91 17.84 -29.85
CA SER C 405 -8.93 19.30 -29.78
C SER C 405 -10.26 19.85 -29.27
N LEU C 406 -11.38 19.44 -29.89
CA LEU C 406 -12.71 19.91 -29.49
C LEU C 406 -13.10 19.42 -28.09
N SER C 407 -12.78 18.16 -27.79
CA SER C 407 -12.97 17.61 -26.44
C SER C 407 -12.29 18.47 -25.36
N ASN C 408 -11.03 18.82 -25.59
CA ASN C 408 -10.30 19.65 -24.65
C ASN C 408 -10.67 21.15 -24.61
N GLN C 409 -11.36 21.63 -25.64
CA GLN C 409 -11.80 23.02 -25.67
C GLN C 409 -12.99 23.28 -24.76
N SER C 410 -13.59 22.21 -24.24
CA SER C 410 -14.66 22.32 -23.24
C SER C 410 -14.07 22.90 -21.94
N ASP C 411 -14.80 23.79 -21.28
CA ASP C 411 -14.43 24.17 -19.91
C ASP C 411 -14.51 22.96 -18.98
N TYR C 412 -15.16 21.90 -19.46
CA TYR C 412 -15.40 20.70 -18.66
C TYR C 412 -14.32 19.61 -18.80
N GLY C 413 -14.24 18.73 -17.79
CA GLY C 413 -13.16 17.74 -17.72
C GLY C 413 -13.53 16.63 -16.75
N LEU C 414 -14.71 16.04 -16.93
CA LEU C 414 -15.22 15.04 -15.99
C LEU C 414 -14.87 13.63 -16.47
N GLN C 415 -15.55 13.17 -17.52
CA GLN C 415 -15.26 11.85 -18.09
C GLN C 415 -15.32 11.91 -19.61
N ALA C 416 -14.77 10.88 -20.25
CA ALA C 416 -14.72 10.77 -21.71
C ALA C 416 -14.87 9.31 -22.05
N SER C 417 -15.50 9.04 -23.18
CA SER C 417 -15.59 7.69 -23.72
C SER C 417 -14.82 7.66 -25.05
N ILE C 418 -14.16 6.54 -25.34
CA ILE C 418 -13.48 6.35 -26.62
C ILE C 418 -13.84 4.98 -27.19
N PHE C 419 -14.51 5.00 -28.34
CA PHE C 419 -14.99 3.80 -28.99
C PHE C 419 -14.12 3.45 -30.18
N THR C 420 -13.51 2.26 -30.13
CA THR C 420 -12.57 1.80 -31.16
C THR C 420 -12.19 0.35 -30.91
N LYS C 421 -11.92 -0.40 -31.98
CA LYS C 421 -11.48 -1.79 -31.83
C LYS C 421 -10.06 -1.86 -31.30
N ASP C 422 -9.28 -0.80 -31.58
CA ASP C 422 -7.85 -0.76 -31.26
C ASP C 422 -7.63 -0.15 -29.86
N THR C 423 -7.57 -1.03 -28.86
CA THR C 423 -7.44 -0.62 -27.45
C THR C 423 -6.14 0.16 -27.14
N ASP C 424 -5.02 -0.24 -27.76
CA ASP C 424 -3.76 0.48 -27.63
C ASP C 424 -3.87 1.95 -28.03
N ARG C 425 -4.55 2.22 -29.14
CA ARG C 425 -4.74 3.59 -29.62
C ARG C 425 -5.63 4.35 -28.63
N ALA C 426 -6.69 3.69 -28.18
CA ALA C 426 -7.67 4.29 -27.27
C ALA C 426 -6.99 4.77 -25.98
N ILE C 427 -6.16 3.92 -25.38
CA ILE C 427 -5.33 4.29 -24.23
C ILE C 427 -4.49 5.54 -24.49
N ASN C 428 -3.73 5.53 -25.58
CA ASN C 428 -2.90 6.67 -26.00
C ASN C 428 -3.73 7.95 -26.10
N ILE C 429 -4.83 7.88 -26.83
CA ILE C 429 -5.77 9.01 -26.97
C ILE C 429 -6.32 9.50 -25.62
N GLY C 430 -6.67 8.57 -24.73
CA GLY C 430 -7.27 8.91 -23.44
C GLY C 430 -6.35 9.79 -22.61
N LYS C 431 -5.05 9.46 -22.65
CA LYS C 431 -3.99 10.22 -22.00
C LYS C 431 -3.95 11.69 -22.45
N HIS C 432 -4.38 11.95 -23.68
CA HIS C 432 -4.45 13.32 -24.17
C HIS C 432 -5.78 14.00 -23.85
N LEU C 433 -6.73 13.29 -23.27
CA LEU C 433 -7.98 13.90 -22.79
C LEU C 433 -7.89 14.42 -21.35
N GLU C 434 -8.25 15.69 -21.15
CA GLU C 434 -8.22 16.32 -19.83
C GLU C 434 -9.50 16.00 -19.05
N VAL C 435 -9.59 14.77 -18.56
CA VAL C 435 -10.75 14.30 -17.83
C VAL C 435 -10.29 13.52 -16.61
N GLY C 436 -11.22 13.26 -15.68
CA GLY C 436 -10.87 12.42 -14.52
C GLY C 436 -10.75 10.96 -14.90
N THR C 437 -11.69 10.49 -15.70
CA THR C 437 -11.74 9.09 -16.08
C THR C 437 -12.03 8.99 -17.55
N VAL C 438 -11.25 8.15 -18.25
CA VAL C 438 -11.55 7.73 -19.60
C VAL C 438 -12.06 6.28 -19.64
N HIS C 439 -13.24 6.10 -20.24
CA HIS C 439 -13.83 4.77 -20.49
C HIS C 439 -13.62 4.24 -21.91
N ILE C 440 -12.93 3.10 -22.01
CA ILE C 440 -12.69 2.44 -23.30
C ILE C 440 -13.82 1.50 -23.67
N ASN C 441 -14.51 1.82 -24.78
CA ASN C 441 -15.63 1.03 -25.30
C ASN C 441 -16.76 0.84 -24.31
N ALA C 442 -17.08 1.92 -23.62
CA ALA C 442 -18.12 1.90 -22.61
C ALA C 442 -18.58 3.34 -22.35
N LYS C 443 -19.84 3.50 -21.97
CA LYS C 443 -20.37 4.78 -21.57
C LYS C 443 -19.59 5.34 -20.38
N THR C 444 -19.65 6.65 -20.19
CA THR C 444 -19.17 7.25 -18.96
C THR C 444 -20.12 6.87 -17.81
N GLU C 445 -19.58 6.84 -16.58
CA GLU C 445 -20.36 6.53 -15.39
C GLU C 445 -19.59 6.80 -14.10
N ARG C 446 -20.33 7.05 -13.01
CA ARG C 446 -19.74 7.35 -11.72
C ARG C 446 -19.11 6.10 -11.07
N GLY C 447 -19.89 5.05 -10.94
CA GLY C 447 -19.45 3.79 -10.35
C GLY C 447 -18.64 2.90 -11.30
N PRO C 448 -18.33 1.66 -10.85
CA PRO C 448 -18.62 1.24 -9.49
C PRO C 448 -17.86 2.08 -8.46
N ASP C 449 -18.49 2.22 -7.30
CA ASP C 449 -18.17 3.27 -6.34
C ASP C 449 -16.79 3.21 -5.69
N HIS C 450 -16.12 2.06 -5.79
CA HIS C 450 -14.76 1.94 -5.31
C HIS C 450 -13.70 2.57 -6.22
N PHE C 451 -14.04 2.82 -7.48
CA PHE C 451 -13.10 3.49 -8.40
C PHE C 451 -12.97 4.95 -7.98
N PRO C 452 -11.77 5.53 -8.18
CA PRO C 452 -11.63 6.97 -8.00
C PRO C 452 -12.60 7.70 -8.89
N PHE C 453 -13.27 8.71 -8.34
CA PHE C 453 -14.20 9.56 -9.11
C PHE C 453 -13.91 11.04 -8.92
N LEU C 454 -13.71 11.73 -10.04
CA LEU C 454 -13.28 13.13 -10.01
C LEU C 454 -13.46 13.88 -11.33
N GLY C 455 -13.71 15.18 -11.22
CA GLY C 455 -13.66 16.09 -12.37
C GLY C 455 -12.46 17.03 -12.23
N VAL C 456 -11.85 17.36 -13.36
CA VAL C 456 -10.86 18.44 -13.44
C VAL C 456 -11.44 19.62 -14.25
N LYS C 457 -10.64 20.68 -14.37
CA LYS C 457 -11.08 21.95 -14.91
C LYS C 457 -12.35 22.35 -14.15
N LYS C 458 -13.41 22.80 -14.85
CA LYS C 458 -14.62 23.24 -14.14
C LYS C 458 -15.56 22.09 -13.73
N SER C 459 -15.09 20.83 -13.82
CA SER C 459 -15.95 19.71 -13.46
C SER C 459 -15.76 19.27 -12.02
N GLY C 460 -14.77 19.84 -11.35
CA GLY C 460 -14.59 19.54 -9.96
C GLY C 460 -13.28 19.94 -9.34
N LEU C 461 -13.09 19.40 -8.12
CA LEU C 461 -11.99 19.77 -7.21
C LEU C 461 -11.90 18.70 -6.11
N GLY C 462 -10.72 18.13 -5.90
CA GLY C 462 -10.59 16.97 -5.00
C GLY C 462 -11.02 15.68 -5.70
N VAL C 463 -11.22 14.62 -4.93
CA VAL C 463 -11.49 13.28 -5.46
C VAL C 463 -12.52 12.63 -4.56
N GLN C 464 -13.48 11.95 -5.18
CA GLN C 464 -14.47 11.10 -4.46
C GLN C 464 -14.28 9.63 -4.89
N GLY C 465 -15.27 8.76 -4.67
CA GLY C 465 -15.01 7.34 -4.74
C GLY C 465 -14.79 6.88 -3.32
N ILE C 466 -14.93 5.59 -3.04
CA ILE C 466 -15.04 5.13 -1.64
C ILE C 466 -13.81 5.48 -0.78
N LYS C 467 -12.62 5.02 -1.20
CA LYS C 467 -11.40 5.30 -0.44
C LYS C 467 -10.90 6.73 -0.54
N PRO C 468 -10.84 7.32 -1.75
CA PRO C 468 -10.43 8.73 -1.79
C PRO C 468 -11.26 9.63 -0.89
N SER C 469 -12.54 9.31 -0.71
CA SER C 469 -13.42 10.14 0.09
C SER C 469 -12.99 10.09 1.54
N LEU C 470 -12.70 8.86 2.03
CA LEU C 470 -12.19 8.66 3.38
C LEU C 470 -10.95 9.50 3.64
N LEU C 471 -10.03 9.51 2.67
CA LEU C 471 -8.81 10.29 2.75
C LEU C 471 -9.09 11.77 2.81
N SER C 472 -10.04 12.26 2.00
CA SER C 472 -10.24 13.70 1.91
C SER C 472 -10.84 14.27 3.21
N MET C 473 -11.36 13.38 4.06
CA MET C 473 -12.06 13.81 5.24
C MET C 473 -11.25 13.59 6.52
N THR C 474 -9.94 13.37 6.34
CA THR C 474 -9.02 13.08 7.45
C THR C 474 -7.68 13.73 7.16
N ARG C 475 -6.74 13.63 8.10
CA ARG C 475 -5.40 14.18 7.94
C ARG C 475 -4.39 13.39 8.77
N GLU C 476 -3.13 13.43 8.36
CA GLU C 476 -2.03 12.76 9.04
C GLU C 476 -1.83 13.33 10.44
N ARG C 477 -1.74 12.43 11.42
CA ARG C 477 -1.21 12.78 12.73
C ARG C 477 0.05 11.94 12.98
N VAL C 478 1.16 12.64 13.24
CA VAL C 478 2.42 11.99 13.47
C VAL C 478 2.80 12.02 14.96
N THR C 479 3.23 10.88 15.46
CA THR C 479 3.77 10.74 16.81
C THR C 479 5.23 10.29 16.63
N VAL C 480 6.16 11.05 17.21
CA VAL C 480 7.57 10.69 17.07
C VAL C 480 8.09 10.25 18.43
N LEU C 481 8.71 9.07 18.44
CA LEU C 481 9.25 8.48 19.66
C LEU C 481 10.75 8.36 19.49
N ASN C 482 11.47 8.33 20.60
CA ASN C 482 12.90 8.06 20.54
C ASN C 482 13.20 6.65 21.04
N LEU C 483 13.69 5.82 20.14
CA LEU C 483 14.13 4.48 20.47
C LEU C 483 15.61 4.48 20.84
N GLN D 9 -24.36 -39.62 19.22
CA GLN D 9 -25.53 -39.63 18.28
C GLN D 9 -25.28 -38.81 17.01
N PHE D 10 -24.06 -38.90 16.47
CA PHE D 10 -23.73 -38.21 15.22
C PHE D 10 -22.77 -39.04 14.38
N ASN D 11 -23.35 -39.96 13.63
CA ASN D 11 -22.62 -40.72 12.65
C ASN D 11 -22.55 -39.90 11.37
N ALA D 12 -21.45 -39.17 11.24
CA ALA D 12 -21.28 -38.14 10.22
C ALA D 12 -20.77 -38.69 8.90
N ASN D 13 -21.23 -38.06 7.82
CA ASN D 13 -20.71 -38.34 6.49
C ASN D 13 -19.71 -37.25 6.04
N ILE D 14 -18.94 -37.56 5.01
CA ILE D 14 -17.97 -36.62 4.43
C ILE D 14 -18.48 -36.06 3.13
N LEU D 15 -18.01 -34.87 2.79
CA LEU D 15 -18.36 -34.20 1.55
C LEU D 15 -17.33 -34.45 0.47
N ARG D 16 -17.80 -35.01 -0.63
CA ARG D 16 -17.07 -35.08 -1.88
C ARG D 16 -17.98 -34.66 -3.02
N ASN D 17 -17.51 -33.73 -3.86
CA ASN D 17 -18.22 -33.31 -5.09
C ASN D 17 -19.69 -32.89 -4.92
N GLY D 18 -20.00 -32.25 -3.79
CA GLY D 18 -21.35 -31.75 -3.53
C GLY D 18 -22.26 -32.69 -2.78
N GLU D 19 -21.97 -33.98 -2.85
CA GLU D 19 -22.77 -35.00 -2.15
C GLU D 19 -22.14 -35.50 -0.86
N TRP D 20 -22.92 -35.46 0.20
CA TRP D 20 -22.53 -36.03 1.49
C TRP D 20 -22.56 -37.56 1.38
N VAL D 21 -21.37 -38.14 1.32
CA VAL D 21 -21.22 -39.57 1.06
C VAL D 21 -20.52 -40.29 2.22
N GLU D 22 -20.42 -41.61 2.09
CA GLU D 22 -19.74 -42.43 3.08
C GLU D 22 -18.62 -43.19 2.40
N SER D 23 -17.70 -43.73 3.20
CA SER D 23 -16.68 -44.65 2.70
C SER D 23 -17.35 -45.83 2.00
N ARG D 24 -16.90 -46.13 0.78
CA ARG D 24 -17.35 -47.34 0.09
C ARG D 24 -16.88 -48.53 0.92
N THR D 25 -15.60 -48.52 1.28
CA THR D 25 -15.00 -49.53 2.15
C THR D 25 -15.75 -49.70 3.50
N GLY D 26 -16.69 -48.79 3.76
CA GLY D 26 -17.65 -48.93 4.86
C GLY D 26 -17.15 -48.68 6.28
N GLU D 27 -15.84 -48.53 6.45
CA GLU D 27 -15.28 -48.36 7.79
C GLU D 27 -15.47 -46.96 8.37
N ARG D 28 -15.68 -46.93 9.68
CA ARG D 28 -15.80 -45.70 10.45
C ARG D 28 -14.81 -45.64 11.60
N ILE D 29 -14.67 -44.45 12.19
CA ILE D 29 -13.88 -44.24 13.40
C ILE D 29 -14.78 -43.53 14.41
N SER D 30 -14.98 -44.19 15.55
CA SER D 30 -15.86 -43.68 16.61
C SER D 30 -15.18 -42.57 17.37
N ILE D 31 -15.96 -41.58 17.76
CA ILE D 31 -15.44 -40.43 18.50
C ILE D 31 -16.10 -40.35 19.87
N SER D 32 -15.33 -40.01 20.88
CA SER D 32 -15.84 -39.96 22.25
C SER D 32 -15.58 -38.63 22.96
N ALA D 33 -16.50 -38.25 23.83
CA ALA D 33 -16.30 -37.10 24.69
C ALA D 33 -15.10 -37.43 25.57
N PRO D 34 -14.07 -36.55 25.60
CA PRO D 34 -12.94 -36.81 26.50
C PRO D 34 -13.31 -36.75 27.99
N ALA D 35 -14.26 -35.89 28.37
CA ALA D 35 -14.61 -35.72 29.78
C ALA D 35 -15.30 -36.96 30.33
N SER D 36 -16.05 -37.65 29.46
CA SER D 36 -16.92 -38.76 29.81
C SER D 36 -16.40 -40.13 29.40
N GLY D 37 -15.93 -40.23 28.17
CA GLY D 37 -15.78 -41.53 27.50
C GLY D 37 -17.06 -41.98 26.77
N VAL D 38 -18.14 -41.18 26.91
CA VAL D 38 -19.42 -41.46 26.26
C VAL D 38 -19.37 -41.18 24.75
N ALA D 39 -19.99 -42.05 23.96
CA ALA D 39 -19.98 -41.96 22.49
C ALA D 39 -20.66 -40.70 21.96
N LEU D 40 -20.14 -40.15 20.87
CA LEU D 40 -20.73 -38.96 20.26
C LEU D 40 -21.18 -39.23 18.84
N GLY D 41 -20.47 -40.14 18.18
CA GLY D 41 -20.74 -40.50 16.81
C GLY D 41 -19.48 -41.07 16.20
N SER D 42 -19.43 -41.05 14.88
CA SER D 42 -18.30 -41.60 14.15
C SER D 42 -18.01 -40.78 12.89
N ILE D 43 -16.81 -40.97 12.34
CA ILE D 43 -16.44 -40.41 11.04
C ILE D 43 -15.98 -41.54 10.12
N PRO D 44 -16.10 -41.34 8.80
CA PRO D 44 -15.62 -42.38 7.88
C PRO D 44 -14.10 -42.40 7.82
N ALA D 45 -13.51 -43.58 7.87
CA ALA D 45 -12.08 -43.75 7.63
C ALA D 45 -11.86 -44.01 6.15
N LEU D 46 -11.28 -43.03 5.46
CA LEU D 46 -11.18 -43.05 3.99
C LEU D 46 -9.95 -43.77 3.48
N SER D 47 -10.03 -44.20 2.23
CA SER D 47 -8.98 -44.95 1.54
C SER D 47 -8.12 -44.04 0.64
N GLN D 48 -7.08 -44.62 0.05
CA GLN D 48 -6.17 -43.88 -0.84
C GLN D 48 -6.88 -43.35 -2.10
N GLU D 49 -7.85 -44.12 -2.61
CA GLU D 49 -8.62 -43.72 -3.80
C GLU D 49 -9.56 -42.56 -3.49
N GLU D 50 -10.48 -42.78 -2.55
CA GLU D 50 -11.43 -41.73 -2.16
C GLU D 50 -10.74 -40.40 -1.84
N VAL D 51 -9.45 -40.46 -1.46
CA VAL D 51 -8.60 -39.29 -1.21
C VAL D 51 -8.10 -38.62 -2.51
N ASN D 52 -7.68 -39.42 -3.49
CA ASN D 52 -7.39 -38.94 -4.84
C ASN D 52 -8.65 -38.35 -5.46
N ASP D 53 -9.76 -39.06 -5.31
CA ASP D 53 -11.03 -38.61 -5.86
C ASP D 53 -11.43 -37.22 -5.38
N ALA D 54 -11.21 -36.97 -4.10
CA ALA D 54 -11.44 -35.65 -3.53
C ALA D 54 -10.50 -34.60 -4.13
N ILE D 55 -9.23 -34.97 -4.28
CA ILE D 55 -8.24 -34.04 -4.87
C ILE D 55 -8.56 -33.68 -6.33
N GLN D 56 -9.11 -34.64 -7.08
CA GLN D 56 -9.45 -34.38 -8.47
C GLN D 56 -10.68 -33.52 -8.61
N GLY D 57 -11.69 -33.78 -7.77
CA GLY D 57 -12.91 -33.00 -7.77
C GLY D 57 -12.61 -31.53 -7.49
N ALA D 58 -11.67 -31.30 -6.59
CA ALA D 58 -11.28 -29.95 -6.20
C ALA D 58 -10.58 -29.21 -7.33
N LYS D 59 -9.74 -29.93 -8.08
CA LYS D 59 -9.03 -29.39 -9.24
C LYS D 59 -9.94 -29.04 -10.42
N ASP D 60 -11.00 -29.82 -10.62
CA ASP D 60 -11.92 -29.54 -11.72
C ASP D 60 -12.83 -28.37 -11.37
N ALA D 61 -13.28 -28.32 -10.12
CA ALA D 61 -14.12 -27.21 -9.66
C ALA D 61 -13.31 -25.91 -9.49
N GLN D 62 -12.01 -26.03 -9.22
CA GLN D 62 -11.08 -24.89 -9.19
C GLN D 62 -11.18 -24.00 -10.43
N LYS D 63 -11.36 -24.62 -11.59
CA LYS D 63 -11.38 -23.88 -12.86
C LYS D 63 -12.72 -23.15 -13.09
N ILE D 64 -13.79 -23.63 -12.46
CA ILE D 64 -15.09 -22.95 -12.53
C ILE D 64 -15.17 -21.86 -11.45
N TRP D 65 -14.86 -22.23 -10.21
CA TRP D 65 -14.86 -21.31 -9.09
C TRP D 65 -13.97 -20.07 -9.27
N LYS D 66 -12.74 -20.28 -9.71
CA LYS D 66 -11.73 -19.20 -9.78
C LYS D 66 -12.11 -18.06 -10.71
N ILE D 67 -12.96 -18.37 -11.69
CA ILE D 67 -13.37 -17.37 -12.65
C ILE D 67 -14.68 -16.70 -12.24
N ARG D 68 -15.25 -17.10 -11.10
CA ARG D 68 -16.43 -16.40 -10.57
C ARG D 68 -16.08 -14.98 -10.14
N PRO D 69 -16.94 -13.99 -10.50
CA PRO D 69 -16.74 -12.63 -10.00
C PRO D 69 -16.44 -12.65 -8.49
N ILE D 70 -15.33 -12.04 -8.09
CA ILE D 70 -14.90 -11.99 -6.68
C ILE D 70 -16.06 -11.70 -5.70
N HIS D 71 -16.94 -10.77 -6.05
CA HIS D 71 -18.11 -10.50 -5.21
C HIS D 71 -18.95 -11.77 -4.95
N GLU D 72 -19.00 -12.67 -5.93
CA GLU D 72 -19.72 -13.95 -5.78
C GLU D 72 -19.00 -14.89 -4.83
N ARG D 73 -17.66 -14.81 -4.80
CA ARG D 73 -16.90 -15.61 -3.85
C ARG D 73 -17.09 -15.10 -2.42
N VAL D 74 -17.19 -13.78 -2.23
CA VAL D 74 -17.43 -13.22 -0.87
C VAL D 74 -18.85 -13.43 -0.33
N ASP D 75 -19.85 -13.46 -1.22
CA ASP D 75 -21.23 -13.62 -0.79
C ASP D 75 -21.41 -15.00 -0.15
N LEU D 76 -20.71 -16.00 -0.69
CA LEU D 76 -20.71 -17.36 -0.12
C LEU D 76 -20.14 -17.37 1.30
N LEU D 77 -19.12 -16.56 1.51
CA LEU D 77 -18.50 -16.48 2.82
C LEU D 77 -19.46 -15.85 3.81
N TYR D 78 -20.01 -14.68 3.47
CA TYR D 78 -21.02 -13.99 4.24
CA TYR D 78 -20.99 -14.02 4.29
C TYR D 78 -22.12 -14.98 4.65
N ALA D 79 -22.65 -15.71 3.67
CA ALA D 79 -23.74 -16.69 3.89
C ALA D 79 -23.36 -17.79 4.86
N TRP D 80 -22.12 -18.28 4.71
CA TRP D 80 -21.60 -19.32 5.59
C TRP D 80 -21.49 -18.77 7.01
N ALA D 81 -20.95 -17.56 7.14
CA ALA D 81 -20.79 -16.89 8.44
C ALA D 81 -22.13 -16.74 9.13
N ASP D 82 -23.13 -16.27 8.39
CA ASP D 82 -24.48 -16.11 8.93
C ASP D 82 -25.03 -17.42 9.50
N LEU D 83 -24.94 -18.49 8.71
CA LEU D 83 -25.42 -19.80 9.13
C LEU D 83 -24.66 -20.33 10.35
N LEU D 84 -23.36 -20.06 10.44
CA LEU D 84 -22.61 -20.51 11.63
C LEU D 84 -23.12 -19.79 12.89
N GLU D 85 -23.20 -18.46 12.82
CA GLU D 85 -23.72 -17.63 13.90
C GLU D 85 -25.11 -18.09 14.35
N GLU D 86 -25.98 -18.31 13.37
CA GLU D 86 -27.29 -18.92 13.57
C GLU D 86 -27.21 -20.23 14.35
N ARG D 87 -26.20 -21.04 14.07
CA ARG D 87 -26.04 -22.35 14.74
C ARG D 87 -25.02 -22.29 15.88
N LYS D 88 -24.88 -21.11 16.48
CA LYS D 88 -24.05 -20.89 17.67
C LYS D 88 -24.13 -22.08 18.63
N GLU D 89 -25.35 -22.40 19.02
CA GLU D 89 -25.64 -23.27 20.14
C GLU D 89 -25.46 -24.74 19.80
N ILE D 90 -25.85 -25.11 18.58
CA ILE D 90 -25.75 -26.48 18.10
C ILE D 90 -24.27 -26.85 17.91
N ILE D 91 -23.58 -26.06 17.11
CA ILE D 91 -22.17 -26.29 16.81
C ILE D 91 -21.37 -26.15 18.10
N GLY D 92 -21.54 -25.03 18.80
CA GLY D 92 -20.88 -24.79 20.08
C GLY D 92 -20.94 -25.99 21.04
N GLU D 93 -22.15 -26.54 21.23
CA GLU D 93 -22.32 -27.73 22.09
C GLU D 93 -21.49 -28.93 21.65
N LEU D 94 -21.38 -29.14 20.34
CA LEU D 94 -20.61 -30.25 19.80
C LEU D 94 -19.14 -30.05 20.16
N ILE D 95 -18.65 -28.84 19.94
CA ILE D 95 -17.28 -28.50 20.35
C ILE D 95 -17.02 -28.78 21.83
N MET D 96 -17.85 -28.27 22.74
CA MET D 96 -17.58 -28.49 24.18
C MET D 96 -17.46 -29.98 24.54
N HIS D 97 -18.33 -30.82 23.97
CA HIS D 97 -18.26 -32.26 24.22
C HIS D 97 -17.01 -32.88 23.58
N GLU D 98 -16.84 -32.65 22.27
CA GLU D 98 -15.88 -33.39 21.42
C GLU D 98 -14.42 -33.17 21.81
N VAL D 99 -14.09 -31.91 22.12
CA VAL D 99 -12.73 -31.55 22.49
C VAL D 99 -12.65 -31.08 23.94
N ALA D 100 -13.75 -31.25 24.68
CA ALA D 100 -13.83 -30.90 26.11
C ALA D 100 -13.51 -29.42 26.42
N LYS D 101 -14.05 -28.53 25.61
CA LYS D 101 -13.84 -27.08 25.78
C LYS D 101 -14.96 -26.48 26.62
N PRO D 102 -14.62 -25.66 27.64
CA PRO D 102 -15.65 -24.99 28.46
C PRO D 102 -16.81 -24.41 27.60
N LYS D 103 -18.05 -24.63 28.04
CA LYS D 103 -19.27 -24.37 27.24
C LYS D 103 -19.35 -23.02 26.53
N LYS D 104 -19.21 -21.93 27.27
CA LYS D 104 -19.37 -20.60 26.71
C LYS D 104 -18.20 -20.27 25.77
N SER D 105 -17.03 -20.83 26.07
CA SER D 105 -15.85 -20.64 25.21
C SER D 105 -15.97 -21.38 23.87
N ALA D 106 -16.68 -22.51 23.86
CA ALA D 106 -16.91 -23.31 22.64
C ALA D 106 -17.91 -22.65 21.70
N ILE D 107 -18.97 -22.06 22.27
CA ILE D 107 -19.90 -21.26 21.49
C ILE D 107 -19.19 -20.02 21.00
N GLY D 108 -18.31 -19.47 21.84
CA GLY D 108 -17.50 -18.29 21.53
C GLY D 108 -16.60 -18.54 20.33
N GLU D 109 -16.14 -19.78 20.20
CA GLU D 109 -15.32 -20.20 19.07
C GLU D 109 -16.10 -20.07 17.76
N VAL D 110 -17.36 -20.51 17.76
CA VAL D 110 -18.23 -20.37 16.58
C VAL D 110 -18.51 -18.88 16.26
N SER D 111 -18.78 -18.05 17.28
CA SER D 111 -19.03 -16.61 17.08
C SER D 111 -17.85 -15.96 16.41
N ARG D 112 -16.66 -16.20 16.98
CA ARG D 112 -15.44 -15.58 16.49
C ARG D 112 -15.15 -16.07 15.08
N THR D 113 -15.46 -17.35 14.81
CA THR D 113 -15.23 -17.94 13.50
C THR D 113 -15.95 -17.17 12.39
N ALA D 114 -17.24 -16.89 12.58
CA ALA D 114 -18.04 -16.11 11.62
C ALA D 114 -17.50 -14.70 11.47
N ASP D 115 -16.97 -14.17 12.55
CA ASP D 115 -16.30 -12.88 12.54
C ASP D 115 -15.05 -12.90 11.68
N ILE D 116 -14.27 -13.99 11.76
CA ILE D 116 -13.08 -14.16 10.92
C ILE D 116 -13.44 -14.36 9.44
N ILE D 117 -14.50 -15.11 9.19
CA ILE D 117 -14.94 -15.38 7.83
C ILE D 117 -15.46 -14.09 7.14
N ARG D 118 -16.18 -13.24 7.88
CA ARG D 118 -16.70 -12.01 7.27
C ARG D 118 -15.58 -11.03 6.96
N HIS D 119 -14.66 -10.88 7.89
CA HIS D 119 -13.52 -9.95 7.76
C HIS D 119 -12.54 -10.35 6.69
N THR D 120 -12.38 -11.67 6.50
CA THR D 120 -11.62 -12.31 5.43
C THR D 120 -12.27 -12.03 4.08
N ALA D 121 -13.57 -12.26 4.00
CA ALA D 121 -14.34 -11.89 2.79
C ALA D 121 -14.12 -10.44 2.35
N ASP D 122 -14.31 -9.49 3.26
CA ASP D 122 -14.14 -8.05 2.96
C ASP D 122 -12.68 -7.74 2.58
N GLU D 123 -11.73 -8.42 3.23
CA GLU D 123 -10.32 -8.21 2.93
C GLU D 123 -9.96 -8.66 1.51
N ALA D 124 -10.64 -9.69 1.03
CA ALA D 124 -10.40 -10.18 -0.33
C ALA D 124 -10.86 -9.17 -1.38
N LEU D 125 -12.02 -8.56 -1.13
CA LEU D 125 -12.53 -7.47 -1.96
C LEU D 125 -11.54 -6.33 -2.14
N ARG D 126 -10.55 -6.25 -1.25
CA ARG D 126 -9.64 -5.11 -1.30
C ARG D 126 -8.22 -5.43 -1.74
N LEU D 127 -8.02 -6.62 -2.32
CA LEU D 127 -6.72 -6.96 -2.85
C LEU D 127 -6.56 -6.33 -4.23
N ASN D 128 -6.07 -5.09 -4.25
CA ASN D 128 -5.95 -4.32 -5.48
C ASN D 128 -4.67 -4.72 -6.22
N GLY D 129 -4.71 -4.63 -7.54
CA GLY D 129 -3.51 -4.80 -8.37
C GLY D 129 -2.64 -3.55 -8.43
N GLU D 130 -1.44 -3.71 -9.00
CA GLU D 130 -0.58 -2.55 -9.25
C GLU D 130 -0.03 -2.54 -10.66
N THR D 131 0.38 -1.36 -11.13
CA THR D 131 1.06 -1.22 -12.42
C THR D 131 2.44 -0.59 -12.22
N LEU D 132 3.39 -1.08 -13.00
CA LEU D 132 4.78 -0.66 -12.99
C LEU D 132 5.14 -0.32 -14.40
N LYS D 133 6.00 0.68 -14.54
CA LYS D 133 6.43 1.14 -15.84
C LYS D 133 7.85 0.67 -16.01
N GLY D 134 8.25 0.38 -17.23
CA GLY D 134 9.57 -0.17 -17.46
C GLY D 134 10.70 0.73 -17.00
N ASP D 135 10.55 2.04 -17.22
CA ASP D 135 11.64 2.98 -16.91
C ASP D 135 11.79 3.38 -15.41
N GLN D 136 11.03 2.72 -14.53
CA GLN D 136 11.25 2.84 -13.06
C GLN D 136 12.56 2.17 -12.62
N PHE D 137 13.19 1.43 -13.54
CA PHE D 137 14.47 0.78 -13.35
C PHE D 137 15.38 1.30 -14.46
N LYS D 138 16.65 1.59 -14.12
CA LYS D 138 17.61 2.18 -15.09
C LYS D 138 17.68 1.41 -16.40
N GLY D 139 17.47 2.11 -17.50
CA GLY D 139 17.56 1.50 -18.83
C GLY D 139 16.24 0.89 -19.30
N GLY D 140 15.29 0.73 -18.38
CA GLY D 140 13.98 0.13 -18.68
C GLY D 140 13.11 0.91 -19.64
N SER D 141 12.15 0.24 -20.26
CA SER D 141 11.35 0.91 -21.29
C SER D 141 10.10 1.68 -20.80
N SER D 142 10.04 2.95 -21.18
CA SER D 142 8.91 3.80 -20.85
C SER D 142 7.59 3.31 -21.47
N LYS D 143 7.68 2.52 -22.55
CA LYS D 143 6.49 1.98 -23.19
C LYS D 143 6.14 0.54 -22.76
N LYS D 144 6.72 0.11 -21.63
CA LYS D 144 6.33 -1.17 -21.03
C LYS D 144 5.57 -0.89 -19.76
N ILE D 145 4.40 -1.51 -19.65
CA ILE D 145 3.60 -1.44 -18.44
C ILE D 145 3.27 -2.85 -17.97
N ALA D 146 3.59 -3.12 -16.71
CA ALA D 146 3.26 -4.41 -16.10
C ALA D 146 2.03 -4.23 -15.21
N LEU D 147 0.98 -5.02 -15.49
CA LEU D 147 -0.21 -5.14 -14.65
C LEU D 147 -0.01 -6.34 -13.74
N VAL D 148 0.11 -6.09 -12.44
CA VAL D 148 0.39 -7.14 -11.48
C VAL D 148 -0.91 -7.40 -10.70
N GLU D 149 -1.34 -8.66 -10.69
CA GLU D 149 -2.48 -9.05 -9.90
C GLU D 149 -2.13 -10.29 -9.08
N ARG D 150 -3.08 -10.76 -8.26
CA ARG D 150 -2.95 -12.03 -7.52
C ARG D 150 -3.85 -13.14 -8.07
N GLU D 151 -3.28 -14.33 -8.17
CA GLU D 151 -3.94 -15.50 -8.75
C GLU D 151 -3.95 -16.62 -7.70
N PRO D 152 -5.09 -17.33 -7.54
CA PRO D 152 -5.07 -18.52 -6.67
C PRO D 152 -3.95 -19.50 -7.05
N LEU D 153 -3.46 -20.26 -6.08
CA LEU D 153 -2.47 -21.29 -6.38
C LEU D 153 -3.11 -22.57 -6.96
N GLY D 154 -4.35 -22.89 -6.54
CA GLY D 154 -5.00 -24.15 -6.97
C GLY D 154 -5.86 -24.85 -5.90
N VAL D 155 -5.48 -26.09 -5.57
CA VAL D 155 -6.13 -26.83 -4.49
C VAL D 155 -5.29 -26.70 -3.22
N VAL D 156 -5.89 -26.21 -2.15
CA VAL D 156 -5.21 -25.98 -0.87
C VAL D 156 -5.57 -27.06 0.12
N LEU D 157 -4.55 -27.67 0.73
CA LEU D 157 -4.76 -28.65 1.78
C LEU D 157 -4.72 -27.95 3.12
N ALA D 158 -5.85 -27.99 3.83
CA ALA D 158 -6.01 -27.38 5.13
C ALA D 158 -6.12 -28.49 6.15
N ILE D 159 -5.20 -28.49 7.11
CA ILE D 159 -5.15 -29.51 8.15
C ILE D 159 -5.25 -28.80 9.50
N SER D 160 -6.34 -29.02 10.18
CA SER D 160 -6.63 -28.30 11.43
C SER D 160 -6.50 -29.20 12.68
N PRO D 161 -6.30 -28.58 13.87
CA PRO D 161 -6.06 -29.30 15.14
C PRO D 161 -7.34 -29.54 15.96
N PHE D 162 -7.23 -30.18 17.12
CA PHE D 162 -8.36 -30.40 18.04
C PHE D 162 -8.60 -29.16 18.90
N ASN D 163 -7.51 -28.45 19.17
CA ASN D 163 -7.38 -27.10 19.70
C ASN D 163 -8.62 -26.25 19.46
N TYR D 164 -8.82 -25.94 18.18
CA TYR D 164 -9.85 -25.02 17.72
C TYR D 164 -10.36 -25.63 16.42
N PRO D 165 -11.35 -26.52 16.50
CA PRO D 165 -11.73 -27.32 15.35
C PRO D 165 -12.77 -26.65 14.41
N VAL D 166 -13.22 -25.45 14.77
CA VAL D 166 -14.05 -24.65 13.87
C VAL D 166 -13.20 -23.44 13.51
N ASN D 167 -12.72 -22.73 14.52
CA ASN D 167 -11.90 -21.53 14.34
C ASN D 167 -10.66 -21.70 13.47
N LEU D 168 -9.81 -22.69 13.78
CA LEU D 168 -8.55 -22.90 13.08
C LEU D 168 -8.75 -23.67 11.77
N ALA D 169 -9.94 -24.25 11.60
CA ALA D 169 -10.34 -24.80 10.31
C ALA D 169 -10.81 -23.71 9.30
N ALA D 170 -11.83 -22.94 9.67
CA ALA D 170 -12.29 -21.79 8.87
C ALA D 170 -11.23 -20.71 8.58
N ALA D 171 -10.32 -20.50 9.51
CA ALA D 171 -9.20 -19.57 9.31
C ALA D 171 -8.34 -19.94 8.10
N LYS D 172 -8.44 -21.19 7.65
CA LYS D 172 -7.70 -21.71 6.48
C LYS D 172 -8.57 -21.82 5.25
N ILE D 173 -9.78 -22.35 5.46
CA ILE D 173 -10.73 -22.53 4.36
C ILE D 173 -11.20 -21.19 3.77
N ALA D 174 -11.59 -20.22 4.61
CA ALA D 174 -12.13 -18.94 4.10
C ALA D 174 -11.18 -18.18 3.18
N PRO D 175 -9.91 -17.92 3.63
CA PRO D 175 -9.06 -17.14 2.71
C PRO D 175 -8.78 -17.89 1.44
N ALA D 176 -8.70 -19.21 1.53
CA ALA D 176 -8.45 -20.07 0.38
C ALA D 176 -9.54 -19.98 -0.70
N LEU D 177 -10.80 -20.10 -0.30
CA LEU D 177 -11.90 -20.12 -1.28
C LEU D 177 -12.16 -18.74 -1.84
N VAL D 178 -12.08 -17.72 -1.00
CA VAL D 178 -12.42 -16.37 -1.45
C VAL D 178 -11.39 -15.82 -2.44
N THR D 179 -10.17 -16.37 -2.42
CA THR D 179 -9.15 -15.92 -3.38
C THR D 179 -9.12 -16.83 -4.58
N GLY D 180 -10.04 -17.80 -4.60
CA GLY D 180 -10.28 -18.57 -5.81
C GLY D 180 -9.60 -19.92 -5.88
N ASN D 181 -9.07 -20.38 -4.75
CA ASN D 181 -8.54 -21.75 -4.60
C ASN D 181 -9.70 -22.67 -4.27
N THR D 182 -9.46 -23.98 -4.33
CA THR D 182 -10.38 -24.97 -3.74
C THR D 182 -9.70 -25.64 -2.55
N VAL D 183 -10.48 -26.37 -1.75
CA VAL D 183 -9.96 -26.93 -0.51
C VAL D 183 -10.18 -28.43 -0.37
N VAL D 184 -9.09 -29.11 -0.02
CA VAL D 184 -9.19 -30.42 0.62
C VAL D 184 -8.99 -30.19 2.11
N PHE D 185 -10.05 -30.45 2.88
CA PHE D 185 -10.09 -30.23 4.33
C PHE D 185 -9.92 -31.53 5.12
N LYS D 186 -8.85 -31.59 5.91
CA LYS D 186 -8.62 -32.72 6.85
C LYS D 186 -8.62 -32.26 8.31
N PRO D 187 -9.76 -32.44 9.03
CA PRO D 187 -9.77 -32.06 10.45
C PRO D 187 -8.94 -32.99 11.30
N ALA D 188 -8.49 -32.55 12.48
CA ALA D 188 -8.02 -33.50 13.47
C ALA D 188 -9.17 -34.47 13.72
N THR D 189 -8.86 -35.75 13.90
CA THR D 189 -9.91 -36.75 14.10
C THR D 189 -10.73 -36.43 15.35
N GLN D 190 -10.05 -36.08 16.43
CA GLN D 190 -10.73 -35.50 17.57
C GLN D 190 -11.00 -34.03 17.20
N GLY D 191 -12.23 -33.74 16.80
CA GLY D 191 -12.60 -32.43 16.23
C GLY D 191 -13.25 -32.58 14.86
N SER D 192 -13.11 -33.75 14.26
CA SER D 192 -13.73 -34.01 12.97
C SER D 192 -15.27 -33.81 12.94
N LEU D 193 -15.98 -34.14 14.02
CA LEU D 193 -17.44 -33.90 14.02
C LEU D 193 -17.80 -32.41 13.98
N SER D 194 -17.11 -31.61 14.79
CA SER D 194 -17.32 -30.16 14.81
C SER D 194 -16.96 -29.54 13.47
N GLY D 195 -15.81 -29.90 12.91
CA GLY D 195 -15.46 -29.48 11.55
C GLY D 195 -16.43 -29.94 10.47
N ILE D 196 -17.03 -31.12 10.61
CA ILE D 196 -18.00 -31.57 9.61
C ILE D 196 -19.24 -30.66 9.68
N LYS D 197 -19.75 -30.44 10.89
CA LYS D 197 -20.86 -29.51 11.12
C LYS D 197 -20.55 -28.11 10.62
N MET D 198 -19.31 -27.66 10.79
CA MET D 198 -18.91 -26.38 10.20
C MET D 198 -19.07 -26.39 8.69
N VAL D 199 -18.59 -27.46 8.06
CA VAL D 199 -18.62 -27.58 6.58
C VAL D 199 -20.03 -27.69 6.05
N GLU D 200 -20.88 -28.39 6.79
CA GLU D 200 -22.30 -28.49 6.48
C GLU D 200 -22.95 -27.14 6.24
N ALA D 201 -22.69 -26.19 7.14
CA ALA D 201 -23.17 -24.82 7.03
C ALA D 201 -22.69 -24.14 5.74
N LEU D 202 -21.49 -24.50 5.28
CA LEU D 202 -20.94 -23.96 4.02
C LEU D 202 -21.69 -24.51 2.81
N ALA D 203 -21.99 -25.81 2.88
CA ALA D 203 -22.81 -26.51 1.90
C ALA D 203 -24.23 -25.94 1.85
N ASP D 204 -24.83 -25.75 3.03
CA ASP D 204 -26.20 -25.22 3.14
C ASP D 204 -26.24 -23.74 2.72
N ALA D 205 -25.06 -23.12 2.69
CA ALA D 205 -24.90 -21.73 2.27
C ALA D 205 -24.83 -21.62 0.75
N GLY D 206 -24.72 -22.77 0.09
CA GLY D 206 -24.66 -22.81 -1.37
C GLY D 206 -23.28 -22.99 -1.99
N ALA D 207 -22.36 -23.64 -1.30
CA ALA D 207 -21.04 -23.92 -1.89
C ALA D 207 -21.21 -24.79 -3.15
N PRO D 208 -20.67 -24.32 -4.29
CA PRO D 208 -20.72 -25.20 -5.48
C PRO D 208 -19.94 -26.49 -5.24
N GLU D 209 -20.28 -27.54 -6.00
CA GLU D 209 -19.70 -28.88 -5.86
C GLU D 209 -18.18 -28.88 -6.05
N GLY D 210 -17.45 -29.56 -5.16
CA GLY D 210 -16.00 -29.71 -5.28
C GLY D 210 -15.11 -28.66 -4.60
N ILE D 211 -15.58 -27.43 -4.51
CA ILE D 211 -14.81 -26.30 -3.92
C ILE D 211 -14.26 -26.61 -2.53
N ILE D 212 -15.09 -27.30 -1.74
CA ILE D 212 -14.74 -27.85 -0.46
C ILE D 212 -14.98 -29.37 -0.47
N GLN D 213 -13.91 -30.11 -0.17
CA GLN D 213 -13.97 -31.56 0.05
C GLN D 213 -13.47 -31.84 1.48
N VAL D 214 -14.15 -32.75 2.18
CA VAL D 214 -13.71 -33.16 3.51
C VAL D 214 -13.08 -34.54 3.44
N VAL D 215 -11.84 -34.65 3.87
CA VAL D 215 -11.18 -35.94 3.92
C VAL D 215 -10.99 -36.32 5.36
N THR D 216 -11.53 -37.47 5.75
CA THR D 216 -11.32 -38.01 7.08
C THR D 216 -10.74 -39.41 6.98
N GLY D 217 -9.98 -39.78 7.98
CA GLY D 217 -9.29 -41.04 7.96
C GLY D 217 -8.31 -41.08 9.09
N ARG D 218 -7.85 -42.28 9.40
CA ARG D 218 -6.99 -42.52 10.56
C ARG D 218 -5.91 -41.42 10.74
N GLY D 219 -4.93 -41.38 9.85
CA GLY D 219 -3.84 -40.43 9.96
C GLY D 219 -2.52 -41.02 9.53
N SER D 220 -2.61 -42.16 8.85
CA SER D 220 -1.49 -42.75 8.13
C SER D 220 -1.97 -43.35 6.81
N VAL D 221 -3.13 -43.98 6.85
CA VAL D 221 -3.82 -44.45 5.65
C VAL D 221 -4.03 -43.27 4.68
N ILE D 222 -4.00 -42.05 5.24
CA ILE D 222 -4.20 -40.82 4.48
C ILE D 222 -3.11 -39.77 4.71
N GLY D 223 -2.52 -39.77 5.90
CA GLY D 223 -1.52 -38.78 6.30
C GLY D 223 -0.50 -38.42 5.22
N ASP D 224 0.50 -39.28 5.05
CA ASP D 224 1.58 -39.06 4.08
C ASP D 224 1.10 -38.85 2.63
N HIS D 225 0.18 -39.72 2.18
CA HIS D 225 -0.39 -39.69 0.82
C HIS D 225 -0.94 -38.31 0.42
N LEU D 226 -1.57 -37.62 1.37
CA LEU D 226 -2.07 -36.27 1.14
C LEU D 226 -0.91 -35.30 0.94
N VAL D 227 -0.02 -35.26 1.91
CA VAL D 227 1.09 -34.31 1.96
C VAL D 227 2.05 -34.47 0.77
N GLU D 228 2.09 -35.69 0.23
CA GLU D 228 2.94 -36.05 -0.90
C GLU D 228 2.27 -35.95 -2.28
N HIS D 229 1.01 -35.53 -2.31
CA HIS D 229 0.21 -35.58 -3.54
C HIS D 229 0.51 -34.47 -4.54
N PRO D 230 0.95 -34.82 -5.77
CA PRO D 230 1.22 -33.81 -6.80
C PRO D 230 0.02 -32.87 -7.08
N GLY D 231 -1.19 -33.30 -6.72
CA GLY D 231 -2.40 -32.49 -6.89
C GLY D 231 -2.58 -31.34 -5.90
N ILE D 232 -1.70 -31.27 -4.91
CA ILE D 232 -1.73 -30.24 -3.87
C ILE D 232 -0.73 -29.14 -4.21
N ASP D 233 -1.21 -27.89 -4.21
CA ASP D 233 -0.42 -26.75 -4.62
C ASP D 233 -0.07 -25.88 -3.43
N MET D 234 -0.57 -26.22 -2.24
CA MET D 234 -0.27 -25.48 -1.02
C MET D 234 -0.75 -26.22 0.22
N ILE D 235 0.09 -26.23 1.26
CA ILE D 235 -0.28 -26.81 2.57
C ILE D 235 -0.31 -25.76 3.67
N THR D 236 -1.40 -25.74 4.45
CA THR D 236 -1.45 -24.95 5.69
C THR D 236 -1.86 -25.78 6.90
N PHE D 237 -0.99 -25.80 7.91
CA PHE D 237 -1.14 -26.78 8.97
C PHE D 237 -0.93 -26.16 10.33
N THR D 238 -1.84 -26.51 11.24
CA THR D 238 -1.70 -26.18 12.64
C THR D 238 -1.71 -27.49 13.42
N GLY D 239 -0.74 -27.66 14.31
CA GLY D 239 -0.68 -28.83 15.15
C GLY D 239 0.64 -29.01 15.87
N GLY D 240 1.01 -30.27 16.08
CA GLY D 240 2.19 -30.59 16.89
C GLY D 240 3.43 -30.32 16.07
N THR D 241 4.54 -30.11 16.77
CA THR D 241 5.79 -29.74 16.07
C THR D 241 6.29 -30.92 15.25
N THR D 242 6.37 -32.07 15.91
CA THR D 242 6.77 -33.32 15.26
C THR D 242 5.95 -33.62 13.97
N THR D 243 4.63 -33.47 14.01
CA THR D 243 3.82 -33.63 12.78
C THR D 243 4.15 -32.57 11.71
N GLY D 244 4.31 -31.32 12.15
CA GLY D 244 4.67 -30.21 11.28
C GLY D 244 5.93 -30.51 10.50
N GLU D 245 6.95 -30.97 11.23
CA GLU D 245 8.26 -31.39 10.74
C GLU D 245 8.20 -32.42 9.62
N ARG D 246 7.40 -33.45 9.85
CA ARG D 246 7.16 -34.53 8.88
C ARG D 246 6.61 -33.97 7.58
N ILE D 247 5.65 -33.06 7.71
CA ILE D 247 5.00 -32.46 6.55
C ILE D 247 6.00 -31.67 5.70
N SER D 248 6.77 -30.80 6.35
CA SER D 248 7.78 -30.02 5.66
C SER D 248 8.75 -30.97 4.98
N GLU D 249 9.15 -32.01 5.71
CA GLU D 249 10.09 -33.01 5.21
C GLU D 249 9.55 -33.74 3.97
N LYS D 250 8.27 -34.15 4.02
CA LYS D 250 7.73 -35.02 2.97
C LYS D 250 7.13 -34.30 1.77
N ALA D 251 6.80 -33.02 1.93
CA ALA D 251 6.30 -32.23 0.82
C ALA D 251 7.45 -31.61 0.06
N LYS D 252 7.22 -31.41 -1.24
CA LYS D 252 8.17 -30.71 -2.09
C LYS D 252 7.45 -29.84 -3.11
N MET D 253 8.16 -28.80 -3.56
CA MET D 253 7.76 -27.92 -4.67
C MET D 253 6.52 -27.09 -4.46
N ILE D 254 6.07 -26.99 -3.21
CA ILE D 254 4.91 -26.16 -2.89
C ILE D 254 5.08 -25.30 -1.65
N PRO D 255 4.27 -24.25 -1.52
CA PRO D 255 4.36 -23.46 -0.30
C PRO D 255 3.79 -24.24 0.87
N VAL D 256 4.44 -24.14 2.04
CA VAL D 256 3.98 -24.80 3.24
C VAL D 256 3.99 -23.84 4.43
N VAL D 257 2.80 -23.64 5.00
CA VAL D 257 2.60 -22.75 6.12
C VAL D 257 2.31 -23.61 7.36
N LEU D 258 3.05 -23.37 8.43
CA LEU D 258 2.90 -24.18 9.65
C LEU D 258 2.73 -23.32 10.89
N GLU D 259 1.73 -23.70 11.68
CA GLU D 259 1.54 -23.15 13.01
CA GLU D 259 1.55 -23.16 13.02
C GLU D 259 1.79 -24.30 13.99
N LEU D 260 2.87 -24.23 14.73
CA LEU D 260 3.26 -25.33 15.62
C LEU D 260 3.28 -24.89 17.09
N GLY D 261 4.12 -25.55 17.88
CA GLY D 261 4.12 -25.34 19.32
C GLY D 261 4.82 -24.09 19.81
N GLY D 262 4.50 -23.73 21.05
CA GLY D 262 5.12 -22.57 21.69
C GLY D 262 5.57 -22.90 23.08
N LYS D 263 6.54 -22.15 23.57
CA LYS D 263 6.74 -22.05 25.02
C LYS D 263 6.86 -20.56 25.35
N ASP D 264 5.74 -19.84 25.22
CA ASP D 264 5.75 -18.37 25.41
C ASP D 264 6.20 -18.01 26.83
N PRO D 265 7.24 -17.16 26.95
CA PRO D 265 7.65 -16.68 28.26
C PRO D 265 6.88 -15.47 28.72
N ALA D 266 6.71 -15.35 30.03
CA ALA D 266 6.25 -14.12 30.62
C ALA D 266 7.47 -13.55 31.33
N ILE D 267 7.83 -12.33 30.98
CA ILE D 267 8.94 -11.66 31.64
C ILE D 267 8.38 -10.57 32.55
N VAL D 268 8.72 -10.66 33.83
CA VAL D 268 8.25 -9.72 34.84
C VAL D 268 9.44 -9.00 35.52
N LEU D 269 9.61 -7.72 35.18
CA LEU D 269 10.68 -6.90 35.77
C LEU D 269 10.23 -6.21 37.06
N ASP D 270 11.18 -5.60 37.78
CA ASP D 270 10.94 -4.98 39.10
C ASP D 270 9.81 -3.93 39.14
N ASP D 271 9.76 -3.08 38.11
CA ASP D 271 8.79 -2.00 38.06
C ASP D 271 7.49 -2.41 37.35
N ALA D 272 6.90 -3.53 37.77
CA ALA D 272 5.71 -4.05 37.12
C ALA D 272 4.49 -3.99 38.03
N ASP D 273 3.34 -3.70 37.43
CA ASP D 273 2.08 -3.83 38.15
C ASP D 273 1.81 -5.34 38.27
N LEU D 274 2.06 -5.86 39.46
CA LEU D 274 2.02 -7.30 39.68
C LEU D 274 0.60 -7.86 39.79
N LYS D 275 -0.38 -7.00 39.97
CA LYS D 275 -1.78 -7.42 39.97
C LYS D 275 -2.23 -7.76 38.56
N LEU D 276 -2.06 -6.80 37.65
CA LEU D 276 -2.33 -6.98 36.21
C LEU D 276 -1.49 -8.09 35.57
N THR D 277 -0.21 -8.13 35.90
CA THR D 277 0.66 -9.20 35.42
C THR D 277 0.14 -10.57 35.88
N ALA D 278 -0.09 -10.73 37.19
CA ALA D 278 -0.58 -12.00 37.73
C ALA D 278 -1.88 -12.44 37.03
N SER D 279 -2.76 -11.48 36.78
CA SER D 279 -4.02 -11.76 36.12
C SER D 279 -3.84 -12.12 34.64
N GLN D 280 -3.02 -11.37 33.91
CA GLN D 280 -2.73 -11.71 32.50
C GLN D 280 -2.07 -13.09 32.40
N ILE D 281 -1.09 -13.33 33.28
CA ILE D 281 -0.38 -14.62 33.33
C ILE D 281 -1.33 -15.82 33.49
N VAL D 282 -2.17 -15.79 34.52
CA VAL D 282 -3.10 -16.89 34.78
C VAL D 282 -4.16 -17.07 33.67
N SER D 283 -4.83 -15.98 33.30
CA SER D 283 -5.79 -16.00 32.18
C SER D 283 -5.24 -16.69 30.91
N GLY D 284 -4.00 -16.37 30.56
CA GLY D 284 -3.38 -16.89 29.34
C GLY D 284 -2.78 -18.29 29.46
N ALA D 285 -2.16 -18.60 30.61
CA ALA D 285 -1.50 -19.90 30.76
C ALA D 285 -2.51 -21.03 30.88
N PHE D 286 -3.65 -20.71 31.50
CA PHE D 286 -4.58 -21.71 31.97
C PHE D 286 -5.86 -21.77 31.19
N SER D 287 -6.02 -20.81 30.27
CA SER D 287 -7.09 -20.80 29.29
C SER D 287 -7.10 -22.14 28.58
N TYR D 288 -8.29 -22.74 28.47
CA TYR D 288 -8.47 -24.07 27.90
C TYR D 288 -7.48 -25.12 28.45
N SER D 289 -7.26 -25.03 29.77
CA SER D 289 -6.34 -25.92 30.52
C SER D 289 -4.92 -26.03 29.94
N GLY D 290 -4.44 -24.99 29.27
CA GLY D 290 -3.08 -24.99 28.71
C GLY D 290 -2.91 -25.70 27.37
N GLN D 291 -4.02 -26.03 26.72
CA GLN D 291 -3.97 -26.71 25.41
C GLN D 291 -4.03 -25.71 24.28
N ARG D 292 -3.05 -24.81 24.29
CA ARG D 292 -2.97 -23.72 23.32
C ARG D 292 -1.54 -23.59 22.89
N CYS D 293 -1.34 -23.37 21.60
CA CYS D 293 0.00 -23.15 21.09
C CYS D 293 0.45 -21.79 21.58
N THR D 294 -0.44 -20.80 21.46
CA THR D 294 -0.21 -19.47 21.97
C THR D 294 -0.78 -19.37 23.39
N ALA D 295 0.12 -19.25 24.36
CA ALA D 295 -0.19 -19.24 25.79
C ALA D 295 1.11 -19.08 26.54
N ILE D 296 1.07 -18.34 27.64
CA ILE D 296 2.19 -18.21 28.54
C ILE D 296 2.44 -19.57 29.24
N LYS D 297 3.66 -20.08 29.13
CA LYS D 297 3.98 -21.38 29.70
C LYS D 297 5.25 -21.34 30.51
N ARG D 298 5.77 -20.14 30.74
CA ARG D 298 7.05 -19.91 31.41
C ARG D 298 7.03 -18.53 32.04
N VAL D 299 7.32 -18.42 33.33
CA VAL D 299 7.52 -17.10 33.92
C VAL D 299 8.96 -16.88 34.35
N PHE D 300 9.66 -16.00 33.66
CA PHE D 300 10.92 -15.46 34.16
C PHE D 300 10.58 -14.22 34.97
N VAL D 301 10.75 -14.28 36.29
CA VAL D 301 10.41 -13.16 37.17
C VAL D 301 11.64 -12.68 37.95
N GLN D 302 11.86 -11.36 37.95
CA GLN D 302 12.99 -10.78 38.66
C GLN D 302 12.92 -11.11 40.15
N ASP D 303 14.07 -11.36 40.77
CA ASP D 303 14.13 -11.76 42.18
C ASP D 303 13.49 -10.76 43.17
N SER D 304 13.74 -9.46 42.97
CA SER D 304 13.26 -8.41 43.88
C SER D 304 11.73 -8.32 44.02
N VAL D 305 11.02 -8.99 43.11
CA VAL D 305 9.56 -8.93 43.04
C VAL D 305 8.91 -10.30 42.98
N ALA D 306 9.74 -11.35 42.98
CA ALA D 306 9.28 -12.73 42.77
C ALA D 306 8.23 -13.21 43.74
N ASP D 307 8.51 -13.04 45.04
CA ASP D 307 7.62 -13.48 46.11
C ASP D 307 6.22 -12.93 45.93
N GLN D 308 6.12 -11.61 45.71
CA GLN D 308 4.82 -10.96 45.64
C GLN D 308 3.98 -11.39 44.44
N LEU D 309 4.60 -11.51 43.26
CA LEU D 309 3.88 -11.96 42.06
C LEU D 309 3.37 -13.39 42.20
N VAL D 310 4.26 -14.28 42.64
CA VAL D 310 3.94 -15.70 42.80
C VAL D 310 2.90 -15.93 43.91
N ALA D 311 2.84 -14.98 44.86
CA ALA D 311 1.77 -14.93 45.84
C ALA D 311 0.43 -14.60 45.17
N ASN D 312 0.43 -13.56 44.32
CA ASN D 312 -0.79 -13.17 43.58
C ASN D 312 -1.25 -14.31 42.68
N ILE D 313 -0.34 -14.80 41.85
CA ILE D 313 -0.59 -15.95 40.98
C ILE D 313 -1.21 -17.15 41.72
N LYS D 314 -0.63 -17.54 42.86
CA LYS D 314 -1.20 -18.62 43.68
C LYS D 314 -2.69 -18.36 43.96
N GLU D 315 -3.03 -17.14 44.33
CA GLU D 315 -4.40 -16.78 44.72
C GLU D 315 -5.40 -17.01 43.59
N LEU D 316 -5.09 -16.46 42.41
CA LEU D 316 -5.99 -16.57 41.26
C LEU D 316 -6.15 -18.02 40.82
N VAL D 317 -5.06 -18.78 40.91
CA VAL D 317 -5.04 -20.20 40.55
C VAL D 317 -5.95 -21.05 41.44
N GLU D 318 -5.95 -20.76 42.75
CA GLU D 318 -6.88 -21.36 43.69
C GLU D 318 -8.33 -20.88 43.51
N GLN D 319 -8.51 -19.84 42.70
CA GLN D 319 -9.84 -19.32 42.36
C GLN D 319 -10.40 -20.05 41.13
N LEU D 320 -9.54 -20.74 40.38
CA LEU D 320 -9.97 -21.49 39.19
C LEU D 320 -10.81 -22.69 39.57
N THR D 321 -11.96 -22.83 38.91
CA THR D 321 -12.87 -23.95 39.11
C THR D 321 -12.45 -25.12 38.24
N VAL D 322 -12.63 -26.33 38.76
CA VAL D 322 -12.25 -27.57 38.09
C VAL D 322 -13.47 -28.46 37.86
N GLY D 323 -13.65 -28.96 36.64
CA GLY D 323 -14.79 -29.83 36.33
C GLY D 323 -15.03 -30.10 34.85
N SER D 324 -16.29 -30.38 34.50
CA SER D 324 -16.67 -30.71 33.11
C SER D 324 -16.94 -29.48 32.19
N PRO D 325 -16.75 -29.65 30.85
CA PRO D 325 -16.98 -28.56 29.90
C PRO D 325 -18.40 -27.97 29.91
N GLU D 326 -19.39 -28.81 30.22
CA GLU D 326 -20.78 -28.40 30.23
C GLU D 326 -21.02 -27.38 31.33
N ASP D 327 -20.33 -27.53 32.45
CA ASP D 327 -20.44 -26.62 33.58
C ASP D 327 -19.66 -25.31 33.42
N ASP D 328 -18.89 -25.17 32.34
CA ASP D 328 -18.08 -23.94 32.12
C ASP D 328 -16.93 -23.78 33.12
N ALA D 329 -16.36 -24.89 33.57
CA ALA D 329 -15.17 -24.84 34.43
C ALA D 329 -13.99 -24.18 33.71
N ASP D 330 -13.13 -23.51 34.47
CA ASP D 330 -11.92 -22.88 33.90
C ASP D 330 -10.95 -23.96 33.43
N ILE D 331 -10.81 -24.99 34.27
CA ILE D 331 -9.95 -26.13 34.01
C ILE D 331 -10.80 -27.38 33.76
N THR D 332 -10.86 -27.79 32.51
CA THR D 332 -11.56 -29.03 32.16
C THR D 332 -10.54 -30.13 31.82
N PRO D 333 -11.02 -31.36 31.54
CA PRO D 333 -10.12 -32.47 31.26
C PRO D 333 -9.28 -32.24 29.99
N VAL D 334 -8.06 -32.74 30.00
CA VAL D 334 -7.20 -32.65 28.83
C VAL D 334 -7.63 -33.69 27.81
N ILE D 335 -7.22 -33.48 26.57
CA ILE D 335 -7.75 -34.20 25.41
C ILE D 335 -7.79 -35.73 25.53
N ASP D 336 -6.71 -36.35 26.02
CA ASP D 336 -6.67 -37.82 26.14
C ASP D 336 -5.73 -38.35 27.25
N GLU D 337 -5.69 -39.69 27.40
CA GLU D 337 -4.83 -40.42 28.36
C GLU D 337 -3.37 -40.11 28.19
N LYS D 338 -2.92 -40.27 26.95
CA LYS D 338 -1.53 -40.02 26.53
C LYS D 338 -1.07 -38.67 27.05
N SER D 339 -1.85 -37.63 26.75
CA SER D 339 -1.50 -36.25 27.06
C SER D 339 -1.36 -36.02 28.56
N ALA D 340 -2.36 -36.47 29.32
CA ALA D 340 -2.31 -36.40 30.78
C ALA D 340 -1.12 -37.15 31.37
N ALA D 341 -0.87 -38.37 30.90
CA ALA D 341 0.32 -39.12 31.33
C ALA D 341 1.59 -38.27 31.11
N PHE D 342 1.74 -37.73 29.90
CA PHE D 342 2.90 -36.90 29.49
C PHE D 342 3.05 -35.66 30.37
N ILE D 343 1.93 -34.97 30.66
CA ILE D 343 1.92 -33.81 31.58
C ILE D 343 2.38 -34.21 32.99
N GLN D 344 1.80 -35.28 33.52
CA GLN D 344 2.18 -35.79 34.85
C GLN D 344 3.70 -35.99 34.98
N GLY D 345 4.31 -36.53 33.93
CA GLY D 345 5.76 -36.79 33.91
C GLY D 345 6.62 -35.54 33.98
N LEU D 346 6.11 -34.45 33.39
CA LEU D 346 6.75 -33.13 33.49
C LEU D 346 6.75 -32.60 34.92
N ILE D 347 5.61 -32.74 35.61
CA ILE D 347 5.47 -32.36 37.01
C ILE D 347 6.44 -33.17 37.88
N ASP D 348 6.31 -34.50 37.83
CA ASP D 348 7.22 -35.45 38.49
C ASP D 348 8.69 -35.00 38.41
N ASP D 349 9.25 -35.02 37.20
CA ASP D 349 10.65 -34.63 36.95
C ASP D 349 11.06 -33.34 37.64
N ALA D 350 10.14 -32.38 37.66
CA ALA D 350 10.33 -31.09 38.29
C ALA D 350 10.39 -31.21 39.80
N LEU D 351 9.43 -31.94 40.38
CA LEU D 351 9.42 -32.20 41.83
C LEU D 351 10.59 -33.11 42.20
N GLU D 352 10.92 -34.05 41.31
CA GLU D 352 12.04 -34.96 41.49
C GLU D 352 13.37 -34.19 41.52
N ASN D 353 13.43 -33.11 40.75
CA ASN D 353 14.59 -32.23 40.73
C ASN D 353 14.41 -31.02 41.65
N GLY D 354 13.47 -31.17 42.58
CA GLY D 354 13.35 -30.26 43.73
C GLY D 354 12.59 -28.96 43.55
N ALA D 355 11.64 -28.92 42.61
CA ALA D 355 10.83 -27.71 42.43
C ALA D 355 9.75 -27.64 43.49
N THR D 356 9.44 -26.43 43.94
CA THR D 356 8.41 -26.27 44.96
C THR D 356 7.02 -26.32 44.34
N LEU D 357 6.18 -27.22 44.85
CA LEU D 357 4.80 -27.28 44.42
C LEU D 357 4.03 -26.25 45.21
N LEU D 358 3.58 -25.20 44.51
CA LEU D 358 2.83 -24.11 45.14
C LEU D 358 1.32 -24.37 45.23
N SER D 359 0.78 -25.11 44.28
CA SER D 359 -0.63 -25.52 44.33
C SER D 359 -0.95 -26.71 43.44
N GLY D 360 -1.96 -27.46 43.88
CA GLY D 360 -2.68 -28.45 43.08
C GLY D 360 -1.94 -29.32 42.09
N ASN D 361 -1.30 -30.37 42.57
CA ASN D 361 -0.76 -31.43 41.72
C ASN D 361 -1.92 -32.29 41.18
N LYS D 362 -2.97 -32.38 42.00
CA LYS D 362 -4.08 -33.35 41.91
C LYS D 362 -4.64 -33.67 40.53
N ARG D 363 -4.88 -34.96 40.28
CA ARG D 363 -5.37 -35.39 38.98
C ARG D 363 -6.15 -36.68 39.11
N GLN D 364 -7.33 -36.72 38.51
CA GLN D 364 -8.15 -37.92 38.51
C GLN D 364 -8.50 -38.34 37.09
N GLY D 365 -7.63 -39.15 36.49
CA GLY D 365 -7.80 -39.62 35.10
C GLY D 365 -7.39 -38.59 34.06
N ASN D 366 -8.40 -38.04 33.36
CA ASN D 366 -8.22 -36.97 32.37
C ASN D 366 -8.12 -35.58 33.01
N LEU D 367 -8.83 -35.39 34.13
CA LEU D 367 -8.95 -34.08 34.77
C LEU D 367 -7.72 -33.79 35.64
N LEU D 368 -7.02 -32.71 35.31
CA LEU D 368 -5.87 -32.27 36.10
C LEU D 368 -6.12 -30.94 36.76
N SER D 369 -5.80 -30.87 38.06
CA SER D 369 -5.81 -29.62 38.80
C SER D 369 -4.82 -28.64 38.17
N PRO D 370 -5.14 -27.33 38.17
CA PRO D 370 -4.11 -26.44 37.67
C PRO D 370 -2.90 -26.58 38.59
N THR D 371 -1.73 -26.71 38.00
CA THR D 371 -0.54 -27.03 38.75
C THR D 371 0.44 -25.86 38.68
N LEU D 372 0.80 -25.34 39.85
CA LEU D 372 1.78 -24.27 39.96
C LEU D 372 3.07 -24.76 40.61
N LEU D 373 4.18 -24.56 39.90
CA LEU D 373 5.50 -24.93 40.39
C LEU D 373 6.37 -23.69 40.50
N ASP D 374 7.19 -23.64 41.55
CA ASP D 374 8.10 -22.52 41.77
C ASP D 374 9.53 -23.02 41.75
N ASP D 375 10.48 -22.08 41.71
CA ASP D 375 11.92 -22.35 41.76
C ASP D 375 12.37 -23.30 40.65
N VAL D 376 11.69 -23.21 39.51
CA VAL D 376 11.89 -24.12 38.39
C VAL D 376 13.24 -23.85 37.73
N THR D 377 13.94 -24.91 37.41
CA THR D 377 15.32 -24.78 36.92
C THR D 377 15.46 -25.20 35.46
N PRO D 378 16.47 -24.64 34.77
CA PRO D 378 16.80 -25.04 33.41
C PRO D 378 17.09 -26.54 33.25
N ALA D 379 17.31 -27.27 34.35
CA ALA D 379 17.54 -28.74 34.29
C ALA D 379 16.23 -29.55 34.22
N MET D 380 15.11 -28.89 34.49
CA MET D 380 13.79 -29.54 34.50
C MET D 380 13.14 -29.46 33.12
N ARG D 381 12.56 -30.58 32.70
CA ARG D 381 11.93 -30.69 31.39
C ARG D 381 10.85 -29.64 31.17
N VAL D 382 10.12 -29.32 32.24
CA VAL D 382 8.95 -28.44 32.22
C VAL D 382 9.32 -26.98 31.94
N ALA D 383 10.62 -26.69 31.99
CA ALA D 383 11.10 -25.35 31.67
C ALA D 383 11.23 -25.15 30.16
N TRP D 384 11.07 -26.24 29.42
CA TRP D 384 11.42 -26.28 28.01
C TRP D 384 10.29 -26.91 27.18
N GLU D 385 9.87 -28.10 27.59
CA GLU D 385 8.88 -28.88 26.83
C GLU D 385 7.44 -28.38 27.01
N GLU D 386 6.81 -28.00 25.90
CA GLU D 386 5.42 -27.62 25.89
C GLU D 386 4.56 -28.79 26.38
N PRO D 387 3.85 -28.60 27.51
CA PRO D 387 3.11 -29.65 28.21
C PRO D 387 1.78 -29.92 27.55
N PHE D 388 1.21 -28.88 26.93
CA PHE D 388 -0.16 -28.91 26.46
C PHE D 388 -1.13 -29.30 27.60
N GLY D 389 -0.97 -28.63 28.73
CA GLY D 389 -1.69 -28.98 29.97
C GLY D 389 -1.57 -27.94 31.08
N PRO D 390 -2.44 -28.03 32.10
CA PRO D 390 -2.63 -26.97 33.08
C PRO D 390 -1.51 -26.95 34.12
N VAL D 391 -0.33 -26.56 33.66
CA VAL D 391 0.87 -26.51 34.48
C VAL D 391 1.63 -25.26 34.11
N LEU D 392 2.18 -24.58 35.11
CA LEU D 392 2.87 -23.31 34.85
C LEU D 392 4.08 -23.19 35.77
N PRO D 393 5.28 -23.15 35.16
CA PRO D 393 6.48 -22.98 35.98
C PRO D 393 6.81 -21.52 36.21
N ILE D 394 7.38 -21.22 37.37
CA ILE D 394 7.95 -19.91 37.63
C ILE D 394 9.47 -20.05 37.70
N ILE D 395 10.17 -19.18 36.99
CA ILE D 395 11.63 -19.23 36.96
C ILE D 395 12.15 -17.93 37.55
N ARG D 396 12.80 -18.04 38.69
CA ARG D 396 13.30 -16.86 39.39
C ARG D 396 14.57 -16.39 38.69
N VAL D 397 14.53 -15.16 38.20
CA VAL D 397 15.62 -14.61 37.39
C VAL D 397 16.22 -13.36 38.05
N LYS D 398 17.43 -12.97 37.64
CA LYS D 398 18.10 -11.79 38.19
C LYS D 398 17.73 -10.51 37.44
N ASP D 399 17.71 -10.58 36.11
CA ASP D 399 17.43 -9.40 35.30
C ASP D 399 16.75 -9.75 33.98
N ALA D 400 16.50 -8.73 33.16
CA ALA D 400 15.93 -8.92 31.84
C ALA D 400 16.92 -9.70 30.98
N ASN D 401 18.21 -9.39 31.14
CA ASN D 401 19.29 -10.01 30.39
C ASN D 401 19.33 -11.55 30.53
N GLU D 402 19.19 -12.04 31.77
CA GLU D 402 19.07 -13.47 32.00
C GLU D 402 17.74 -13.99 31.46
N ALA D 403 16.70 -13.17 31.58
CA ALA D 403 15.38 -13.53 31.05
C ALA D 403 15.41 -13.68 29.52
N ILE D 404 16.08 -12.74 28.85
CA ILE D 404 16.27 -12.73 27.39
C ILE D 404 16.97 -14.00 26.93
N SER D 405 18.08 -14.32 27.60
CA SER D 405 18.91 -15.48 27.28
C SER D 405 18.19 -16.83 27.40
N LEU D 406 17.60 -17.07 28.57
CA LEU D 406 16.85 -18.29 28.84
C LEU D 406 15.62 -18.41 27.95
N SER D 407 15.05 -17.26 27.61
CA SER D 407 13.94 -17.17 26.68
C SER D 407 14.39 -17.68 25.31
N ASN D 408 15.53 -17.17 24.84
CA ASN D 408 16.01 -17.51 23.50
C ASN D 408 16.57 -18.90 23.35
N GLN D 409 16.91 -19.53 24.48
CA GLN D 409 17.46 -20.89 24.47
C GLN D 409 16.47 -21.97 24.03
N SER D 410 15.17 -21.74 24.25
CA SER D 410 14.12 -22.65 23.80
C SER D 410 14.16 -22.83 22.28
N ASP D 411 13.83 -24.03 21.80
CA ASP D 411 13.70 -24.28 20.36
C ASP D 411 12.48 -23.55 19.80
N TYR D 412 11.57 -23.11 20.68
CA TYR D 412 10.35 -22.45 20.28
C TYR D 412 10.55 -20.96 20.07
N GLY D 413 9.55 -20.33 19.47
CA GLY D 413 9.65 -18.93 19.08
C GLY D 413 8.35 -18.37 18.57
N LEU D 414 7.27 -18.63 19.30
CA LEU D 414 5.95 -18.20 18.87
C LEU D 414 5.67 -16.73 19.30
N GLN D 415 5.46 -16.55 20.60
CA GLN D 415 5.10 -15.24 21.15
C GLN D 415 5.76 -15.04 22.53
N ALA D 416 5.61 -13.84 23.10
CA ALA D 416 6.15 -13.54 24.44
C ALA D 416 5.49 -12.31 25.06
N SER D 417 5.56 -12.22 26.39
CA SER D 417 5.11 -11.05 27.13
C SER D 417 6.26 -10.39 27.93
N ILE D 418 6.33 -9.05 27.92
CA ILE D 418 7.18 -8.30 28.85
C ILE D 418 6.30 -7.45 29.77
N PHE D 419 6.58 -7.49 31.06
CA PHE D 419 5.84 -6.75 32.07
C PHE D 419 6.71 -5.73 32.82
N THR D 420 6.32 -4.46 32.73
CA THR D 420 7.15 -3.31 33.10
C THR D 420 6.31 -2.05 33.01
N LYS D 421 6.67 -1.03 33.77
CA LYS D 421 6.10 0.30 33.55
C LYS D 421 6.99 1.07 32.59
N ASP D 422 8.21 0.58 32.39
CA ASP D 422 9.18 1.21 31.51
C ASP D 422 9.00 0.75 30.06
N THR D 423 8.06 1.40 29.36
CA THR D 423 7.67 1.02 28.00
C THR D 423 8.80 0.98 26.97
N ASP D 424 9.61 2.04 26.89
CA ASP D 424 10.73 2.06 25.95
C ASP D 424 11.62 0.83 26.14
N ARG D 425 11.97 0.53 27.40
CA ARG D 425 12.82 -0.62 27.74
C ARG D 425 12.20 -1.94 27.29
N ALA D 426 10.94 -2.16 27.64
CA ALA D 426 10.18 -3.30 27.11
C ALA D 426 10.30 -3.42 25.57
N ILE D 427 10.22 -2.29 24.87
CA ILE D 427 10.34 -2.28 23.40
C ILE D 427 11.76 -2.70 22.98
N ASN D 428 12.75 -2.18 23.69
CA ASN D 428 14.12 -2.58 23.48
C ASN D 428 14.33 -4.06 23.71
N ILE D 429 13.81 -4.56 24.83
CA ILE D 429 13.96 -5.96 25.26
C ILE D 429 13.31 -6.90 24.26
N GLY D 430 12.05 -6.61 23.94
CA GLY D 430 11.29 -7.41 23.00
C GLY D 430 12.04 -7.63 21.70
N LYS D 431 12.90 -6.69 21.32
CA LYS D 431 13.63 -6.78 20.07
C LYS D 431 14.70 -7.87 20.05
N HIS D 432 15.26 -8.18 21.23
CA HIS D 432 16.20 -9.30 21.34
C HIS D 432 15.51 -10.65 21.53
N LEU D 433 14.19 -10.67 21.51
CA LEU D 433 13.46 -11.92 21.66
C LEU D 433 13.15 -12.55 20.30
N GLU D 434 13.55 -13.81 20.13
CA GLU D 434 13.35 -14.55 18.87
C GLU D 434 11.93 -15.14 18.73
N VAL D 435 10.95 -14.26 18.54
CA VAL D 435 9.54 -14.66 18.45
C VAL D 435 8.89 -13.85 17.36
N GLY D 436 7.71 -14.28 16.94
CA GLY D 436 6.93 -13.54 15.98
C GLY D 436 6.35 -12.28 16.57
N THR D 437 5.73 -12.41 17.75
CA THR D 437 5.06 -11.28 18.39
C THR D 437 5.47 -11.08 19.84
N VAL D 438 5.71 -9.84 20.22
CA VAL D 438 5.92 -9.46 21.61
C VAL D 438 4.72 -8.64 22.09
N HIS D 439 4.16 -9.02 23.23
CA HIS D 439 3.07 -8.26 23.85
C HIS D 439 3.60 -7.47 25.05
N ILE D 440 3.40 -6.16 25.03
CA ILE D 440 3.74 -5.30 26.18
C ILE D 440 2.59 -5.17 27.19
N ASN D 441 2.82 -5.70 28.40
CA ASN D 441 1.90 -5.58 29.52
C ASN D 441 0.56 -6.24 29.30
N ALA D 442 0.58 -7.34 28.55
CA ALA D 442 -0.62 -8.13 28.27
C ALA D 442 -0.16 -9.53 27.91
N LYS D 443 -1.11 -10.46 27.92
CA LYS D 443 -0.81 -11.86 27.70
C LYS D 443 -0.50 -12.11 26.23
N THR D 444 -0.01 -13.31 25.91
CA THR D 444 0.15 -13.68 24.50
C THR D 444 -1.17 -14.20 23.97
N GLU D 445 -1.46 -13.92 22.71
CA GLU D 445 -2.66 -14.44 22.07
C GLU D 445 -2.51 -14.31 20.58
N ARG D 446 -3.26 -15.12 19.86
CA ARG D 446 -3.27 -15.10 18.41
C ARG D 446 -3.94 -13.83 17.91
N GLY D 447 -5.10 -13.51 18.48
CA GLY D 447 -5.88 -12.37 18.02
C GLY D 447 -5.24 -11.02 18.32
N PRO D 448 -5.98 -9.91 18.07
CA PRO D 448 -7.14 -9.92 17.18
C PRO D 448 -6.69 -10.43 15.80
N ASP D 449 -7.60 -10.99 15.03
CA ASP D 449 -7.21 -11.77 13.85
C ASP D 449 -6.71 -11.02 12.62
N HIS D 450 -6.83 -9.69 12.62
CA HIS D 450 -6.27 -8.89 11.54
C HIS D 450 -4.76 -8.66 11.77
N PHE D 451 -4.34 -8.85 13.01
CA PHE D 451 -2.92 -8.86 13.37
C PHE D 451 -2.23 -10.02 12.67
N PRO D 452 -1.02 -9.79 12.10
CA PRO D 452 -0.22 -10.88 11.56
C PRO D 452 0.09 -11.89 12.67
N PHE D 453 0.00 -13.17 12.34
CA PHE D 453 0.35 -14.22 13.30
C PHE D 453 1.38 -15.17 12.70
N LEU D 454 2.51 -15.34 13.40
CA LEU D 454 3.57 -16.26 12.99
C LEU D 454 4.41 -16.81 14.17
N GLY D 455 4.87 -18.04 14.02
CA GLY D 455 5.90 -18.59 14.90
C GLY D 455 7.18 -18.75 14.13
N VAL D 456 8.30 -18.42 14.77
CA VAL D 456 9.63 -18.63 14.17
C VAL D 456 10.30 -19.84 14.85
N LYS D 457 11.56 -20.13 14.48
CA LYS D 457 12.28 -21.31 14.96
C LYS D 457 11.48 -22.57 14.68
N LYS D 458 11.27 -23.41 15.68
CA LYS D 458 10.45 -24.62 15.51
C LYS D 458 8.94 -24.42 15.64
N SER D 459 8.53 -23.21 16.02
CA SER D 459 7.13 -22.80 16.20
C SER D 459 6.30 -22.60 14.93
N GLY D 460 6.96 -22.52 13.77
CA GLY D 460 6.25 -22.48 12.50
C GLY D 460 7.01 -22.02 11.28
N LEU D 461 6.26 -21.77 10.21
CA LEU D 461 6.78 -21.48 8.88
C LEU D 461 5.72 -20.63 8.15
N GLY D 462 6.15 -19.50 7.58
CA GLY D 462 5.22 -18.54 6.95
C GLY D 462 4.42 -17.72 7.94
N VAL D 463 3.31 -17.13 7.47
CA VAL D 463 2.53 -16.14 8.26
C VAL D 463 1.02 -16.30 8.09
N GLN D 464 0.28 -15.98 9.16
CA GLN D 464 -1.18 -15.94 9.12
CA GLN D 464 -1.16 -15.93 9.09
C GLN D 464 -1.73 -14.62 9.64
N GLY D 465 -2.98 -14.66 10.07
CA GLY D 465 -3.74 -13.47 10.31
C GLY D 465 -4.47 -13.27 9.00
N ILE D 466 -5.42 -12.34 8.98
CA ILE D 466 -6.37 -12.24 7.87
C ILE D 466 -5.72 -11.92 6.52
N LYS D 467 -5.12 -10.73 6.40
CA LYS D 467 -4.45 -10.38 5.14
C LYS D 467 -3.30 -11.30 4.76
N PRO D 468 -2.36 -11.57 5.70
CA PRO D 468 -1.20 -12.40 5.36
C PRO D 468 -1.63 -13.77 4.83
N SER D 469 -2.75 -14.28 5.37
CA SER D 469 -3.35 -15.51 4.89
C SER D 469 -3.72 -15.43 3.42
N LEU D 470 -4.36 -14.32 3.01
CA LEU D 470 -4.78 -14.16 1.61
C LEU D 470 -3.62 -14.22 0.62
N LEU D 471 -2.50 -13.61 0.99
CA LEU D 471 -1.26 -13.55 0.21
C LEU D 471 -0.60 -14.91 0.11
N SER D 472 -0.69 -15.68 1.18
CA SER D 472 -0.10 -17.00 1.18
C SER D 472 -0.93 -17.96 0.32
N MET D 473 -2.15 -17.55 -0.01
CA MET D 473 -3.09 -18.36 -0.79
C MET D 473 -3.02 -18.06 -2.29
N THR D 474 -2.15 -17.12 -2.65
CA THR D 474 -2.12 -16.60 -4.01
C THR D 474 -0.66 -16.48 -4.46
N ARG D 475 -0.49 -15.94 -5.65
CA ARG D 475 0.81 -15.64 -6.26
C ARG D 475 0.59 -14.50 -7.28
N GLU D 476 1.69 -13.86 -7.66
CA GLU D 476 1.63 -12.76 -8.60
C GLU D 476 1.36 -13.29 -10.00
N ARG D 477 0.52 -12.54 -10.69
CA ARG D 477 0.15 -12.78 -12.07
C ARG D 477 0.47 -11.50 -12.84
N VAL D 478 1.47 -11.55 -13.71
CA VAL D 478 1.94 -10.34 -14.40
C VAL D 478 1.58 -10.38 -15.90
N THR D 479 0.98 -9.29 -16.40
CA THR D 479 0.73 -9.11 -17.81
C THR D 479 1.46 -7.83 -18.22
N VAL D 480 2.34 -7.96 -19.19
CA VAL D 480 3.08 -6.81 -19.66
C VAL D 480 2.50 -6.36 -21.00
N LEU D 481 2.06 -5.11 -21.07
CA LEU D 481 1.58 -4.52 -22.33
C LEU D 481 2.63 -3.56 -22.91
N ASN D 482 2.58 -3.36 -24.23
CA ASN D 482 3.30 -2.31 -24.95
C ASN D 482 2.45 -1.06 -25.04
N LEU D 483 2.89 0.07 -24.47
CA LEU D 483 2.17 1.32 -24.62
C LEU D 483 2.46 1.95 -25.97
N ALA D 484 1.42 2.21 -26.73
CA ALA D 484 1.56 2.86 -28.02
C ALA D 484 2.22 4.20 -27.79
N GLU D 485 3.07 4.62 -28.68
CA GLU D 485 3.73 5.87 -28.38
C GLU D 485 3.22 7.21 -28.88
N ASN D 486 2.55 7.31 -30.01
CA ASN D 486 2.12 8.66 -30.33
C ASN D 486 0.88 9.07 -31.07
N LEU D 487 0.62 8.61 -32.28
CA LEU D 487 -0.46 9.24 -33.00
C LEU D 487 0.12 10.56 -33.36
N TYR D 488 -0.75 11.57 -33.52
CA TYR D 488 -0.43 12.98 -33.64
C TYR D 488 0.43 13.32 -34.86
#